data_8TSA
#
_entry.id   8TSA
#
_cell.length_a   86.332
_cell.length_b   120.376
_cell.length_c   190.984
_cell.angle_alpha   90.000
_cell.angle_beta   90.000
_cell.angle_gamma   90.000
#
_symmetry.space_group_name_H-M   'P 21 21 21'
#
loop_
_entity.id
_entity.type
_entity.pdbx_description
1 polymer 'Phosphatidylinositol 4,5-bisphosphate 3-kinase catalytic subunit alpha isoform'
2 polymer 'Phosphatidylinositol 3-kinase regulatory subunit alpha'
3 non-polymer 5-(3-bromo-5-fluorobenzamido)-N-methyl-6-(2-methylanilino)pyridine-3-carboxamide
#
loop_
_entity_poly.entity_id
_entity_poly.type
_entity_poly.pdbx_seq_one_letter_code
_entity_poly.pdbx_strand_id
1 'polypeptide(L)'
;GSPGISGGGGGPPRPSSGELWGIHLMPPRILVECLLPNGMIVTLECLREATLITIKHELFKEARKYPLHQLLQDESSYIF
VSVTQEAEREEFFDETRRLCDLRLFQPFLKVIEPVGNREEKILNREIGFAIGMPVCEFDMVKDPEVQDFRRNILNVCKEA
VDLRDLNSPHSRAMYVYPPNVESSPELPKHIYNKLDKGQIIVVIWVIVSPNNDKQKYTLKINHDCVPEQVIAEAIRKKTR
SMLLSSEQLKLCVLEYQGKYILKVCGCDEYFLEKYPLSQYKYIRSCIMLGRMPNLMLMAKESLYSQLPMDCFTMPSYSRR
ISTATPYMNGETSTKSLWVINSALRIKILCATYVNVNIRDIDKIYVRTGIYHGGEPLCDNVNTQRVPCSNPRWNEWLNYD
IYIPDLPRAARLCLSICSVKGRKGAKEEHCPLAWGNINLFDYTDTLVSGKMALNLWPVPHGLEDLLNPIGVTGSNPNKET
PCLELEFDWFSSVVKFPDMSVIEEHANWSVSREAGFSYSHAGLSNRLARDNELRENDKEQLKAISTRDPLSEITEQEKDF
LWSHRHYCVTIPEILPKLLLSVKWNSRDEVAQMYCLVKDWPPIKPEQAMELLDCNYPDPMVRGFAVRCLEKYLTDDKLSQ
YLIQLVQVLKYEQYLDNLLVRFLLKKALTNQRIGHFFFWHLKSEMHNKTVSQRFGLLLESYCRACGMYLKHLNRQVEAME
KLINLTDILKQEKKDETQKVQMKFLVEQMRRPDFMDALQGFLSPLNPAHQLGNLRLEECRIMSSAKRPLWLNWENPDIMS
ELLFQNNEIIFKNGDDLRQDMLTLQIIRIMENIWQNQGLDLRMLPYGCLSIGDCVGLIEVVRNSHTIMQIQCKGGLKGAL
QFNSHTLHQWLKDKNKGEIYDAAIDLFTRSCAGYCVATFILGIGDRHNSNIMVKDDGQLFHIDFGHFLDHKKKKFGYKRE
RVPFVLTQDFLIVISKGAQECTKTREFERFQEMCYKAYLAIRQHANLFINLFSMMLGSGMPELQSFDDIAYIRKTLALDK
TEQEALEYFMKQMNDARHGG
;
A
2 'polypeptide(L)'
;GPANNGMNNNMSLQDAEWYWGDISREEVNEKLRDTADGTFLVRDASTKMHGDYTLTLRKGGNNKLIKIFHRDGKYGFSDP
LTFSSVVELINHYRNESLAQYNPKLDVKLLYPVSKYQQDQVVKEDNIEAVGKKLHEYNTQFQEKSREYDRLYEEYTRTSQ
EIQMKRTAIEAFNETIKIFEEQCQTQERYSKEYIEKFKREGNEKEIQRIMHNYDKLKSRISEIIDSRRRLEEDLKKQAAE
YREIDKRMNSIKPDLIQLRKTRDQYLMWLTQKGVRQKKLNEWLGNENTEDQYSLVEDDED
;
B
#
loop_
_chem_comp.id
_chem_comp.type
_chem_comp.name
_chem_comp.formula
UIW non-polymer 5-(3-bromo-5-fluorobenzamido)-N-methyl-6-(2-methylanilino)pyridine-3-carboxamide 'C21 H18 Br F N4 O2'
#
# COMPACT_ATOMS: atom_id res chain seq x y z
N PRO A 12 11.32 14.76 -5.42
CA PRO A 12 10.50 14.16 -6.47
C PRO A 12 11.33 13.32 -7.43
N PRO A 13 12.13 12.40 -6.89
CA PRO A 13 13.06 11.65 -7.73
C PRO A 13 12.34 10.93 -8.86
N ARG A 14 13.13 10.44 -9.82
CA ARG A 14 12.61 9.82 -11.02
C ARG A 14 13.63 8.82 -11.55
N PRO A 15 13.19 7.69 -12.10
CA PRO A 15 14.14 6.81 -12.79
C PRO A 15 14.89 7.52 -13.91
N SER A 16 14.29 8.56 -14.48
CA SER A 16 14.96 9.38 -15.49
C SER A 16 14.15 10.65 -15.73
N SER A 17 14.68 11.80 -15.32
CA SER A 17 14.00 13.07 -15.52
C SER A 17 14.12 13.59 -16.94
N GLY A 18 14.93 12.96 -17.78
CA GLY A 18 15.09 13.41 -19.15
C GLY A 18 16.03 12.51 -19.91
N GLU A 19 16.24 12.86 -21.18
CA GLU A 19 17.07 12.04 -22.05
C GLU A 19 18.56 12.19 -21.74
N LEU A 20 18.95 13.24 -21.03
CA LEU A 20 20.30 13.40 -20.53
C LEU A 20 20.23 13.97 -19.11
N TRP A 21 21.30 13.77 -18.36
CA TRP A 21 21.33 14.24 -16.98
C TRP A 21 21.10 15.75 -16.93
N GLY A 22 20.06 16.17 -16.22
CA GLY A 22 19.73 17.57 -16.10
C GLY A 22 19.16 18.20 -17.36
N ILE A 23 18.75 17.39 -18.34
CA ILE A 23 18.25 17.89 -19.60
C ILE A 23 16.99 17.11 -19.96
N HIS A 24 15.89 17.81 -20.23
CA HIS A 24 14.64 17.14 -20.56
C HIS A 24 14.72 16.44 -21.91
N LEU A 25 15.06 17.18 -22.96
CA LEU A 25 15.13 16.63 -24.31
C LEU A 25 16.48 17.00 -24.93
N MET A 26 16.95 16.11 -25.81
CA MET A 26 18.16 16.40 -26.57
C MET A 26 17.83 17.37 -27.71
N PRO A 27 18.72 18.31 -28.02
CA PRO A 27 18.56 19.11 -29.24
C PRO A 27 18.44 18.20 -30.45
N PRO A 28 17.96 18.73 -31.58
CA PRO A 28 17.84 17.88 -32.77
C PRO A 28 19.15 17.22 -33.17
N ARG A 29 20.28 17.86 -32.90
CA ARG A 29 21.59 17.31 -33.21
C ARG A 29 22.53 17.60 -32.04
N ILE A 30 23.24 16.58 -31.57
CA ILE A 30 24.21 16.72 -30.50
C ILE A 30 25.48 15.96 -30.85
N LEU A 31 26.55 16.32 -30.15
CA LEU A 31 27.84 15.65 -30.31
C LEU A 31 27.93 14.50 -29.32
N VAL A 32 28.38 13.34 -29.78
CA VAL A 32 28.53 12.15 -28.96
C VAL A 32 30.00 11.75 -28.96
N GLU A 33 30.55 11.55 -27.77
CA GLU A 33 31.94 11.10 -27.63
C GLU A 33 31.98 9.59 -27.79
N CYS A 34 32.61 9.12 -28.86
CA CYS A 34 32.69 7.69 -29.14
C CYS A 34 34.10 7.19 -28.82
N LEU A 35 34.18 6.19 -27.95
CA LEU A 35 35.45 5.61 -27.53
C LEU A 35 35.65 4.28 -28.25
N LEU A 36 36.65 4.22 -29.13
CA LEU A 36 36.90 3.06 -29.96
C LEU A 36 37.70 2.00 -29.19
N PRO A 37 37.72 0.76 -29.69
CA PRO A 37 38.54 -0.26 -29.02
C PRO A 37 40.03 0.01 -29.11
N ASN A 38 40.45 0.85 -30.05
CA ASN A 38 41.71 1.57 -29.91
C ASN A 38 41.45 2.87 -29.18
N GLY A 39 42.50 3.44 -28.61
CA GLY A 39 42.34 4.56 -27.70
C GLY A 39 41.92 5.88 -28.32
N MET A 40 41.40 5.84 -29.54
CA MET A 40 40.96 7.07 -30.21
C MET A 40 39.58 7.47 -29.74
N ILE A 41 39.37 8.77 -29.61
CA ILE A 41 38.07 9.34 -29.22
C ILE A 41 37.55 10.16 -30.39
N VAL A 42 36.34 9.83 -30.84
CA VAL A 42 35.76 10.42 -32.04
C VAL A 42 34.48 11.14 -31.65
N THR A 43 34.37 12.41 -32.04
CA THR A 43 33.16 13.20 -31.81
C THR A 43 32.25 13.03 -33.03
N LEU A 44 31.10 12.39 -32.81
CA LEU A 44 30.15 12.10 -33.88
C LEU A 44 28.93 12.99 -33.69
N GLU A 45 28.65 13.85 -34.67
CA GLU A 45 27.40 14.59 -34.69
C GLU A 45 26.31 13.68 -35.26
N CYS A 46 25.24 13.49 -34.49
CA CYS A 46 24.19 12.58 -34.90
C CYS A 46 22.84 13.11 -34.43
N LEU A 47 21.79 12.67 -35.12
CA LEU A 47 20.44 13.12 -34.79
C LEU A 47 20.01 12.58 -33.44
N ARG A 48 19.15 13.35 -32.77
CA ARG A 48 18.57 12.90 -31.50
C ARG A 48 17.92 11.52 -31.66
N GLU A 49 17.18 11.33 -32.75
CA GLU A 49 16.41 10.11 -32.95
C GLU A 49 17.21 9.00 -33.63
N ALA A 50 18.51 9.20 -33.81
CA ALA A 50 19.31 8.23 -34.54
C ALA A 50 19.37 6.90 -33.78
N THR A 51 19.01 5.82 -34.47
CA THR A 51 19.16 4.48 -33.92
C THR A 51 20.64 4.13 -33.80
N LEU A 52 20.95 3.29 -32.82
CA LEU A 52 22.35 2.90 -32.61
C LEU A 52 22.93 2.21 -33.85
N ILE A 53 22.10 1.52 -34.62
CA ILE A 53 22.57 0.94 -35.88
C ILE A 53 23.12 2.03 -36.78
N THR A 54 22.46 3.19 -36.82
CA THR A 54 22.95 4.31 -37.62
C THR A 54 24.20 4.91 -36.98
N ILE A 55 24.24 4.97 -35.65
CA ILE A 55 25.40 5.53 -34.96
C ILE A 55 26.63 4.68 -35.25
N LYS A 56 26.54 3.37 -35.00
CA LYS A 56 27.70 2.49 -35.16
C LYS A 56 28.19 2.51 -36.61
N HIS A 57 27.26 2.52 -37.57
CA HIS A 57 27.66 2.50 -38.98
C HIS A 57 28.39 3.78 -39.35
N GLU A 58 27.84 4.94 -38.97
CA GLU A 58 28.47 6.20 -39.31
C GLU A 58 29.70 6.48 -38.46
N LEU A 59 29.80 5.87 -37.28
CA LEU A 59 31.02 6.00 -36.48
C LEU A 59 32.19 5.32 -37.17
N PHE A 60 32.06 4.03 -37.48
CA PHE A 60 33.12 3.32 -38.17
C PHE A 60 33.35 3.85 -39.58
N LYS A 61 32.38 4.58 -40.13
CA LYS A 61 32.59 5.30 -41.38
C LYS A 61 33.44 6.54 -41.15
N GLU A 62 33.28 7.20 -40.01
CA GLU A 62 34.10 8.36 -39.66
C GLU A 62 35.44 7.96 -39.04
N ALA A 63 35.52 6.76 -38.44
CA ALA A 63 36.76 6.36 -37.77
C ALA A 63 37.92 6.27 -38.74
N ARG A 64 37.65 6.05 -40.03
CA ARG A 64 38.73 5.95 -41.01
C ARG A 64 39.51 7.25 -41.15
N LYS A 65 38.96 8.36 -40.65
CA LYS A 65 39.67 9.63 -40.65
C LYS A 65 40.61 9.79 -39.46
N TYR A 66 40.65 8.82 -38.56
CA TYR A 66 41.42 8.90 -37.32
C TYR A 66 42.54 7.86 -37.33
N PRO A 67 43.59 8.08 -36.52
CA PRO A 67 44.72 7.15 -36.52
C PRO A 67 44.32 5.73 -36.13
N LEU A 68 45.19 4.79 -36.47
CA LEU A 68 45.10 3.40 -36.04
C LEU A 68 43.76 2.77 -36.42
N HIS A 69 43.18 3.17 -37.55
CA HIS A 69 42.02 2.46 -38.06
C HIS A 69 42.34 1.00 -38.38
N GLN A 70 43.62 0.69 -38.60
CA GLN A 70 44.00 -0.68 -38.96
C GLN A 70 43.61 -1.67 -37.89
N LEU A 71 43.53 -1.23 -36.63
CA LEU A 71 43.29 -2.15 -35.51
C LEU A 71 41.82 -2.47 -35.30
N LEU A 72 40.91 -1.78 -35.99
CA LEU A 72 39.48 -2.00 -35.78
C LEU A 72 39.01 -3.22 -36.56
N GLN A 73 38.29 -4.11 -35.88
CA GLN A 73 37.63 -5.22 -36.54
C GLN A 73 36.46 -4.67 -37.36
N ASP A 74 35.67 -5.57 -37.95
CA ASP A 74 34.51 -5.14 -38.71
C ASP A 74 33.41 -4.64 -37.78
N GLU A 75 32.77 -3.55 -38.19
CA GLU A 75 31.66 -2.93 -37.47
C GLU A 75 30.76 -3.94 -36.78
N SER A 76 30.44 -5.05 -37.47
CA SER A 76 29.50 -6.02 -36.95
C SER A 76 29.99 -6.76 -35.72
N SER A 77 31.27 -6.67 -35.39
CA SER A 77 31.85 -7.42 -34.28
C SER A 77 31.84 -6.63 -32.97
N TYR A 78 31.20 -5.47 -32.93
CA TYR A 78 31.19 -4.62 -31.75
C TYR A 78 29.78 -4.20 -31.40
N ILE A 79 29.60 -3.80 -30.14
CA ILE A 79 28.39 -3.14 -29.67
C ILE A 79 28.82 -1.93 -28.85
N PHE A 80 27.84 -1.11 -28.48
CA PHE A 80 28.08 0.04 -27.63
C PHE A 80 27.80 -0.29 -26.17
N VAL A 81 28.54 0.36 -25.28
CA VAL A 81 28.28 0.33 -23.85
C VAL A 81 28.43 1.75 -23.33
N SER A 82 27.60 2.13 -22.36
CA SER A 82 27.62 3.47 -21.80
C SER A 82 27.07 3.41 -20.38
N VAL A 83 26.90 4.58 -19.78
CA VAL A 83 26.41 4.71 -18.41
C VAL A 83 25.06 5.41 -18.44
N THR A 84 24.07 4.80 -17.79
CA THR A 84 22.74 5.37 -17.73
C THR A 84 22.61 6.33 -16.55
N GLN A 85 21.51 7.08 -16.53
CA GLN A 85 21.23 7.96 -15.41
C GLN A 85 20.90 7.19 -14.13
N GLU A 86 20.87 5.87 -14.18
CA GLU A 86 20.77 5.03 -13.00
C GLU A 86 22.13 4.50 -12.55
N ALA A 87 23.22 5.02 -13.14
CA ALA A 87 24.59 4.65 -12.81
C ALA A 87 24.93 3.23 -13.24
N GLU A 88 24.22 2.69 -14.22
CA GLU A 88 24.46 1.33 -14.72
C GLU A 88 25.31 1.40 -15.98
N ARG A 89 26.36 0.58 -16.03
CA ARG A 89 27.11 0.36 -17.27
C ARG A 89 26.29 -0.61 -18.11
N GLU A 90 25.52 -0.08 -19.05
CA GLU A 90 24.57 -0.87 -19.83
C GLU A 90 25.15 -1.21 -21.18
N GLU A 91 25.09 -2.48 -21.55
CA GLU A 91 25.50 -2.96 -22.87
C GLU A 91 24.30 -2.88 -23.80
N PHE A 92 24.40 -2.04 -24.84
CA PHE A 92 23.28 -1.79 -25.74
C PHE A 92 23.25 -2.87 -26.82
N PHE A 93 22.81 -4.06 -26.43
CA PHE A 93 22.61 -5.14 -27.39
C PHE A 93 21.51 -4.80 -28.38
N ASP A 94 20.38 -4.28 -27.88
CA ASP A 94 19.26 -3.92 -28.76
C ASP A 94 19.61 -2.63 -29.50
N GLU A 95 20.30 -2.79 -30.64
CA GLU A 95 20.78 -1.63 -31.39
C GLU A 95 19.69 -0.91 -32.16
N THR A 96 18.44 -1.33 -32.02
CA THR A 96 17.33 -0.67 -32.71
C THR A 96 16.87 0.60 -32.00
N ARG A 97 17.29 0.81 -30.76
CA ARG A 97 16.78 1.91 -29.96
C ARG A 97 17.39 3.24 -30.39
N ARG A 98 16.60 4.30 -30.27
CA ARG A 98 17.08 5.64 -30.57
C ARG A 98 18.05 6.12 -29.51
N LEU A 99 19.01 6.95 -29.93
CA LEU A 99 19.98 7.52 -29.00
C LEU A 99 19.28 8.14 -27.79
N CYS A 100 18.16 8.81 -28.01
CA CYS A 100 17.48 9.57 -26.96
C CYS A 100 16.71 8.70 -25.98
N ASP A 101 16.49 7.42 -26.30
CA ASP A 101 15.77 6.52 -25.40
C ASP A 101 16.68 5.79 -24.44
N LEU A 102 18.00 5.96 -24.56
CA LEU A 102 18.94 5.18 -23.76
C LEU A 102 19.03 5.65 -22.31
N ARG A 103 18.49 6.82 -21.97
CA ARG A 103 18.61 7.35 -20.62
C ARG A 103 20.07 7.55 -20.23
N LEU A 104 20.85 8.09 -21.17
CA LEU A 104 22.27 8.28 -20.95
C LEU A 104 22.53 9.31 -19.86
N PHE A 105 23.54 9.04 -19.03
CA PHE A 105 24.01 10.04 -18.08
C PHE A 105 24.70 11.18 -18.82
N GLN A 106 25.78 10.86 -19.52
CA GLN A 106 26.47 11.80 -20.39
C GLN A 106 26.45 11.27 -21.81
N PRO A 107 26.50 12.16 -22.81
CA PRO A 107 26.44 11.68 -24.22
C PRO A 107 27.77 11.12 -24.70
N PHE A 108 28.00 9.84 -24.42
CA PHE A 108 29.21 9.16 -24.90
C PHE A 108 28.91 7.69 -25.10
N LEU A 109 29.72 7.03 -25.92
CA LEU A 109 29.54 5.63 -26.24
C LEU A 109 30.89 4.95 -26.30
N LYS A 110 31.02 3.83 -25.57
CA LYS A 110 32.23 3.03 -25.56
C LYS A 110 32.00 1.77 -26.40
N VAL A 111 32.90 1.52 -27.34
CA VAL A 111 32.78 0.38 -28.25
C VAL A 111 33.49 -0.82 -27.62
N ILE A 112 32.76 -1.93 -27.51
CA ILE A 112 33.29 -3.16 -26.94
C ILE A 112 32.86 -4.34 -27.80
N GLU A 113 33.50 -5.48 -27.57
CA GLU A 113 33.02 -6.74 -28.14
C GLU A 113 31.93 -7.32 -27.25
N PRO A 114 30.80 -7.73 -27.81
CA PRO A 114 29.74 -8.29 -26.97
C PRO A 114 30.16 -9.59 -26.33
N VAL A 115 29.67 -9.82 -25.11
CA VAL A 115 29.92 -11.05 -24.37
C VAL A 115 28.66 -11.42 -23.60
N GLY A 116 28.47 -12.72 -23.41
CA GLY A 116 27.30 -13.22 -22.71
C GLY A 116 26.10 -13.39 -23.63
N ASN A 117 25.00 -13.80 -23.02
CA ASN A 117 23.78 -14.10 -23.77
C ASN A 117 23.09 -12.80 -24.18
N ARG A 118 23.03 -12.55 -25.49
CA ARG A 118 22.36 -11.35 -25.99
C ARG A 118 20.92 -11.29 -25.50
N GLU A 119 20.15 -12.35 -25.73
CA GLU A 119 18.73 -12.32 -25.41
C GLU A 119 18.48 -12.04 -23.94
N GLU A 120 19.33 -12.58 -23.06
CA GLU A 120 19.18 -12.32 -21.63
C GLU A 120 19.43 -10.85 -21.31
N LYS A 121 20.45 -10.25 -21.93
CA LYS A 121 20.78 -8.87 -21.62
C LYS A 121 19.70 -7.92 -22.14
N ILE A 122 19.15 -8.19 -23.32
CA ILE A 122 18.06 -7.36 -23.85
C ILE A 122 16.84 -7.48 -22.96
N LEU A 123 16.60 -8.66 -22.40
CA LEU A 123 15.41 -8.87 -21.57
C LEU A 123 15.57 -8.23 -20.20
N ASN A 124 16.78 -8.28 -19.63
CA ASN A 124 17.00 -7.65 -18.33
C ASN A 124 16.81 -6.14 -18.41
N ARG A 125 17.27 -5.52 -19.52
CA ARG A 125 17.06 -4.09 -19.69
C ARG A 125 15.57 -3.76 -19.70
N GLU A 126 14.76 -4.57 -20.39
CA GLU A 126 13.32 -4.33 -20.44
C GLU A 126 12.69 -4.50 -19.07
N ILE A 127 13.14 -5.49 -18.29
CA ILE A 127 12.66 -5.64 -16.93
C ILE A 127 13.06 -4.42 -16.10
N GLY A 128 14.30 -3.97 -16.24
CA GLY A 128 14.75 -2.82 -15.47
C GLY A 128 13.89 -1.60 -15.69
N PHE A 129 13.52 -1.33 -16.95
CA PHE A 129 12.63 -0.22 -17.24
C PHE A 129 11.25 -0.43 -16.61
N ALA A 130 10.81 -1.69 -16.53
CA ALA A 130 9.50 -1.97 -15.94
C ALA A 130 9.50 -1.70 -14.44
N ILE A 131 10.43 -2.33 -13.71
CA ILE A 131 10.42 -2.23 -12.25
C ILE A 131 11.05 -0.94 -11.75
N GLY A 132 11.72 -0.19 -12.62
CA GLY A 132 12.27 1.09 -12.24
C GLY A 132 13.68 1.06 -11.70
N MET A 133 14.35 -0.09 -11.71
CA MET A 133 15.72 -0.19 -11.23
C MET A 133 16.44 -1.26 -12.04
N PRO A 134 17.76 -1.15 -12.21
CA PRO A 134 18.49 -2.14 -13.00
C PRO A 134 18.55 -3.49 -12.29
N VAL A 135 18.37 -4.56 -13.07
CA VAL A 135 18.41 -5.90 -12.49
C VAL A 135 19.81 -6.24 -12.00
N CYS A 136 20.84 -5.70 -12.63
CA CYS A 136 22.21 -6.01 -12.22
C CYS A 136 22.49 -5.61 -10.78
N GLU A 137 21.74 -4.66 -10.23
CA GLU A 137 21.95 -4.28 -8.84
C GLU A 137 21.66 -5.46 -7.90
N PHE A 138 20.76 -6.36 -8.30
CA PHE A 138 20.50 -7.55 -7.49
C PHE A 138 21.68 -8.51 -7.54
N ASP A 139 22.39 -8.57 -8.68
CA ASP A 139 23.52 -9.48 -8.80
C ASP A 139 24.59 -9.16 -7.76
N MET A 140 24.72 -7.89 -7.36
CA MET A 140 25.78 -7.46 -6.46
C MET A 140 25.47 -7.72 -4.99
N VAL A 141 24.24 -8.11 -4.66
CA VAL A 141 23.84 -8.21 -3.25
C VAL A 141 24.57 -9.36 -2.59
N LYS A 142 25.20 -9.07 -1.44
CA LYS A 142 25.91 -10.09 -0.70
C LYS A 142 24.95 -11.07 -0.04
N ASP A 143 23.81 -10.58 0.42
CA ASP A 143 22.90 -11.34 1.27
C ASP A 143 22.53 -12.67 0.61
N PRO A 144 22.80 -13.81 1.25
CA PRO A 144 22.39 -15.09 0.65
C PRO A 144 20.88 -15.26 0.56
N GLU A 145 20.13 -14.68 1.48
CA GLU A 145 18.67 -14.76 1.40
C GLU A 145 18.17 -14.17 0.09
N VAL A 146 18.80 -13.09 -0.38
CA VAL A 146 18.39 -12.47 -1.63
C VAL A 146 18.67 -13.39 -2.80
N GLN A 147 19.88 -13.95 -2.86
CA GLN A 147 20.24 -14.80 -3.98
C GLN A 147 19.45 -16.10 -3.98
N ASP A 148 19.19 -16.66 -2.80
CA ASP A 148 18.37 -17.86 -2.72
C ASP A 148 16.95 -17.58 -3.20
N PHE A 149 16.40 -16.42 -2.84
CA PHE A 149 15.06 -16.06 -3.30
C PHE A 149 15.02 -16.01 -4.83
N ARG A 150 15.94 -15.27 -5.44
CA ARG A 150 15.95 -15.13 -6.90
C ARG A 150 15.90 -16.49 -7.58
N ARG A 151 16.61 -17.47 -7.02
CA ARG A 151 16.65 -18.80 -7.64
C ARG A 151 15.45 -19.66 -7.26
N ASN A 152 14.96 -19.52 -6.02
CA ASN A 152 14.04 -20.48 -5.45
C ASN A 152 12.58 -20.23 -5.80
N ILE A 153 12.23 -19.05 -6.33
CA ILE A 153 10.88 -18.83 -6.82
C ILE A 153 10.77 -18.99 -8.32
N LEU A 154 11.88 -19.25 -9.01
CA LEU A 154 11.81 -19.52 -10.45
C LEU A 154 11.00 -20.78 -10.75
N ASN A 155 10.86 -21.67 -9.77
CA ASN A 155 10.00 -22.84 -9.97
C ASN A 155 8.53 -22.44 -9.91
N VAL A 156 8.19 -21.44 -9.11
CA VAL A 156 6.82 -20.91 -9.14
C VAL A 156 6.54 -20.28 -10.50
N CYS A 157 7.55 -19.64 -11.10
CA CYS A 157 7.41 -19.13 -12.45
C CYS A 157 7.22 -20.25 -13.45
N LYS A 158 8.05 -21.29 -13.36
CA LYS A 158 7.92 -22.43 -14.27
C LYS A 158 6.55 -23.09 -14.12
N GLU A 159 6.11 -23.31 -12.89
CA GLU A 159 4.78 -23.88 -12.66
C GLU A 159 3.71 -23.08 -13.38
N ALA A 160 3.74 -21.75 -13.23
CA ALA A 160 2.69 -20.92 -13.81
C ALA A 160 2.76 -20.92 -15.33
N VAL A 161 3.97 -20.82 -15.89
CA VAL A 161 4.11 -20.80 -17.35
C VAL A 161 3.67 -22.15 -17.94
N ASP A 162 4.17 -23.25 -17.38
CA ASP A 162 3.75 -24.57 -17.84
C ASP A 162 2.24 -24.74 -17.74
N LEU A 163 1.65 -24.21 -16.66
CA LEU A 163 0.22 -24.42 -16.43
C LEU A 163 -0.62 -23.67 -17.45
N ARG A 164 -0.19 -22.47 -17.85
CA ARG A 164 -0.97 -21.65 -18.77
C ARG A 164 -0.64 -21.92 -20.24
N ASP A 165 0.48 -22.55 -20.52
CA ASP A 165 0.80 -23.03 -21.86
C ASP A 165 0.34 -24.47 -22.08
N LEU A 166 -0.44 -25.01 -21.14
CA LEU A 166 -0.82 -26.42 -21.20
C LEU A 166 -1.76 -26.69 -22.37
N ASN A 167 -2.93 -26.05 -22.38
CA ASN A 167 -3.92 -26.29 -23.41
C ASN A 167 -3.98 -25.10 -24.37
N SER A 168 -2.88 -24.82 -25.07
CA SER A 168 -2.82 -23.69 -25.97
C SER A 168 -3.75 -23.90 -27.15
N PRO A 169 -4.29 -22.81 -27.73
CA PRO A 169 -4.18 -21.40 -27.29
C PRO A 169 -5.21 -21.03 -26.23
N HIS A 170 -6.16 -21.90 -25.91
CA HIS A 170 -7.23 -21.53 -24.99
C HIS A 170 -6.67 -21.14 -23.62
N SER A 171 -5.84 -22.00 -23.04
CA SER A 171 -5.26 -21.70 -21.73
C SER A 171 -4.49 -20.39 -21.75
N ARG A 172 -3.88 -20.05 -22.90
CA ARG A 172 -3.18 -18.77 -23.01
C ARG A 172 -4.17 -17.62 -23.06
N ALA A 173 -5.32 -17.82 -23.72
CA ALA A 173 -6.35 -16.78 -23.75
C ALA A 173 -6.98 -16.60 -22.37
N MET A 174 -7.17 -17.69 -21.63
CA MET A 174 -7.71 -17.59 -20.28
C MET A 174 -6.77 -16.83 -19.35
N TYR A 175 -5.47 -16.81 -19.66
CA TYR A 175 -4.52 -16.05 -18.85
C TYR A 175 -4.59 -14.57 -19.17
N VAL A 176 -4.67 -14.22 -20.46
CA VAL A 176 -4.66 -12.81 -20.85
C VAL A 176 -6.04 -12.20 -20.68
N TYR A 177 -7.09 -12.93 -21.04
CA TYR A 177 -8.46 -12.44 -20.98
C TYR A 177 -9.27 -13.34 -20.04
N PRO A 178 -8.99 -13.30 -18.74
CA PRO A 178 -9.69 -14.18 -17.81
C PRO A 178 -11.13 -13.74 -17.63
N PRO A 179 -12.05 -14.67 -17.36
CA PRO A 179 -13.46 -14.28 -17.16
C PRO A 179 -13.62 -13.34 -15.99
N ASN A 180 -14.31 -12.23 -16.23
CA ASN A 180 -14.63 -11.25 -15.19
C ASN A 180 -16.01 -11.61 -14.65
N VAL A 181 -16.03 -12.41 -13.57
CA VAL A 181 -17.26 -13.02 -13.07
C VAL A 181 -17.42 -12.73 -11.59
N GLU A 182 -18.68 -12.71 -11.15
CA GLU A 182 -19.00 -12.64 -9.74
C GLU A 182 -18.64 -13.97 -9.06
N SER A 183 -18.51 -13.92 -7.74
CA SER A 183 -18.07 -15.09 -6.99
C SER A 183 -19.16 -16.15 -6.87
N SER A 184 -20.41 -15.84 -7.20
CA SER A 184 -21.50 -16.79 -7.08
C SER A 184 -22.49 -16.61 -8.21
N PRO A 185 -22.98 -17.70 -8.81
CA PRO A 185 -24.05 -17.57 -9.82
C PRO A 185 -25.39 -17.21 -9.21
N GLU A 186 -25.58 -17.46 -7.92
CA GLU A 186 -26.86 -17.22 -7.24
C GLU A 186 -27.12 -15.72 -7.12
N LEU A 187 -27.70 -15.14 -8.18
CA LEU A 187 -28.06 -13.73 -8.13
C LEU A 187 -29.24 -13.51 -7.18
N PRO A 188 -29.20 -12.47 -6.36
CA PRO A 188 -30.28 -12.26 -5.37
C PRO A 188 -31.56 -11.82 -6.04
N LYS A 189 -32.65 -11.89 -5.28
CA LYS A 189 -33.98 -11.75 -5.87
C LYS A 189 -34.22 -10.36 -6.44
N HIS A 190 -33.67 -9.32 -5.81
CA HIS A 190 -33.89 -7.97 -6.31
C HIS A 190 -33.20 -7.76 -7.67
N ILE A 191 -32.18 -8.56 -7.98
CA ILE A 191 -31.62 -8.56 -9.33
C ILE A 191 -32.48 -9.44 -10.24
N TYR A 192 -32.85 -10.63 -9.76
CA TYR A 192 -33.65 -11.55 -10.57
C TYR A 192 -34.96 -10.93 -11.02
N ASN A 193 -35.53 -10.04 -10.19
CA ASN A 193 -36.84 -9.49 -10.52
C ASN A 193 -36.81 -8.56 -11.72
N LYS A 194 -35.65 -8.02 -12.08
CA LYS A 194 -35.53 -7.22 -13.29
C LYS A 194 -35.42 -8.08 -14.54
N LEU A 195 -35.45 -9.40 -14.41
CA LEU A 195 -35.50 -10.31 -15.55
C LEU A 195 -36.94 -10.51 -15.97
N ASP A 196 -37.14 -10.63 -17.29
CA ASP A 196 -38.46 -10.93 -17.83
C ASP A 196 -38.75 -12.41 -17.61
N LYS A 197 -39.63 -12.71 -16.67
CA LYS A 197 -39.94 -14.08 -16.26
C LYS A 197 -38.69 -14.95 -16.30
N GLY A 198 -37.66 -14.50 -15.61
CA GLY A 198 -36.42 -15.26 -15.47
C GLY A 198 -35.52 -15.24 -16.68
N GLN A 199 -35.72 -14.31 -17.61
CA GLN A 199 -34.95 -14.26 -18.84
C GLN A 199 -34.37 -12.86 -19.03
N ILE A 200 -33.40 -12.78 -19.94
CA ILE A 200 -32.71 -11.53 -20.26
C ILE A 200 -32.72 -11.36 -21.77
N ILE A 201 -32.80 -10.10 -22.21
CA ILE A 201 -32.73 -9.76 -23.62
C ILE A 201 -31.34 -9.23 -23.93
N VAL A 202 -30.70 -9.79 -24.95
CA VAL A 202 -29.33 -9.45 -25.31
C VAL A 202 -29.26 -9.27 -26.81
N VAL A 203 -28.35 -8.39 -27.25
CA VAL A 203 -28.16 -8.09 -28.66
C VAL A 203 -26.76 -8.54 -29.06
N ILE A 204 -26.68 -9.34 -30.12
CA ILE A 204 -25.41 -9.83 -30.64
C ILE A 204 -25.08 -9.08 -31.91
N TRP A 205 -23.84 -8.61 -32.02
CA TRP A 205 -23.40 -7.81 -33.16
C TRP A 205 -22.35 -8.58 -33.96
N VAL A 206 -22.36 -8.33 -35.27
CA VAL A 206 -21.41 -8.97 -36.19
C VAL A 206 -20.93 -7.91 -37.17
N ILE A 207 -19.65 -8.02 -37.56
CA ILE A 207 -19.04 -7.12 -38.53
C ILE A 207 -18.91 -7.86 -39.85
N VAL A 208 -19.25 -7.18 -40.95
CA VAL A 208 -19.08 -7.70 -42.29
C VAL A 208 -18.04 -6.84 -43.00
N SER A 209 -17.26 -7.48 -43.88
CA SER A 209 -15.95 -6.95 -44.24
C SER A 209 -16.00 -5.72 -45.13
N PRO A 210 -16.70 -5.73 -46.29
CA PRO A 210 -16.47 -4.71 -47.32
C PRO A 210 -16.25 -3.29 -46.82
N ASN A 211 -16.85 -2.94 -45.68
CA ASN A 211 -16.58 -1.64 -45.08
C ASN A 211 -16.64 -1.69 -43.55
N ASN A 212 -16.48 -2.87 -42.95
CA ASN A 212 -16.67 -3.05 -41.52
C ASN A 212 -18.05 -2.58 -41.09
N ASP A 213 -19.02 -2.63 -42.01
CA ASP A 213 -20.41 -2.46 -41.62
C ASP A 213 -20.81 -3.58 -40.66
N LYS A 214 -21.86 -3.32 -39.88
CA LYS A 214 -22.21 -4.21 -38.78
C LYS A 214 -23.71 -4.40 -38.71
N GLN A 215 -24.11 -5.57 -38.21
CA GLN A 215 -25.50 -5.97 -38.07
C GLN A 215 -25.72 -6.53 -36.68
N LYS A 216 -26.95 -6.45 -36.19
CA LYS A 216 -27.29 -6.86 -34.84
C LYS A 216 -28.38 -7.91 -34.86
N TYR A 217 -28.38 -8.75 -33.82
CA TYR A 217 -29.38 -9.81 -33.66
C TYR A 217 -29.82 -9.81 -32.20
N THR A 218 -31.08 -9.46 -31.95
CA THR A 218 -31.61 -9.38 -30.60
C THR A 218 -32.14 -10.75 -30.18
N LEU A 219 -31.80 -11.15 -28.95
CA LEU A 219 -32.17 -12.46 -28.42
C LEU A 219 -32.81 -12.29 -27.05
N LYS A 220 -33.69 -13.23 -26.71
CA LYS A 220 -34.20 -13.39 -25.35
C LYS A 220 -33.85 -14.79 -24.88
N ILE A 221 -33.16 -14.88 -23.74
CA ILE A 221 -32.58 -16.13 -23.27
C ILE A 221 -32.68 -16.21 -21.75
N ASN A 222 -32.59 -17.43 -21.24
CA ASN A 222 -32.49 -17.61 -19.80
C ASN A 222 -31.23 -16.92 -19.29
N HIS A 223 -31.34 -16.26 -18.14
CA HIS A 223 -30.22 -15.49 -17.61
C HIS A 223 -28.99 -16.37 -17.36
N ASP A 224 -29.18 -17.68 -17.19
CA ASP A 224 -28.08 -18.57 -16.84
C ASP A 224 -27.60 -19.40 -18.02
N CYS A 225 -27.84 -18.94 -19.25
CA CYS A 225 -27.25 -19.60 -20.41
C CYS A 225 -25.73 -19.41 -20.39
N VAL A 226 -25.01 -20.46 -20.79
CA VAL A 226 -23.57 -20.35 -20.96
C VAL A 226 -23.32 -19.67 -22.30
N PRO A 227 -22.17 -19.01 -22.49
CA PRO A 227 -21.94 -18.30 -23.76
C PRO A 227 -22.17 -19.15 -25.00
N GLU A 228 -21.79 -20.44 -24.97
CA GLU A 228 -22.03 -21.28 -26.13
C GLU A 228 -23.51 -21.48 -26.39
N GLN A 229 -24.33 -21.52 -25.33
CA GLN A 229 -25.77 -21.60 -25.53
C GLN A 229 -26.32 -20.30 -26.11
N VAL A 230 -25.68 -19.17 -25.80
CA VAL A 230 -26.07 -17.92 -26.44
C VAL A 230 -25.75 -17.96 -27.93
N ILE A 231 -24.58 -18.49 -28.28
CA ILE A 231 -24.23 -18.66 -29.69
C ILE A 231 -25.21 -19.64 -30.35
N ALA A 232 -25.71 -20.61 -29.58
CA ALA A 232 -26.67 -21.56 -30.14
C ALA A 232 -28.00 -20.87 -30.45
N GLU A 233 -28.48 -20.02 -29.53
CA GLU A 233 -29.74 -19.33 -29.77
C GLU A 233 -29.62 -18.30 -30.89
N ALA A 234 -28.43 -17.75 -31.11
CA ALA A 234 -28.24 -16.76 -32.16
C ALA A 234 -28.25 -17.42 -33.54
N ILE A 235 -27.50 -18.52 -33.70
CA ILE A 235 -27.52 -19.24 -34.96
C ILE A 235 -28.86 -19.91 -35.17
N ARG A 236 -29.53 -20.31 -34.08
CA ARG A 236 -30.86 -20.89 -34.19
C ARG A 236 -31.87 -19.85 -34.65
N LYS A 237 -31.71 -18.60 -34.23
CA LYS A 237 -32.65 -17.57 -34.64
C LYS A 237 -32.41 -17.14 -36.08
N LYS A 238 -31.18 -17.25 -36.57
CA LYS A 238 -30.92 -16.83 -37.94
C LYS A 238 -31.24 -17.93 -38.96
N THR A 239 -31.11 -19.19 -38.57
CA THR A 239 -31.51 -20.32 -39.42
C THR A 239 -33.00 -20.62 -39.33
N ARG A 240 -33.79 -19.68 -38.81
CA ARG A 240 -35.22 -19.90 -38.63
C ARG A 240 -35.89 -20.39 -39.91
N SER A 241 -35.57 -19.75 -41.03
CA SER A 241 -36.27 -19.98 -42.29
C SER A 241 -35.45 -20.80 -43.28
N MET A 242 -34.41 -21.48 -42.82
CA MET A 242 -33.55 -22.26 -43.72
C MET A 242 -34.00 -23.70 -43.87
N LEU A 243 -35.05 -24.13 -43.15
CA LEU A 243 -35.60 -25.48 -43.28
C LEU A 243 -34.53 -26.55 -43.03
N LEU A 244 -33.94 -26.48 -41.84
CA LEU A 244 -32.89 -27.41 -41.45
C LEU A 244 -33.47 -28.53 -40.58
N SER A 245 -32.95 -29.74 -40.75
CA SER A 245 -33.32 -30.84 -39.88
C SER A 245 -32.69 -30.66 -38.51
N SER A 246 -33.21 -31.40 -37.53
CA SER A 246 -32.68 -31.31 -36.16
C SER A 246 -31.19 -31.56 -36.12
N GLU A 247 -30.68 -32.41 -37.02
CA GLU A 247 -29.27 -32.76 -37.03
C GLU A 247 -28.44 -31.80 -37.88
N GLN A 248 -29.02 -31.24 -38.95
CA GLN A 248 -28.33 -30.19 -39.69
C GLN A 248 -28.23 -28.92 -38.86
N LEU A 249 -29.22 -28.65 -38.02
CA LEU A 249 -29.12 -27.53 -37.08
C LEU A 249 -28.00 -27.76 -36.08
N LYS A 250 -27.90 -28.98 -35.54
CA LYS A 250 -26.81 -29.31 -34.64
C LYS A 250 -25.46 -29.06 -35.30
N LEU A 251 -25.33 -29.40 -36.58
CA LEU A 251 -24.01 -29.35 -37.22
C LEU A 251 -23.50 -27.92 -37.33
N CYS A 252 -24.38 -26.96 -37.58
CA CYS A 252 -23.96 -25.57 -37.66
C CYS A 252 -23.91 -24.90 -36.30
N VAL A 253 -24.73 -25.35 -35.34
CA VAL A 253 -24.54 -24.94 -33.95
C VAL A 253 -23.17 -25.40 -33.47
N LEU A 254 -22.85 -26.67 -33.69
CA LEU A 254 -21.51 -27.17 -33.37
C LEU A 254 -20.44 -26.35 -34.07
N GLU A 255 -20.68 -25.99 -35.34
CA GLU A 255 -19.70 -25.21 -36.09
C GLU A 255 -19.43 -23.87 -35.41
N TYR A 256 -20.48 -23.18 -34.99
CA TYR A 256 -20.32 -21.85 -34.43
C TYR A 256 -19.89 -21.89 -32.97
N GLN A 257 -20.41 -22.85 -32.19
CA GLN A 257 -19.99 -22.98 -30.80
C GLN A 257 -18.48 -23.13 -30.68
N GLY A 258 -17.88 -23.88 -31.60
CA GLY A 258 -16.45 -24.12 -31.56
C GLY A 258 -15.60 -23.19 -32.38
N LYS A 259 -16.22 -22.31 -33.17
CA LYS A 259 -15.49 -21.43 -34.06
C LYS A 259 -15.52 -19.96 -33.64
N TYR A 260 -16.48 -19.56 -32.81
CA TYR A 260 -16.64 -18.18 -32.40
C TYR A 260 -16.73 -18.07 -30.88
N ILE A 261 -16.40 -16.88 -30.38
CA ILE A 261 -16.60 -16.51 -28.99
C ILE A 261 -17.23 -15.13 -28.96
N LEU A 262 -17.70 -14.73 -27.78
CA LEU A 262 -18.42 -13.47 -27.60
C LEU A 262 -17.54 -12.47 -26.87
N LYS A 263 -17.64 -11.21 -27.29
CA LYS A 263 -16.84 -10.12 -26.77
C LYS A 263 -17.76 -8.97 -26.39
N VAL A 264 -17.43 -8.27 -25.32
CA VAL A 264 -18.18 -7.08 -24.93
C VAL A 264 -17.85 -5.95 -25.90
N CYS A 265 -18.88 -5.33 -26.46
CA CYS A 265 -18.68 -4.22 -27.38
C CYS A 265 -18.07 -3.04 -26.63
N GLY A 266 -16.91 -2.58 -27.10
CA GLY A 266 -16.29 -1.37 -26.58
C GLY A 266 -15.06 -1.58 -25.73
N CYS A 267 -14.77 -2.81 -25.32
CA CYS A 267 -13.61 -3.08 -24.49
C CYS A 267 -13.16 -4.52 -24.71
N ASP A 268 -12.04 -4.87 -24.08
CA ASP A 268 -11.41 -6.17 -24.29
C ASP A 268 -11.76 -7.13 -23.15
N GLU A 269 -13.05 -7.46 -23.07
CA GLU A 269 -13.55 -8.51 -22.20
C GLU A 269 -14.20 -9.57 -23.07
N TYR A 270 -13.99 -10.84 -22.70
CA TYR A 270 -14.42 -11.96 -23.51
C TYR A 270 -15.10 -13.01 -22.65
N PHE A 271 -15.99 -13.77 -23.27
CA PHE A 271 -16.73 -14.83 -22.60
C PHE A 271 -16.15 -16.18 -23.00
N LEU A 272 -14.97 -16.47 -22.46
CA LEU A 272 -14.20 -17.64 -22.85
C LEU A 272 -14.52 -18.88 -22.02
N GLU A 273 -15.21 -18.75 -20.89
CA GLU A 273 -15.49 -19.87 -20.00
C GLU A 273 -16.99 -19.96 -19.77
N LYS A 274 -17.43 -21.17 -19.41
CA LYS A 274 -18.86 -21.48 -19.35
C LYS A 274 -19.47 -21.19 -17.98
N TYR A 275 -19.27 -19.97 -17.50
CA TYR A 275 -20.07 -19.49 -16.38
C TYR A 275 -21.45 -19.09 -16.90
N PRO A 276 -22.50 -19.19 -16.09
CA PRO A 276 -23.80 -18.66 -16.50
C PRO A 276 -23.67 -17.20 -16.92
N LEU A 277 -24.37 -16.84 -17.99
CA LEU A 277 -24.19 -15.51 -18.57
C LEU A 277 -24.36 -14.41 -17.53
N SER A 278 -25.32 -14.57 -16.62
CA SER A 278 -25.59 -13.53 -15.63
C SER A 278 -24.51 -13.44 -14.57
N GLN A 279 -23.59 -14.40 -14.51
CA GLN A 279 -22.50 -14.32 -13.54
C GLN A 279 -21.35 -13.45 -14.03
N TYR A 280 -21.25 -13.21 -15.34
CA TYR A 280 -20.29 -12.24 -15.85
C TYR A 280 -20.67 -10.85 -15.35
N LYS A 281 -19.69 -10.13 -14.79
CA LYS A 281 -20.00 -8.87 -14.12
C LYS A 281 -20.65 -7.88 -15.08
N TYR A 282 -20.18 -7.83 -16.33
CA TYR A 282 -20.78 -6.89 -17.29
C TYR A 282 -22.28 -7.09 -17.39
N ILE A 283 -22.73 -8.34 -17.38
CA ILE A 283 -24.14 -8.63 -17.56
C ILE A 283 -24.90 -8.62 -16.23
N ARG A 284 -24.23 -9.00 -15.14
CA ARG A 284 -24.85 -8.83 -13.82
C ARG A 284 -25.22 -7.37 -13.58
N SER A 285 -24.45 -6.44 -14.12
CA SER A 285 -24.76 -5.02 -13.95
C SER A 285 -25.76 -4.53 -14.97
N CYS A 286 -25.69 -5.04 -16.21
CA CYS A 286 -26.71 -4.71 -17.20
C CYS A 286 -28.10 -5.05 -16.67
N ILE A 287 -28.22 -6.15 -15.94
CA ILE A 287 -29.48 -6.47 -15.28
C ILE A 287 -29.75 -5.49 -14.14
N MET A 288 -28.77 -5.31 -13.26
CA MET A 288 -28.92 -4.39 -12.14
C MET A 288 -29.30 -3.00 -12.62
N LEU A 289 -28.54 -2.46 -13.58
CA LEU A 289 -28.82 -1.13 -14.13
C LEU A 289 -29.94 -1.13 -15.14
N GLY A 290 -30.44 -2.30 -15.55
CA GLY A 290 -31.49 -2.35 -16.54
C GLY A 290 -31.07 -1.91 -17.92
N ARG A 291 -29.79 -2.00 -18.25
CA ARG A 291 -29.28 -1.61 -19.55
C ARG A 291 -29.20 -2.83 -20.46
N MET A 292 -28.95 -2.55 -21.75
CA MET A 292 -28.95 -3.59 -22.77
C MET A 292 -27.55 -4.18 -22.92
N PRO A 293 -27.34 -5.47 -22.64
CA PRO A 293 -26.01 -6.05 -22.89
C PRO A 293 -25.77 -6.18 -24.38
N ASN A 294 -24.68 -5.55 -24.85
CA ASN A 294 -24.29 -5.59 -26.25
C ASN A 294 -23.04 -6.45 -26.38
N LEU A 295 -23.16 -7.54 -27.15
CA LEU A 295 -22.07 -8.48 -27.36
C LEU A 295 -21.73 -8.56 -28.83
N MET A 296 -20.45 -8.73 -29.13
CA MET A 296 -19.98 -8.89 -30.50
C MET A 296 -19.49 -10.33 -30.69
N LEU A 297 -20.07 -11.01 -31.68
CA LEU A 297 -19.58 -12.33 -32.05
C LEU A 297 -18.26 -12.19 -32.80
N MET A 298 -17.25 -12.96 -32.39
CA MET A 298 -15.90 -12.78 -32.88
C MET A 298 -15.26 -14.14 -33.13
N ALA A 299 -14.45 -14.22 -34.19
CA ALA A 299 -13.82 -15.48 -34.54
C ALA A 299 -12.71 -15.82 -33.55
N LYS A 300 -12.68 -17.09 -33.12
CA LYS A 300 -11.66 -17.51 -32.16
C LYS A 300 -10.26 -17.41 -32.76
N GLU A 301 -10.12 -17.74 -34.05
CA GLU A 301 -8.82 -17.63 -34.70
C GLU A 301 -8.36 -16.18 -34.80
N SER A 302 -9.26 -15.22 -34.62
CA SER A 302 -8.85 -13.82 -34.56
C SER A 302 -8.38 -13.43 -33.17
N LEU A 303 -9.04 -13.96 -32.14
CA LEU A 303 -8.60 -13.70 -30.77
C LEU A 303 -7.24 -14.31 -30.51
N TYR A 304 -7.04 -15.56 -30.92
CA TYR A 304 -5.75 -16.22 -30.72
C TYR A 304 -4.65 -15.60 -31.56
N SER A 305 -5.01 -14.85 -32.61
CA SER A 305 -3.99 -14.21 -33.43
C SER A 305 -3.29 -13.08 -32.67
N GLN A 306 -4.03 -12.36 -31.83
CA GLN A 306 -3.46 -11.29 -31.02
C GLN A 306 -2.91 -11.80 -29.69
N LEU A 307 -2.58 -13.09 -29.60
CA LEU A 307 -1.96 -13.70 -28.43
C LEU A 307 -0.62 -14.31 -28.86
N PRO A 308 0.36 -13.48 -29.20
CA PRO A 308 1.64 -14.00 -29.69
C PRO A 308 2.30 -14.92 -28.66
N MET A 309 2.83 -16.04 -29.15
CA MET A 309 3.47 -17.00 -28.26
C MET A 309 4.64 -16.35 -27.54
N ASP A 310 4.79 -16.70 -26.25
CA ASP A 310 5.79 -16.09 -25.39
C ASP A 310 6.41 -17.16 -24.51
N CYS A 311 7.74 -17.24 -24.54
CA CYS A 311 8.46 -18.26 -23.80
C CYS A 311 8.87 -17.74 -22.42
N PHE A 312 9.43 -18.65 -21.63
CA PHE A 312 10.02 -18.31 -20.34
C PHE A 312 11.35 -19.05 -20.22
N THR A 313 12.44 -18.29 -20.16
CA THR A 313 13.78 -18.85 -20.10
C THR A 313 14.36 -18.63 -18.71
N MET A 314 14.94 -19.68 -18.14
CA MET A 314 15.63 -19.54 -16.87
C MET A 314 16.80 -18.58 -17.03
N PRO A 315 16.98 -17.63 -16.12
CA PRO A 315 18.10 -16.70 -16.24
C PRO A 315 19.41 -17.34 -15.81
N SER A 316 20.49 -16.57 -15.94
CA SER A 316 21.82 -17.11 -15.65
C SER A 316 21.95 -17.51 -14.19
N TYR A 317 21.51 -16.65 -13.28
CA TYR A 317 21.67 -16.91 -11.85
C TYR A 317 20.84 -18.10 -11.36
N SER A 318 20.02 -18.70 -12.23
CA SER A 318 19.08 -19.71 -11.77
C SER A 318 19.73 -21.04 -11.43
N ARG A 319 20.94 -21.31 -11.92
CA ARG A 319 21.45 -22.66 -11.98
C ARG A 319 22.65 -22.94 -11.09
N ARG A 320 23.58 -22.00 -10.97
CA ARG A 320 24.88 -22.30 -10.36
C ARG A 320 25.24 -21.38 -9.20
N SER A 333 27.18 -31.26 13.51
CA SER A 333 27.67 -30.01 12.95
C SER A 333 26.98 -28.82 13.60
N THR A 334 25.72 -28.98 13.95
CA THR A 334 24.94 -27.94 14.60
C THR A 334 24.12 -28.56 15.72
N LYS A 335 23.70 -27.73 16.67
CA LYS A 335 22.89 -28.16 17.79
C LYS A 335 21.57 -27.41 17.79
N SER A 336 20.63 -27.90 18.59
CA SER A 336 19.27 -27.39 18.60
C SER A 336 19.11 -26.26 19.60
N LEU A 337 18.12 -25.40 19.35
CA LEU A 337 17.80 -24.33 20.27
C LEU A 337 17.40 -24.87 21.64
N TRP A 338 16.69 -26.00 21.66
CA TRP A 338 16.13 -26.55 22.88
C TRP A 338 17.15 -27.29 23.73
N VAL A 339 18.44 -27.22 23.39
CA VAL A 339 19.50 -27.75 24.25
C VAL A 339 20.28 -26.64 24.96
N ILE A 340 20.04 -25.38 24.61
CA ILE A 340 20.80 -24.27 25.15
C ILE A 340 20.26 -23.95 26.54
N ASN A 341 21.06 -24.21 27.57
CA ASN A 341 20.67 -23.96 28.96
C ASN A 341 21.24 -22.62 29.40
N SER A 342 20.58 -21.54 28.97
CA SER A 342 21.00 -20.20 29.35
C SER A 342 19.93 -19.22 28.90
N ALA A 343 19.84 -18.11 29.63
CA ALA A 343 18.91 -17.04 29.29
C ALA A 343 19.49 -16.19 28.16
N LEU A 344 18.61 -15.42 27.51
CA LEU A 344 19.01 -14.61 26.37
C LEU A 344 19.72 -13.34 26.84
N ARG A 345 20.81 -13.01 26.16
CA ARG A 345 21.52 -11.77 26.42
C ARG A 345 22.09 -11.25 25.10
N ILE A 346 22.11 -9.93 24.96
CA ILE A 346 22.58 -9.28 23.75
C ILE A 346 23.48 -8.12 24.14
N LYS A 347 24.57 -7.94 23.40
CA LYS A 347 25.54 -6.90 23.66
C LYS A 347 25.28 -5.72 22.73
N ILE A 348 25.18 -4.53 23.31
CA ILE A 348 25.12 -3.28 22.55
C ILE A 348 26.49 -2.63 22.64
N LEU A 349 27.12 -2.41 21.49
CA LEU A 349 28.47 -1.88 21.46
C LEU A 349 28.48 -0.35 21.40
N CYS A 350 28.21 0.21 20.22
CA CYS A 350 28.29 1.65 20.04
C CYS A 350 27.41 2.04 18.86
N ALA A 351 27.24 3.36 18.70
CA ALA A 351 26.46 3.93 17.61
C ALA A 351 27.32 4.89 16.81
N THR A 352 26.75 5.40 15.72
CA THR A 352 27.47 6.28 14.81
C THR A 352 26.47 7.24 14.17
N TYR A 353 26.99 8.32 13.60
CA TYR A 353 26.17 9.27 12.83
C TYR A 353 24.89 9.66 13.55
N VAL A 354 24.94 9.76 14.87
CA VAL A 354 23.76 10.16 15.64
C VAL A 354 23.65 11.68 15.61
N ASN A 355 22.55 12.18 15.06
CA ASN A 355 22.33 13.62 14.88
C ASN A 355 21.54 14.15 16.07
N VAL A 356 22.24 14.76 17.02
CA VAL A 356 21.64 15.25 18.25
C VAL A 356 22.38 16.50 18.70
N ASN A 357 21.63 17.52 19.12
CA ASN A 357 22.23 18.75 19.61
C ASN A 357 22.77 18.51 21.02
N ILE A 358 24.09 18.64 21.17
CA ILE A 358 24.75 18.26 22.42
C ILE A 358 24.35 19.15 23.59
N ARG A 359 23.80 20.33 23.33
CA ARG A 359 23.48 21.27 24.39
C ARG A 359 21.98 21.38 24.69
N ASP A 360 21.12 20.86 23.81
CA ASP A 360 19.69 20.77 24.10
C ASP A 360 19.28 19.41 24.64
N ILE A 361 20.06 18.37 24.37
CA ILE A 361 19.76 17.01 24.80
C ILE A 361 20.78 16.62 25.85
N ASP A 362 20.29 16.04 26.95
CA ASP A 362 21.16 15.69 28.07
C ASP A 362 21.95 14.42 27.77
N LYS A 363 21.27 13.31 27.51
CA LYS A 363 21.94 12.03 27.29
C LYS A 363 21.13 11.21 26.29
N ILE A 364 21.74 10.12 25.83
CA ILE A 364 21.11 9.19 24.91
C ILE A 364 21.29 7.78 25.45
N TYR A 365 20.44 6.87 24.97
CA TYR A 365 20.54 5.46 25.38
C TYR A 365 19.83 4.62 24.33
N VAL A 366 20.08 3.32 24.39
CA VAL A 366 19.48 2.35 23.47
C VAL A 366 18.39 1.59 24.21
N ARG A 367 17.20 1.57 23.63
CA ARG A 367 16.07 0.81 24.16
C ARG A 367 15.86 -0.43 23.30
N THR A 368 15.57 -1.55 23.96
CA THR A 368 15.43 -2.83 23.28
C THR A 368 14.24 -3.60 23.86
N GLY A 369 13.74 -4.53 23.06
CA GLY A 369 12.68 -5.42 23.50
C GLY A 369 12.61 -6.61 22.57
N ILE A 370 12.21 -7.75 23.14
CA ILE A 370 12.02 -8.98 22.36
C ILE A 370 10.53 -9.12 22.10
N TYR A 371 10.15 -9.18 20.83
CA TYR A 371 8.76 -9.15 20.41
C TYR A 371 8.39 -10.37 19.61
N HIS A 372 7.13 -10.78 19.76
CA HIS A 372 6.49 -11.77 18.89
C HIS A 372 5.25 -11.08 18.34
N GLY A 373 5.39 -10.49 17.15
CA GLY A 373 4.33 -9.67 16.59
C GLY A 373 4.35 -8.28 17.20
N GLY A 374 3.36 -7.97 18.03
CA GLY A 374 3.32 -6.70 18.72
C GLY A 374 3.31 -6.83 20.22
N GLU A 375 3.45 -8.07 20.72
CA GLU A 375 3.41 -8.34 22.14
C GLU A 375 4.81 -8.65 22.64
N PRO A 376 5.36 -7.86 23.58
CA PRO A 376 6.68 -8.19 24.11
C PRO A 376 6.69 -9.56 24.78
N LEU A 377 7.64 -10.40 24.36
CA LEU A 377 7.83 -11.69 25.02
C LEU A 377 8.38 -11.54 26.43
N CYS A 378 9.04 -10.42 26.72
CA CYS A 378 9.58 -10.15 28.04
C CYS A 378 9.68 -8.64 28.21
N ASP A 379 9.91 -8.22 29.45
CA ASP A 379 10.01 -6.80 29.74
C ASP A 379 11.17 -6.18 28.96
N ASN A 380 11.02 -4.89 28.63
CA ASN A 380 12.08 -4.19 27.92
C ASN A 380 13.27 -3.92 28.84
N VAL A 381 14.43 -3.75 28.21
CA VAL A 381 15.66 -3.42 28.93
C VAL A 381 16.39 -2.35 28.12
N ASN A 382 17.03 -1.43 28.83
CA ASN A 382 17.75 -0.33 28.20
C ASN A 382 19.21 -0.32 28.64
N THR A 383 20.07 0.21 27.78
CA THR A 383 21.43 0.51 28.19
C THR A 383 21.42 1.66 29.19
N GLN A 384 22.57 1.89 29.82
CA GLN A 384 22.72 3.08 30.63
C GLN A 384 22.68 4.33 29.74
N ARG A 385 22.38 5.46 30.35
CA ARG A 385 22.38 6.73 29.64
C ARG A 385 23.82 7.19 29.44
N VAL A 386 24.06 7.86 28.31
CA VAL A 386 25.42 8.12 27.84
C VAL A 386 25.46 9.48 27.17
N PRO A 387 26.58 10.20 27.30
CA PRO A 387 26.67 11.51 26.67
C PRO A 387 26.51 11.42 25.16
N CYS A 388 25.87 12.45 24.59
CA CYS A 388 25.68 12.50 23.15
C CYS A 388 27.00 12.39 22.39
N SER A 389 28.06 12.98 22.94
CA SER A 389 29.33 13.09 22.24
C SER A 389 30.13 11.79 22.22
N ASN A 390 29.64 10.73 22.87
CA ASN A 390 30.36 9.45 22.91
C ASN A 390 29.34 8.32 22.97
N PRO A 391 28.68 8.03 21.85
CA PRO A 391 27.66 6.96 21.86
C PRO A 391 28.29 5.58 21.90
N ARG A 392 28.79 5.18 23.07
CA ARG A 392 29.39 3.87 23.26
C ARG A 392 28.90 3.31 24.58
N TRP A 393 28.53 2.02 24.57
CA TRP A 393 27.95 1.39 25.75
C TRP A 393 28.72 0.14 26.17
N ASN A 394 28.90 -0.80 25.24
CA ASN A 394 29.57 -2.06 25.52
C ASN A 394 28.90 -2.78 26.69
N GLU A 395 27.57 -2.82 26.65
CA GLU A 395 26.78 -3.43 27.71
C GLU A 395 26.15 -4.73 27.20
N TRP A 396 26.22 -5.78 28.01
CA TRP A 396 25.46 -7.00 27.78
C TRP A 396 24.10 -6.84 28.43
N LEU A 397 23.05 -6.75 27.63
CA LEU A 397 21.69 -6.65 28.13
C LEU A 397 21.13 -8.05 28.34
N ASN A 398 20.60 -8.30 29.52
CA ASN A 398 20.01 -9.60 29.88
C ASN A 398 18.49 -9.52 29.79
N TYR A 399 17.89 -10.53 29.18
CA TYR A 399 16.45 -10.59 28.95
C TYR A 399 15.84 -11.72 29.75
N ASP A 400 14.65 -11.47 30.31
CA ASP A 400 13.95 -12.45 31.13
C ASP A 400 13.20 -13.44 30.24
N ILE A 401 13.98 -14.24 29.51
CA ILE A 401 13.41 -15.28 28.65
C ILE A 401 14.46 -16.36 28.45
N TYR A 402 14.04 -17.61 28.63
CA TYR A 402 14.90 -18.77 28.44
C TYR A 402 15.02 -19.06 26.95
N ILE A 403 16.26 -19.20 26.46
CA ILE A 403 16.47 -19.34 25.01
C ILE A 403 15.58 -20.41 24.40
N PRO A 404 15.50 -21.63 24.94
CA PRO A 404 14.53 -22.60 24.40
C PRO A 404 13.09 -22.10 24.37
N ASP A 405 12.73 -21.13 25.22
CA ASP A 405 11.38 -20.57 25.18
C ASP A 405 11.18 -19.57 24.07
N LEU A 406 12.17 -19.34 23.21
CA LEU A 406 12.02 -18.40 22.12
C LEU A 406 11.12 -18.99 21.04
N PRO A 407 10.10 -18.27 20.59
CA PRO A 407 9.35 -18.72 19.40
C PRO A 407 10.12 -18.42 18.13
N ARG A 408 9.79 -19.16 17.08
CA ARG A 408 10.52 -19.02 15.81
C ARG A 408 10.42 -17.59 15.27
N ALA A 409 9.27 -16.95 15.44
CA ALA A 409 9.06 -15.61 14.90
C ALA A 409 9.48 -14.51 15.87
N ALA A 410 10.39 -14.80 16.80
CA ALA A 410 10.83 -13.80 17.75
C ALA A 410 11.69 -12.75 17.05
N ARG A 411 11.53 -11.49 17.47
CA ARG A 411 12.22 -10.37 16.85
C ARG A 411 12.80 -9.45 17.92
N LEU A 412 13.94 -8.85 17.61
CA LEU A 412 14.56 -7.84 18.44
C LEU A 412 14.23 -6.47 17.88
N CYS A 413 13.50 -5.67 18.65
CA CYS A 413 13.15 -4.30 18.28
C CYS A 413 13.93 -3.34 19.17
N LEU A 414 14.61 -2.38 18.56
CA LEU A 414 15.46 -1.46 19.30
C LEU A 414 15.41 -0.07 18.67
N SER A 415 15.97 0.89 19.41
CA SER A 415 16.02 2.28 18.97
C SER A 415 17.04 3.02 19.83
N ILE A 416 17.48 4.16 19.31
CA ILE A 416 18.30 5.10 20.07
C ILE A 416 17.38 6.23 20.54
N CYS A 417 17.42 6.53 21.83
CA CYS A 417 16.50 7.49 22.43
C CYS A 417 17.28 8.60 23.12
N SER A 418 16.67 9.78 23.17
CA SER A 418 17.22 10.94 23.85
C SER A 418 16.33 11.29 25.03
N VAL A 419 16.91 11.96 26.03
CA VAL A 419 16.18 12.41 27.20
C VAL A 419 16.46 13.90 27.40
N LYS A 420 15.42 14.64 27.78
CA LYS A 420 15.58 16.02 28.22
C LYS A 420 14.97 16.20 29.60
N ALA A 425 12.01 19.55 36.54
CA ALA A 425 11.90 19.47 35.08
C ALA A 425 11.58 18.05 34.65
N LYS A 426 10.28 17.72 34.61
CA LYS A 426 9.82 16.41 34.19
C LYS A 426 10.55 15.97 32.92
N GLU A 427 10.95 14.70 32.88
CA GLU A 427 11.74 14.19 31.78
C GLU A 427 10.89 14.03 30.52
N GLU A 428 11.57 13.93 29.38
CA GLU A 428 10.93 13.76 28.07
C GLU A 428 11.83 12.84 27.26
N HIS A 429 11.32 11.65 26.93
CA HIS A 429 12.06 10.68 26.13
C HIS A 429 11.52 10.64 24.71
N CYS A 430 12.42 10.60 23.73
CA CYS A 430 12.04 10.58 22.32
C CYS A 430 12.94 9.64 21.54
N PRO A 431 12.40 8.95 20.54
CA PRO A 431 13.24 8.10 19.68
C PRO A 431 13.93 8.91 18.58
N LEU A 432 15.17 8.51 18.28
CA LEU A 432 15.95 9.12 17.22
C LEU A 432 16.01 8.27 15.96
N ALA A 433 16.15 6.95 16.11
CA ALA A 433 16.20 6.03 15.00
C ALA A 433 15.90 4.64 15.52
N TRP A 434 15.30 3.81 14.67
CA TRP A 434 14.82 2.50 15.07
C TRP A 434 15.34 1.43 14.12
N GLY A 435 15.22 0.18 14.55
CA GLY A 435 15.61 -0.96 13.75
C GLY A 435 15.15 -2.27 14.36
N ASN A 436 14.75 -3.23 13.52
CA ASN A 436 14.24 -4.51 13.97
C ASN A 436 15.08 -5.64 13.37
N ILE A 437 15.19 -6.74 14.12
CA ILE A 437 16.06 -7.85 13.76
C ILE A 437 15.33 -9.15 14.04
N ASN A 438 15.37 -10.08 13.08
CA ASN A 438 14.89 -11.43 13.30
C ASN A 438 15.95 -12.21 14.06
N LEU A 439 15.58 -12.75 15.24
CA LEU A 439 16.53 -13.54 16.00
C LEU A 439 16.89 -14.83 15.27
N PHE A 440 15.99 -15.32 14.43
CA PHE A 440 16.28 -16.43 13.53
C PHE A 440 16.22 -15.93 12.08
N ASP A 441 17.17 -16.38 11.26
CA ASP A 441 17.18 -16.02 9.86
C ASP A 441 16.37 -17.04 9.05
N TYR A 442 16.30 -16.84 7.73
CA TYR A 442 15.44 -17.65 6.89
C TYR A 442 15.85 -19.11 6.85
N THR A 443 17.02 -19.46 7.35
CA THR A 443 17.46 -20.85 7.38
C THR A 443 17.16 -21.53 8.71
N ASP A 444 16.47 -20.86 9.64
CA ASP A 444 16.07 -21.37 10.95
C ASP A 444 17.20 -21.31 11.96
N THR A 445 18.32 -20.65 11.65
CA THR A 445 19.45 -20.59 12.55
C THR A 445 19.34 -19.38 13.47
N LEU A 446 19.89 -19.52 14.68
CA LEU A 446 19.93 -18.43 15.65
C LEU A 446 21.14 -17.55 15.38
N VAL A 447 20.91 -16.24 15.33
CA VAL A 447 21.99 -15.32 14.99
C VAL A 447 23.09 -15.39 16.05
N SER A 448 24.33 -15.22 15.61
CA SER A 448 25.49 -15.25 16.49
C SER A 448 26.54 -14.31 15.93
N GLY A 449 27.41 -13.83 16.82
CA GLY A 449 28.51 -12.97 16.41
C GLY A 449 28.15 -11.50 16.40
N LYS A 450 29.14 -10.69 16.05
CA LYS A 450 28.94 -9.26 16.01
C LYS A 450 28.10 -8.88 14.80
N MET A 451 27.21 -7.90 14.99
CA MET A 451 26.29 -7.47 13.95
C MET A 451 26.19 -5.95 13.98
N ALA A 452 26.03 -5.35 12.80
CA ALA A 452 25.93 -3.90 12.67
C ALA A 452 24.86 -3.58 11.65
N LEU A 453 23.84 -2.82 12.06
CA LEU A 453 22.74 -2.45 11.18
C LEU A 453 22.51 -0.96 11.23
N ASN A 454 22.28 -0.36 10.06
CA ASN A 454 21.93 1.05 9.98
C ASN A 454 20.45 1.22 10.28
N LEU A 455 20.12 2.19 11.11
CA LEU A 455 18.76 2.37 11.59
C LEU A 455 17.97 3.26 10.64
N TRP A 456 16.65 3.25 10.81
CA TRP A 456 15.73 3.99 9.96
C TRP A 456 15.23 5.24 10.65
N PRO A 457 14.81 6.25 9.89
CA PRO A 457 14.19 7.43 10.51
C PRO A 457 12.88 7.06 11.20
N VAL A 458 12.62 7.73 12.32
CA VAL A 458 11.35 7.48 13.03
C VAL A 458 10.21 8.09 12.22
N PRO A 459 9.14 7.34 11.93
CA PRO A 459 8.09 7.89 11.06
C PRO A 459 7.41 9.09 11.70
N HIS A 460 6.87 9.96 10.84
CA HIS A 460 6.25 11.18 11.31
C HIS A 460 5.03 10.87 12.16
N GLY A 461 4.96 11.48 13.34
CA GLY A 461 3.86 11.28 14.25
C GLY A 461 4.04 10.18 15.27
N LEU A 462 4.97 9.24 15.02
CA LEU A 462 5.21 8.17 15.97
C LEU A 462 6.02 8.70 17.15
N GLU A 463 5.52 8.49 18.36
CA GLU A 463 6.20 8.89 19.57
C GLU A 463 6.55 7.73 20.48
N ASP A 464 6.09 6.52 20.19
CA ASP A 464 6.55 5.34 20.90
C ASP A 464 8.05 5.20 20.74
N LEU A 465 8.72 4.75 21.81
CA LEU A 465 10.17 4.63 21.76
C LEU A 465 10.61 3.50 20.83
N LEU A 466 9.74 2.54 20.53
CA LEU A 466 10.07 1.45 19.63
C LEU A 466 9.02 1.36 18.54
N ASN A 467 9.36 0.67 17.45
CA ASN A 467 8.50 0.52 16.29
C ASN A 467 8.49 -0.96 15.89
N PRO A 468 7.79 -1.80 16.65
CA PRO A 468 7.78 -3.25 16.32
C PRO A 468 7.04 -3.60 15.03
N ILE A 469 6.28 -2.68 14.44
CA ILE A 469 5.63 -2.99 13.17
C ILE A 469 6.54 -2.74 11.99
N GLY A 470 7.57 -1.93 12.14
CA GLY A 470 8.46 -1.63 11.03
C GLY A 470 9.14 -2.88 10.50
N VAL A 471 9.66 -2.74 9.28
CA VAL A 471 10.31 -3.88 8.62
C VAL A 471 11.59 -4.24 9.37
N THR A 472 11.98 -5.51 9.27
CA THR A 472 13.26 -5.97 9.78
C THR A 472 14.31 -5.83 8.69
N GLY A 473 15.43 -5.21 9.01
CA GLY A 473 16.51 -5.05 8.08
C GLY A 473 17.28 -3.77 8.33
N SER A 474 18.46 -3.69 7.73
CA SER A 474 19.33 -2.53 7.87
C SER A 474 19.01 -1.52 6.78
N ASN A 475 19.11 -0.24 7.12
CA ASN A 475 18.81 0.82 6.17
C ASN A 475 19.96 0.93 5.15
N PRO A 476 19.69 0.81 3.85
CA PRO A 476 20.78 0.91 2.88
C PRO A 476 21.31 2.32 2.70
N ASN A 477 20.54 3.34 3.05
CA ASN A 477 21.00 4.71 2.89
C ASN A 477 22.28 4.94 3.69
N LYS A 478 23.20 5.71 3.10
CA LYS A 478 24.51 5.91 3.69
C LYS A 478 24.50 7.11 4.64
N GLU A 479 25.50 7.14 5.52
CA GLU A 479 25.61 8.19 6.53
C GLU A 479 24.34 8.28 7.37
N THR A 480 23.78 7.13 7.71
CA THR A 480 22.67 7.01 8.64
C THR A 480 23.16 6.33 9.93
N PRO A 481 22.52 6.58 11.06
CA PRO A 481 23.02 6.04 12.33
C PRO A 481 23.17 4.53 12.27
N CYS A 482 24.39 4.06 12.55
CA CYS A 482 24.71 2.63 12.53
C CYS A 482 24.96 2.17 13.96
N LEU A 483 24.18 1.17 14.39
CA LEU A 483 24.31 0.57 15.71
C LEU A 483 24.94 -0.81 15.58
N GLU A 484 25.91 -1.10 16.44
CA GLU A 484 26.62 -2.37 16.42
C GLU A 484 26.26 -3.20 17.64
N LEU A 485 26.10 -4.51 17.43
CA LEU A 485 25.68 -5.42 18.47
C LEU A 485 26.54 -6.67 18.41
N GLU A 486 26.30 -7.58 19.35
CA GLU A 486 26.92 -8.90 19.32
C GLU A 486 25.97 -9.88 20.01
N PHE A 487 25.81 -11.05 19.41
CA PHE A 487 24.97 -12.11 19.94
C PHE A 487 25.85 -13.26 20.43
N ASP A 488 25.32 -14.02 21.38
CA ASP A 488 26.09 -15.11 21.97
C ASP A 488 26.43 -16.17 20.92
N TRP A 489 27.64 -16.71 21.02
CA TRP A 489 28.09 -17.82 20.19
C TRP A 489 28.22 -19.04 21.08
N PHE A 490 27.50 -20.10 20.76
CA PHE A 490 27.40 -21.29 21.59
C PHE A 490 28.25 -22.45 21.06
N SER A 491 29.48 -22.15 20.63
CA SER A 491 30.44 -23.16 20.21
C SER A 491 30.13 -23.73 18.83
N SER A 492 28.89 -23.60 18.38
CA SER A 492 28.50 -24.12 17.07
C SER A 492 27.28 -23.35 16.59
N VAL A 493 26.83 -23.69 15.38
CA VAL A 493 25.62 -23.09 14.84
C VAL A 493 24.41 -23.68 15.55
N VAL A 494 23.45 -22.82 15.89
CA VAL A 494 22.23 -23.23 16.58
C VAL A 494 21.06 -23.08 15.62
N LYS A 495 20.18 -24.09 15.59
CA LYS A 495 19.04 -24.11 14.69
C LYS A 495 17.76 -24.36 15.47
N PHE A 496 16.67 -23.81 14.96
CA PHE A 496 15.37 -24.06 15.56
C PHE A 496 15.01 -25.54 15.40
N PRO A 497 14.43 -26.17 16.43
CA PRO A 497 14.14 -27.61 16.33
C PRO A 497 13.20 -27.92 15.19
N ASP A 498 13.46 -29.05 14.52
CA ASP A 498 12.55 -29.54 13.49
C ASP A 498 11.19 -29.83 14.09
N MET A 499 10.17 -29.83 13.23
CA MET A 499 8.82 -30.12 13.67
C MET A 499 8.71 -31.49 14.33
N SER A 500 9.63 -32.41 14.02
CA SER A 500 9.59 -33.74 14.61
C SER A 500 9.56 -33.67 16.13
N VAL A 501 10.55 -32.99 16.72
CA VAL A 501 10.65 -32.95 18.17
C VAL A 501 9.61 -32.02 18.78
N ILE A 502 9.15 -31.02 18.04
CA ILE A 502 8.17 -30.10 18.59
C ILE A 502 6.89 -30.84 18.98
N GLU A 503 6.43 -31.74 18.11
CA GLU A 503 5.20 -32.48 18.42
C GLU A 503 5.41 -33.42 19.61
N GLU A 504 6.60 -34.01 19.73
CA GLU A 504 6.86 -34.89 20.87
C GLU A 504 6.87 -34.10 22.17
N HIS A 505 7.46 -32.90 22.16
CA HIS A 505 7.41 -32.05 23.34
C HIS A 505 5.98 -31.70 23.71
N ALA A 506 5.07 -31.68 22.73
CA ALA A 506 3.66 -31.47 23.02
C ALA A 506 3.05 -32.71 23.68
N ASN A 507 3.37 -33.89 23.16
CA ASN A 507 2.96 -35.12 23.84
C ASN A 507 3.51 -35.16 25.26
N TRP A 508 4.68 -34.57 25.50
CA TRP A 508 5.26 -34.56 26.83
C TRP A 508 4.49 -33.63 27.75
N SER A 509 4.16 -32.43 27.28
CA SER A 509 3.54 -31.43 28.14
C SER A 509 2.06 -31.70 28.36
N VAL A 510 1.37 -32.27 27.38
CA VAL A 510 -0.06 -32.53 27.54
C VAL A 510 -0.31 -33.51 28.67
N SER A 511 0.66 -34.36 28.96
CA SER A 511 0.59 -35.26 30.11
C SER A 511 1.05 -34.59 31.40
N ARG A 512 1.14 -33.27 31.43
CA ARG A 512 1.57 -32.53 32.61
C ARG A 512 0.81 -31.21 32.72
N LEU A 533 -17.95 -33.49 27.37
CA LEU A 533 -18.00 -32.08 27.04
C LEU A 533 -18.64 -31.27 28.16
N ARG A 534 -18.80 -29.97 27.93
CA ARG A 534 -19.45 -29.08 28.88
C ARG A 534 -20.46 -28.22 28.14
N GLU A 535 -21.41 -27.66 28.89
CA GLU A 535 -22.53 -26.94 28.29
C GLU A 535 -22.39 -25.43 28.42
N ASN A 536 -22.61 -24.90 29.63
CA ASN A 536 -22.61 -23.45 29.80
C ASN A 536 -21.33 -22.81 29.27
N ASP A 537 -20.21 -23.53 29.33
CA ASP A 537 -18.99 -23.02 28.72
C ASP A 537 -19.10 -22.96 27.20
N LYS A 538 -19.96 -23.80 26.62
CA LYS A 538 -20.11 -23.82 25.16
C LYS A 538 -20.68 -22.51 24.64
N GLU A 539 -21.65 -21.94 25.35
CA GLU A 539 -22.29 -20.71 24.88
C GLU A 539 -21.37 -19.51 25.01
N GLN A 540 -20.45 -19.54 25.99
CA GLN A 540 -19.51 -18.42 26.14
C GLN A 540 -18.45 -18.45 25.04
N LEU A 541 -17.91 -19.62 24.74
CA LEU A 541 -16.93 -19.73 23.66
C LEU A 541 -17.49 -19.17 22.36
N LYS A 542 -18.70 -19.60 21.99
CA LYS A 542 -19.35 -19.03 20.81
C LYS A 542 -19.61 -17.54 21.00
N ALA A 543 -19.94 -17.13 22.22
CA ALA A 543 -20.16 -15.71 22.50
C ALA A 543 -18.90 -14.88 22.30
N ILE A 544 -17.73 -15.53 22.30
CA ILE A 544 -16.48 -14.81 22.08
C ILE A 544 -16.12 -14.75 20.60
N SER A 545 -16.51 -15.75 19.81
CA SER A 545 -16.26 -15.70 18.38
C SER A 545 -16.96 -14.52 17.73
N THR A 546 -18.11 -14.11 18.27
CA THR A 546 -18.86 -13.01 17.67
C THR A 546 -18.10 -11.69 17.79
N ARG A 547 -17.29 -11.55 18.83
CA ARG A 547 -16.67 -10.26 19.12
C ARG A 547 -15.58 -9.95 18.11
N ASP A 548 -15.46 -8.67 17.76
CA ASP A 548 -14.62 -8.25 16.65
C ASP A 548 -13.15 -8.52 16.92
N PRO A 549 -12.30 -8.43 15.90
CA PRO A 549 -10.87 -8.73 16.10
C PRO A 549 -10.17 -7.82 17.10
N LEU A 550 -10.68 -6.62 17.34
CA LEU A 550 -10.05 -5.66 18.24
C LEU A 550 -10.74 -5.55 19.59
N SER A 551 -11.72 -6.41 19.86
CA SER A 551 -12.43 -6.35 21.13
C SER A 551 -11.49 -6.70 22.28
N GLU A 552 -11.77 -6.11 23.44
CA GLU A 552 -10.98 -6.41 24.63
C GLU A 552 -11.14 -7.87 25.01
N ILE A 553 -10.02 -8.52 25.33
CA ILE A 553 -9.99 -9.92 25.74
C ILE A 553 -9.19 -9.97 27.03
N THR A 554 -9.89 -10.14 28.15
CA THR A 554 -9.25 -10.08 29.46
C THR A 554 -8.52 -11.39 29.77
N GLU A 555 -7.73 -11.35 30.84
CA GLU A 555 -6.90 -12.51 31.18
C GLU A 555 -7.74 -13.74 31.46
N GLN A 556 -8.85 -13.58 32.19
CA GLN A 556 -9.71 -14.71 32.48
C GLN A 556 -10.23 -15.36 31.20
N GLU A 557 -10.51 -14.55 30.18
CA GLU A 557 -11.10 -15.07 28.95
C GLU A 557 -10.09 -15.79 28.08
N LYS A 558 -8.84 -15.34 28.07
CA LYS A 558 -7.87 -15.94 27.15
C LYS A 558 -7.32 -17.25 27.69
N ASP A 559 -7.03 -17.34 28.98
CA ASP A 559 -6.61 -18.63 29.54
C ASP A 559 -7.79 -19.58 29.70
N PHE A 560 -9.03 -19.06 29.69
CA PHE A 560 -10.19 -19.93 29.57
C PHE A 560 -10.24 -20.57 28.19
N LEU A 561 -9.89 -19.81 27.16
CA LEU A 561 -9.76 -20.38 25.82
C LEU A 561 -8.62 -21.39 25.78
N TRP A 562 -7.47 -21.04 26.36
CA TRP A 562 -6.35 -21.97 26.37
C TRP A 562 -6.70 -23.26 27.11
N SER A 563 -7.59 -23.18 28.11
CA SER A 563 -8.05 -24.38 28.80
C SER A 563 -8.87 -25.26 27.87
N HIS A 564 -9.88 -24.68 27.21
CA HIS A 564 -10.74 -25.41 26.29
C HIS A 564 -10.23 -25.35 24.86
N ARG A 565 -8.92 -25.23 24.67
CA ARG A 565 -8.35 -25.14 23.33
C ARG A 565 -8.71 -26.34 22.46
N HIS A 566 -9.01 -27.49 23.06
CA HIS A 566 -9.35 -28.67 22.28
C HIS A 566 -10.80 -28.64 21.82
N TYR A 567 -11.69 -28.02 22.59
CA TYR A 567 -13.07 -27.83 22.15
C TYR A 567 -13.19 -26.72 21.10
N CYS A 568 -12.16 -25.90 20.93
CA CYS A 568 -12.26 -24.75 20.04
C CYS A 568 -12.35 -25.15 18.57
N VAL A 569 -11.82 -26.32 18.19
CA VAL A 569 -11.93 -26.75 16.81
C VAL A 569 -13.36 -27.04 16.37
N THR A 570 -14.31 -27.01 17.29
CA THR A 570 -15.72 -27.09 16.95
C THR A 570 -16.29 -25.75 16.51
N ILE A 571 -15.59 -24.66 16.81
CA ILE A 571 -15.97 -23.32 16.36
C ILE A 571 -14.73 -22.69 15.74
N PRO A 572 -14.33 -23.11 14.55
CA PRO A 572 -13.03 -22.67 14.00
C PRO A 572 -12.87 -21.16 13.91
N GLU A 573 -13.96 -20.39 13.94
CA GLU A 573 -13.84 -18.93 13.88
C GLU A 573 -13.04 -18.38 15.07
N ILE A 574 -12.88 -19.17 16.13
CA ILE A 574 -12.21 -18.70 17.34
C ILE A 574 -10.69 -18.71 17.24
N LEU A 575 -10.13 -19.28 16.18
CA LEU A 575 -8.69 -19.45 16.10
C LEU A 575 -7.91 -18.17 16.35
N PRO A 576 -8.24 -17.02 15.73
CA PRO A 576 -7.48 -15.80 16.03
C PRO A 576 -7.49 -15.44 17.50
N LYS A 577 -8.64 -15.57 18.16
CA LYS A 577 -8.71 -15.26 19.59
C LYS A 577 -7.87 -16.24 20.41
N LEU A 578 -7.93 -17.53 20.06
CA LEU A 578 -7.15 -18.52 20.79
C LEU A 578 -5.65 -18.28 20.62
N LEU A 579 -5.23 -17.88 19.42
CA LEU A 579 -3.80 -17.67 19.17
C LEU A 579 -3.27 -16.51 20.02
N LEU A 580 -4.05 -15.44 20.16
CA LEU A 580 -3.65 -14.36 21.05
C LEU A 580 -3.71 -14.76 22.51
N SER A 581 -4.29 -15.92 22.82
CA SER A 581 -4.31 -16.42 24.20
C SER A 581 -3.09 -17.26 24.53
N VAL A 582 -2.38 -17.77 23.52
CA VAL A 582 -1.18 -18.57 23.78
C VAL A 582 -0.11 -17.68 24.39
N LYS A 583 0.58 -18.21 25.40
CA LYS A 583 1.74 -17.55 26.00
C LYS A 583 2.93 -17.94 25.15
N TRP A 584 3.27 -17.09 24.17
CA TRP A 584 4.27 -17.43 23.17
C TRP A 584 5.69 -17.48 23.70
N ASN A 585 5.93 -17.04 24.93
CA ASN A 585 7.23 -17.19 25.57
C ASN A 585 7.34 -18.48 26.38
N SER A 586 6.52 -19.48 26.04
CA SER A 586 6.55 -20.80 26.67
C SER A 586 6.58 -21.84 25.56
N ARG A 587 7.74 -22.48 25.37
CA ARG A 587 7.83 -23.51 24.33
C ARG A 587 6.84 -24.64 24.57
N ASP A 588 6.41 -24.84 25.82
CA ASP A 588 5.39 -25.85 26.10
C ASP A 588 4.08 -25.51 25.40
N GLU A 589 3.61 -24.28 25.57
CA GLU A 589 2.32 -23.90 24.97
C GLU A 589 2.41 -23.80 23.46
N VAL A 590 3.49 -23.21 22.95
CA VAL A 590 3.63 -23.05 21.50
C VAL A 590 3.63 -24.40 20.81
N ALA A 591 4.41 -25.35 21.33
CA ALA A 591 4.44 -26.70 20.75
C ALA A 591 3.05 -27.32 20.77
N GLN A 592 2.36 -27.23 21.91
CA GLN A 592 0.99 -27.73 21.98
C GLN A 592 0.08 -27.01 20.98
N MET A 593 0.33 -25.73 20.74
CA MET A 593 -0.49 -24.98 19.78
C MET A 593 -0.19 -25.39 18.35
N TYR A 594 1.08 -25.64 18.04
CA TYR A 594 1.43 -26.09 16.69
C TYR A 594 0.62 -27.32 16.29
N CYS A 595 0.38 -28.23 17.24
CA CYS A 595 -0.36 -29.44 16.92
C CYS A 595 -1.82 -29.15 16.66
N LEU A 596 -2.37 -28.09 17.26
CA LEU A 596 -3.77 -27.76 17.02
C LEU A 596 -3.98 -27.14 15.65
N VAL A 597 -3.10 -26.21 15.25
CA VAL A 597 -3.25 -25.57 13.94
C VAL A 597 -2.96 -26.56 12.83
N LYS A 598 -2.15 -27.59 13.10
CA LYS A 598 -1.87 -28.60 12.09
C LYS A 598 -3.12 -29.36 11.68
N ASP A 599 -4.14 -29.41 12.55
CA ASP A 599 -5.39 -30.12 12.28
C ASP A 599 -6.59 -29.19 12.38
N TRP A 600 -6.39 -27.90 12.13
CA TRP A 600 -7.49 -26.96 12.31
C TRP A 600 -8.41 -26.99 11.09
N PRO A 601 -9.73 -26.89 11.28
CA PRO A 601 -10.64 -26.81 10.14
C PRO A 601 -10.44 -25.50 9.37
N PRO A 602 -10.50 -25.53 8.04
CA PRO A 602 -10.33 -24.29 7.28
C PRO A 602 -11.41 -23.26 7.64
N ILE A 603 -10.97 -22.05 7.93
CA ILE A 603 -11.87 -20.92 8.04
C ILE A 603 -11.88 -20.19 6.70
N LYS A 604 -12.93 -19.40 6.45
CA LYS A 604 -13.07 -18.78 5.15
C LYS A 604 -12.16 -17.57 5.02
N PRO A 605 -11.84 -17.16 3.79
CA PRO A 605 -10.80 -16.13 3.59
C PRO A 605 -11.02 -14.85 4.37
N GLU A 606 -12.26 -14.34 4.44
CA GLU A 606 -12.50 -13.10 5.17
C GLU A 606 -11.93 -13.17 6.58
N GLN A 607 -11.91 -14.36 7.19
CA GLN A 607 -11.34 -14.56 8.51
C GLN A 607 -9.87 -14.95 8.45
N ALA A 608 -9.48 -15.73 7.44
CA ALA A 608 -8.09 -16.15 7.34
C ALA A 608 -7.16 -14.97 7.08
N MET A 609 -7.67 -13.89 6.51
CA MET A 609 -6.82 -12.74 6.22
C MET A 609 -6.33 -12.06 7.49
N GLU A 610 -7.09 -12.16 8.58
CA GLU A 610 -6.64 -11.59 9.85
C GLU A 610 -5.32 -12.21 10.27
N LEU A 611 -5.13 -13.50 10.01
CA LEU A 611 -3.93 -14.21 10.43
C LEU A 611 -2.70 -13.86 9.59
N LEU A 612 -2.82 -12.95 8.62
CA LEU A 612 -1.68 -12.43 7.89
C LEU A 612 -1.30 -11.01 8.31
N ASP A 613 -2.06 -10.40 9.22
CA ASP A 613 -1.71 -9.06 9.68
C ASP A 613 -0.50 -9.16 10.60
N CYS A 614 -0.16 -8.05 11.26
CA CYS A 614 1.08 -7.97 12.03
C CYS A 614 1.00 -8.62 13.41
N ASN A 615 -0.18 -9.12 13.81
CA ASN A 615 -0.33 -9.75 15.11
C ASN A 615 -0.20 -11.27 15.06
N TYR A 616 0.13 -11.84 13.90
CA TYR A 616 0.26 -13.29 13.73
C TYR A 616 1.48 -13.58 12.87
N PRO A 617 2.67 -13.49 13.45
CA PRO A 617 3.90 -13.69 12.68
C PRO A 617 4.42 -15.12 12.61
N ASP A 618 3.81 -16.05 13.32
CA ASP A 618 4.33 -17.41 13.34
C ASP A 618 4.18 -18.05 11.96
N PRO A 619 5.22 -18.69 11.43
CA PRO A 619 5.12 -19.24 10.07
C PRO A 619 4.08 -20.34 9.93
N MET A 620 3.82 -21.11 10.99
CA MET A 620 2.80 -22.14 10.90
C MET A 620 1.41 -21.54 10.82
N VAL A 621 1.15 -20.50 11.62
CA VAL A 621 -0.15 -19.82 11.57
C VAL A 621 -0.36 -19.19 10.21
N ARG A 622 0.65 -18.45 9.72
CA ARG A 622 0.52 -17.78 8.43
C ARG A 622 0.43 -18.79 7.29
N GLY A 623 1.09 -19.94 7.42
CA GLY A 623 0.97 -20.97 6.40
C GLY A 623 -0.44 -21.56 6.36
N PHE A 624 -1.07 -21.70 7.53
CA PHE A 624 -2.46 -22.15 7.56
C PHE A 624 -3.38 -21.12 6.92
N ALA A 625 -3.09 -19.83 7.12
CA ALA A 625 -3.92 -18.79 6.52
C ALA A 625 -3.80 -18.80 5.00
N VAL A 626 -2.59 -19.01 4.48
CA VAL A 626 -2.40 -19.03 3.03
C VAL A 626 -3.17 -20.19 2.42
N ARG A 627 -3.04 -21.38 3.03
CA ARG A 627 -3.75 -22.55 2.51
C ARG A 627 -5.26 -22.32 2.46
N CYS A 628 -5.79 -21.53 3.39
CA CYS A 628 -7.21 -21.18 3.32
C CYS A 628 -7.50 -20.34 2.08
N LEU A 629 -6.60 -19.42 1.74
CA LEU A 629 -6.84 -18.55 0.59
C LEU A 629 -6.76 -19.33 -0.71
N GLU A 630 -5.69 -20.10 -0.91
CA GLU A 630 -5.49 -20.78 -2.18
C GLU A 630 -6.47 -21.92 -2.40
N LYS A 631 -7.44 -22.12 -1.50
CA LYS A 631 -8.49 -23.10 -1.70
C LYS A 631 -9.90 -22.56 -1.49
N TYR A 632 -10.05 -21.34 -0.97
CA TYR A 632 -11.35 -20.73 -0.76
C TYR A 632 -11.48 -19.32 -1.31
N LEU A 633 -10.37 -18.70 -1.75
CA LEU A 633 -10.38 -17.32 -2.21
C LEU A 633 -10.51 -17.32 -3.73
N THR A 634 -11.63 -16.80 -4.23
CA THR A 634 -11.85 -16.69 -5.66
C THR A 634 -10.94 -15.62 -6.25
N ASP A 635 -10.61 -15.76 -7.53
CA ASP A 635 -9.87 -14.70 -8.22
C ASP A 635 -10.61 -13.38 -8.17
N ASP A 636 -11.95 -13.43 -8.08
CA ASP A 636 -12.72 -12.20 -7.96
C ASP A 636 -12.38 -11.45 -6.68
N LYS A 637 -12.44 -12.14 -5.54
CA LYS A 637 -12.17 -11.50 -4.26
C LYS A 637 -10.69 -11.51 -3.92
N LEU A 638 -9.87 -12.30 -4.61
CA LEU A 638 -8.43 -12.05 -4.62
C LEU A 638 -8.15 -10.67 -5.19
N SER A 639 -8.66 -10.39 -6.38
CA SER A 639 -8.46 -9.08 -7.00
C SER A 639 -9.09 -7.97 -6.17
N GLN A 640 -10.14 -8.28 -5.42
CA GLN A 640 -10.78 -7.27 -4.59
C GLN A 640 -9.89 -6.86 -3.43
N TYR A 641 -9.36 -7.83 -2.68
CA TYR A 641 -8.55 -7.59 -1.51
C TYR A 641 -7.06 -7.51 -1.84
N LEU A 642 -6.69 -7.39 -3.12
CA LEU A 642 -5.29 -7.46 -3.50
C LEU A 642 -4.47 -6.39 -2.80
N ILE A 643 -5.05 -5.20 -2.60
CA ILE A 643 -4.33 -4.12 -1.92
C ILE A 643 -3.80 -4.61 -0.58
N GLN A 644 -4.66 -5.22 0.23
CA GLN A 644 -4.24 -5.66 1.56
C GLN A 644 -3.30 -6.86 1.48
N LEU A 645 -3.52 -7.75 0.51
CA LEU A 645 -2.65 -8.93 0.40
C LEU A 645 -1.23 -8.55 0.01
N VAL A 646 -1.09 -7.58 -0.90
CA VAL A 646 0.24 -7.06 -1.21
C VAL A 646 0.84 -6.35 0.00
N GLN A 647 0.00 -5.70 0.80
CA GLN A 647 0.51 -4.89 1.90
C GLN A 647 1.11 -5.76 3.00
N VAL A 648 0.43 -6.85 3.35
CA VAL A 648 0.91 -7.72 4.41
C VAL A 648 2.18 -8.46 4.05
N LEU A 649 2.60 -8.42 2.78
CA LEU A 649 3.93 -8.92 2.44
C LEU A 649 5.01 -8.20 3.25
N LYS A 650 4.75 -6.95 3.64
CA LYS A 650 5.72 -6.20 4.43
C LYS A 650 5.92 -6.83 5.80
N TYR A 651 4.88 -7.43 6.38
CA TYR A 651 5.00 -8.06 7.68
C TYR A 651 5.77 -9.37 7.61
N GLU A 652 5.87 -9.99 6.44
CA GLU A 652 6.53 -11.27 6.33
C GLU A 652 7.97 -11.18 6.83
N GLN A 653 8.39 -12.19 7.59
CA GLN A 653 9.70 -12.16 8.23
C GLN A 653 10.83 -12.35 7.22
N TYR A 654 10.59 -13.12 6.16
CA TYR A 654 11.63 -13.41 5.18
C TYR A 654 11.09 -13.23 3.77
N LEU A 655 12.01 -13.17 2.80
CA LEU A 655 11.61 -12.97 1.42
C LEU A 655 10.82 -14.15 0.89
N ASP A 656 11.33 -15.36 1.09
CA ASP A 656 10.70 -16.58 0.59
C ASP A 656 9.70 -17.06 1.64
N ASN A 657 8.42 -16.98 1.33
CA ASN A 657 7.37 -17.39 2.25
C ASN A 657 6.19 -17.92 1.46
N LEU A 658 5.27 -18.58 2.16
CA LEU A 658 4.13 -19.20 1.49
C LEU A 658 3.20 -18.16 0.88
N LEU A 659 3.10 -16.97 1.47
CA LEU A 659 2.18 -15.97 0.95
C LEU A 659 2.65 -15.42 -0.39
N VAL A 660 3.92 -14.99 -0.47
CA VAL A 660 4.40 -14.39 -1.71
C VAL A 660 4.34 -15.40 -2.85
N ARG A 661 4.64 -16.67 -2.56
CA ARG A 661 4.55 -17.69 -3.61
C ARG A 661 3.11 -17.88 -4.05
N PHE A 662 2.14 -17.67 -3.16
CA PHE A 662 0.74 -17.77 -3.55
C PHE A 662 0.33 -16.61 -4.44
N LEU A 663 0.64 -15.38 -4.01
CA LEU A 663 0.30 -14.21 -4.81
C LEU A 663 1.02 -14.25 -6.16
N LEU A 664 2.31 -14.58 -6.14
CA LEU A 664 3.07 -14.63 -7.40
C LEU A 664 2.51 -15.70 -8.32
N LYS A 665 2.16 -16.87 -7.77
CA LYS A 665 1.52 -17.91 -8.56
C LYS A 665 0.26 -17.37 -9.24
N LYS A 666 -0.63 -16.73 -8.47
CA LYS A 666 -1.88 -16.25 -9.02
C LYS A 666 -1.66 -15.10 -10.00
N ALA A 667 -0.68 -14.23 -9.72
CA ALA A 667 -0.42 -13.11 -10.62
C ALA A 667 0.07 -13.58 -11.98
N LEU A 668 0.71 -14.75 -12.06
CA LEU A 668 1.22 -15.28 -13.31
C LEU A 668 0.24 -16.21 -14.02
N THR A 669 -0.87 -16.56 -13.36
CA THR A 669 -1.91 -17.38 -13.98
C THR A 669 -3.18 -16.60 -14.26
N ASN A 670 -3.22 -15.30 -13.93
CA ASN A 670 -4.38 -14.46 -14.19
C ASN A 670 -3.85 -13.05 -14.45
N GLN A 671 -3.84 -12.64 -15.72
CA GLN A 671 -3.22 -11.37 -16.08
C GLN A 671 -4.01 -10.17 -15.57
N ARG A 672 -5.27 -10.34 -15.19
CA ARG A 672 -6.02 -9.23 -14.63
C ARG A 672 -5.47 -8.85 -13.25
N ILE A 673 -5.32 -9.83 -12.36
CA ILE A 673 -4.74 -9.55 -11.06
C ILE A 673 -3.23 -9.38 -11.14
N GLY A 674 -2.59 -9.93 -12.18
CA GLY A 674 -1.17 -9.68 -12.38
C GLY A 674 -0.89 -8.26 -12.80
N HIS A 675 -1.86 -7.60 -13.45
CA HIS A 675 -1.70 -6.20 -13.80
C HIS A 675 -1.59 -5.32 -12.55
N PHE A 676 -2.58 -5.43 -11.65
CA PHE A 676 -2.56 -4.62 -10.45
C PHE A 676 -1.54 -5.11 -9.44
N PHE A 677 -1.26 -6.42 -9.42
CA PHE A 677 -0.16 -6.94 -8.65
C PHE A 677 1.12 -6.19 -8.99
N PHE A 678 1.39 -6.02 -10.28
CA PHE A 678 2.58 -5.29 -10.71
C PHE A 678 2.52 -3.84 -10.27
N TRP A 679 1.38 -3.17 -10.48
CA TRP A 679 1.32 -1.73 -10.25
C TRP A 679 1.32 -1.38 -8.77
N HIS A 680 0.72 -2.22 -7.92
CA HIS A 680 0.77 -1.94 -6.49
C HIS A 680 2.18 -2.13 -5.94
N LEU A 681 2.89 -3.14 -6.44
CA LEU A 681 4.30 -3.30 -6.07
C LEU A 681 5.15 -2.17 -6.63
N LYS A 682 4.91 -1.80 -7.89
CA LYS A 682 5.68 -0.71 -8.51
C LYS A 682 5.46 0.60 -7.78
N SER A 683 4.22 0.87 -7.34
CA SER A 683 3.91 2.15 -6.74
C SER A 683 4.68 2.42 -5.47
N GLU A 684 5.29 1.39 -4.86
CA GLU A 684 6.05 1.54 -3.63
C GLU A 684 7.53 1.26 -3.82
N MET A 685 8.01 1.26 -5.06
CA MET A 685 9.43 1.02 -5.30
C MET A 685 10.29 2.08 -4.63
N HIS A 686 9.81 3.32 -4.56
CA HIS A 686 10.61 4.39 -3.97
C HIS A 686 10.92 4.12 -2.50
N ASN A 687 9.97 3.54 -1.77
CA ASN A 687 10.12 3.31 -0.34
C ASN A 687 11.25 2.32 -0.11
N LYS A 688 12.36 2.79 0.46
CA LYS A 688 13.53 1.95 0.64
C LYS A 688 13.32 0.83 1.65
N THR A 689 12.27 0.89 2.47
CA THR A 689 12.02 -0.19 3.42
C THR A 689 11.52 -1.46 2.73
N VAL A 690 11.03 -1.35 1.49
CA VAL A 690 10.55 -2.50 0.75
C VAL A 690 11.06 -2.55 -0.68
N SER A 691 11.83 -1.54 -1.12
CA SER A 691 12.25 -1.48 -2.51
C SER A 691 12.97 -2.76 -2.94
N GLN A 692 13.63 -3.45 -2.01
CA GLN A 692 14.34 -4.67 -2.38
C GLN A 692 13.39 -5.87 -2.43
N ARG A 693 12.57 -6.04 -1.38
CA ARG A 693 11.62 -7.15 -1.39
C ARG A 693 10.71 -7.07 -2.60
N PHE A 694 10.12 -5.91 -2.86
CA PHE A 694 9.23 -5.74 -4.00
C PHE A 694 10.00 -5.80 -5.31
N GLY A 695 11.22 -5.25 -5.34
CA GLY A 695 12.01 -5.30 -6.55
C GLY A 695 12.30 -6.73 -6.99
N LEU A 696 12.79 -7.55 -6.07
CA LEU A 696 13.01 -8.96 -6.39
C LEU A 696 11.71 -9.63 -6.82
N LEU A 697 10.60 -9.31 -6.15
CA LEU A 697 9.32 -9.90 -6.51
C LEU A 697 8.88 -9.46 -7.89
N LEU A 698 9.05 -8.18 -8.21
CA LEU A 698 8.72 -7.69 -9.54
C LEU A 698 9.62 -8.32 -10.61
N GLU A 699 10.91 -8.49 -10.31
CA GLU A 699 11.82 -9.12 -11.25
C GLU A 699 11.26 -10.47 -11.69
N SER A 700 10.85 -11.31 -10.73
CA SER A 700 10.37 -12.64 -11.07
C SER A 700 9.08 -12.56 -11.88
N TYR A 701 8.19 -11.65 -11.53
CA TYR A 701 6.95 -11.50 -12.29
C TYR A 701 7.25 -11.09 -13.73
N CYS A 702 7.99 -10.00 -13.91
CA CYS A 702 8.27 -9.51 -15.25
C CYS A 702 9.03 -10.54 -16.08
N ARG A 703 9.81 -11.41 -15.42
CA ARG A 703 10.55 -12.44 -16.13
C ARG A 703 9.67 -13.59 -16.59
N ALA A 704 8.43 -13.67 -16.11
CA ALA A 704 7.55 -14.79 -16.43
C ALA A 704 6.14 -14.37 -16.84
N CYS A 705 5.82 -13.08 -16.80
CA CYS A 705 4.47 -12.65 -17.17
C CYS A 705 4.20 -12.78 -18.66
N GLY A 706 5.23 -13.00 -19.47
CA GLY A 706 5.05 -13.20 -20.90
C GLY A 706 5.05 -11.91 -21.69
N MET A 707 4.30 -11.90 -22.79
CA MET A 707 4.27 -10.73 -23.66
C MET A 707 3.66 -9.51 -23.00
N TYR A 708 3.00 -9.65 -21.86
CA TYR A 708 2.40 -8.49 -21.21
C TYR A 708 3.44 -7.50 -20.72
N LEU A 709 4.67 -7.95 -20.49
CA LEU A 709 5.73 -7.03 -20.12
C LEU A 709 5.90 -5.93 -21.17
N LYS A 710 5.74 -6.28 -22.45
CA LYS A 710 5.81 -5.27 -23.50
C LYS A 710 4.74 -4.21 -23.30
N HIS A 711 3.53 -4.64 -22.93
CA HIS A 711 2.44 -3.69 -22.71
C HIS A 711 2.68 -2.85 -21.47
N LEU A 712 3.15 -3.46 -20.39
CA LEU A 712 3.43 -2.72 -19.17
C LEU A 712 4.48 -1.63 -19.42
N ASN A 713 5.50 -1.94 -20.23
CA ASN A 713 6.53 -0.94 -20.49
C ASN A 713 5.98 0.25 -21.27
N ARG A 714 4.96 0.04 -22.11
CA ARG A 714 4.33 1.16 -22.78
C ARG A 714 3.54 2.01 -21.79
N GLN A 715 2.90 1.37 -20.80
CA GLN A 715 2.25 2.12 -19.74
C GLN A 715 3.27 2.91 -18.92
N VAL A 716 4.36 2.24 -18.52
CA VAL A 716 5.37 2.89 -17.69
C VAL A 716 5.96 4.09 -18.42
N GLU A 717 6.28 3.93 -19.70
CA GLU A 717 6.83 5.05 -20.46
C GLU A 717 5.81 6.17 -20.61
N ALA A 718 4.53 5.82 -20.76
CA ALA A 718 3.50 6.85 -20.85
C ALA A 718 3.40 7.64 -19.54
N MET A 719 3.41 6.94 -18.41
CA MET A 719 3.39 7.64 -17.12
C MET A 719 4.65 8.47 -16.94
N GLU A 720 5.82 7.93 -17.32
CA GLU A 720 7.06 8.68 -17.18
C GLU A 720 6.99 9.99 -17.95
N LYS A 721 6.43 9.98 -19.15
CA LYS A 721 6.31 11.22 -19.91
C LYS A 721 5.37 12.20 -19.23
N LEU A 722 4.26 11.70 -18.66
CA LEU A 722 3.32 12.59 -17.99
C LEU A 722 3.90 13.14 -16.70
N ILE A 723 4.60 12.30 -15.92
CA ILE A 723 5.16 12.76 -14.65
C ILE A 723 6.28 13.77 -14.91
N ASN A 724 6.98 13.66 -16.04
CA ASN A 724 8.03 14.61 -16.35
C ASN A 724 7.46 15.94 -16.82
N LEU A 725 6.36 15.92 -17.59
CA LEU A 725 5.74 17.17 -18.01
C LEU A 725 5.13 17.91 -16.83
N THR A 726 4.48 17.19 -15.91
CA THR A 726 3.93 17.83 -14.73
C THR A 726 5.03 18.36 -13.82
N ASP A 727 6.13 17.61 -13.69
CA ASP A 727 7.27 18.13 -12.94
C ASP A 727 7.77 19.43 -13.52
N ILE A 728 7.86 19.52 -14.85
CA ILE A 728 8.27 20.76 -15.50
C ILE A 728 7.26 21.86 -15.21
N LEU A 729 5.97 21.55 -15.33
CA LEU A 729 4.93 22.53 -15.02
C LEU A 729 4.91 22.91 -13.55
N LYS A 730 5.41 22.05 -12.67
CA LYS A 730 5.40 22.30 -11.24
C LYS A 730 6.70 22.88 -10.71
N GLN A 731 7.82 22.68 -11.41
CA GLN A 731 9.12 23.13 -10.93
C GLN A 731 9.70 24.28 -11.74
N GLU A 732 9.54 24.28 -13.06
CA GLU A 732 10.12 25.33 -13.90
C GLU A 732 9.13 26.47 -14.12
N LYS A 733 8.02 26.20 -14.79
CA LYS A 733 7.04 27.23 -15.14
C LYS A 733 5.89 27.29 -14.14
N LYS A 734 6.19 27.05 -12.85
CA LYS A 734 5.20 27.27 -11.82
C LYS A 734 4.83 28.75 -11.70
N ASP A 735 5.80 29.64 -11.94
CA ASP A 735 5.56 31.07 -11.88
C ASP A 735 4.88 31.60 -13.15
N GLU A 736 5.05 30.92 -14.28
CA GLU A 736 4.42 31.35 -15.52
C GLU A 736 2.89 31.33 -15.37
N THR A 737 2.23 32.06 -16.24
CA THR A 737 0.78 32.13 -16.20
C THR A 737 0.16 30.78 -16.55
N GLN A 738 -1.15 30.67 -16.36
CA GLN A 738 -1.85 29.43 -16.65
C GLN A 738 -2.06 29.22 -18.14
N LYS A 739 -2.05 30.28 -18.94
CA LYS A 739 -2.11 30.13 -20.39
C LYS A 739 -0.73 29.84 -20.97
N VAL A 740 0.33 30.42 -20.39
CA VAL A 740 1.68 30.05 -20.80
C VAL A 740 1.92 28.57 -20.52
N GLN A 741 1.48 28.09 -19.36
CA GLN A 741 1.55 26.65 -19.08
C GLN A 741 0.72 25.86 -20.08
N MET A 742 -0.46 26.38 -20.45
CA MET A 742 -1.32 25.67 -21.39
C MET A 742 -0.65 25.56 -22.75
N LYS A 743 0.07 26.60 -23.18
CA LYS A 743 0.74 26.55 -24.48
C LYS A 743 1.94 25.63 -24.45
N PHE A 744 2.66 25.55 -23.32
CA PHE A 744 3.70 24.54 -23.19
C PHE A 744 3.11 23.14 -23.26
N LEU A 745 1.96 22.93 -22.62
CA LEU A 745 1.29 21.65 -22.70
C LEU A 745 0.87 21.32 -24.13
N VAL A 746 0.08 22.21 -24.74
CA VAL A 746 -0.44 21.93 -26.08
C VAL A 746 0.69 21.73 -27.07
N GLU A 747 1.80 22.46 -26.89
CA GLU A 747 2.93 22.30 -27.80
C GLU A 747 3.74 21.06 -27.47
N GLN A 748 3.91 20.76 -26.18
CA GLN A 748 4.69 19.59 -25.79
C GLN A 748 3.96 18.30 -26.17
N MET A 749 2.64 18.28 -26.05
CA MET A 749 1.88 17.08 -26.38
C MET A 749 1.81 16.84 -27.88
N ARG A 750 1.95 17.89 -28.69
CA ARG A 750 1.90 17.75 -30.14
C ARG A 750 3.19 17.14 -30.71
N ARG A 751 4.29 17.18 -29.97
CA ARG A 751 5.52 16.59 -30.44
C ARG A 751 5.29 15.13 -30.83
N PRO A 752 5.90 14.64 -31.91
CA PRO A 752 5.58 13.27 -32.34
C PRO A 752 5.99 12.21 -31.34
N ASP A 753 7.20 12.32 -30.76
CA ASP A 753 7.66 11.31 -29.81
C ASP A 753 6.71 11.19 -28.62
N PHE A 754 6.07 12.30 -28.23
CA PHE A 754 5.12 12.25 -27.13
C PHE A 754 3.84 11.54 -27.54
N MET A 755 3.30 11.87 -28.72
CA MET A 755 2.05 11.27 -29.16
C MET A 755 2.22 9.78 -29.42
N ASP A 756 3.36 9.38 -29.98
CA ASP A 756 3.59 7.96 -30.22
C ASP A 756 3.67 7.18 -28.92
N ALA A 757 4.03 7.84 -27.82
CA ALA A 757 4.13 7.18 -26.52
C ALA A 757 2.82 7.22 -25.75
N LEU A 758 2.04 8.29 -25.88
CA LEU A 758 0.79 8.44 -25.15
C LEU A 758 -0.43 7.98 -25.93
N GLN A 759 -0.27 7.59 -27.20
CA GLN A 759 -1.37 7.11 -28.01
C GLN A 759 -1.18 5.61 -28.28
N GLY A 760 -2.23 4.83 -28.04
CA GLY A 760 -2.20 3.42 -28.33
C GLY A 760 -1.58 2.58 -27.23
N PHE A 761 -2.15 2.65 -26.03
CA PHE A 761 -1.71 1.81 -24.93
C PHE A 761 -2.90 1.56 -24.02
N LEU A 762 -2.74 0.59 -23.11
CA LEU A 762 -3.83 0.17 -22.25
C LEU A 762 -3.91 1.06 -21.00
N SER A 763 -5.13 1.27 -20.54
CA SER A 763 -5.35 2.10 -19.37
C SER A 763 -4.94 1.38 -18.09
N PRO A 764 -4.00 1.92 -17.31
CA PRO A 764 -3.63 1.26 -16.04
C PRO A 764 -4.80 1.12 -15.08
N LEU A 765 -5.82 1.97 -15.19
CA LEU A 765 -7.00 1.83 -14.34
C LEU A 765 -7.79 0.58 -14.68
N ASN A 766 -7.73 0.12 -15.93
CA ASN A 766 -8.45 -1.05 -16.39
C ASN A 766 -7.86 -1.47 -17.73
N PRO A 767 -6.94 -2.44 -17.78
CA PRO A 767 -6.30 -2.78 -19.05
C PRO A 767 -7.28 -3.23 -20.13
N ALA A 768 -8.53 -3.55 -19.77
CA ALA A 768 -9.52 -3.86 -20.77
C ALA A 768 -9.89 -2.65 -21.61
N HIS A 769 -9.57 -1.45 -21.15
CA HIS A 769 -9.84 -0.22 -21.89
C HIS A 769 -8.60 0.17 -22.69
N GLN A 770 -8.72 0.16 -24.01
CA GLN A 770 -7.65 0.65 -24.87
C GLN A 770 -7.72 2.17 -24.97
N LEU A 771 -6.55 2.80 -24.94
CA LEU A 771 -6.43 4.25 -25.08
C LEU A 771 -5.80 4.53 -26.45
N GLY A 772 -6.61 4.99 -27.39
CA GLY A 772 -6.14 5.24 -28.74
C GLY A 772 -5.56 6.64 -28.91
N ASN A 773 -6.11 7.39 -29.85
CA ASN A 773 -5.60 8.73 -30.13
C ASN A 773 -6.02 9.72 -29.06
N LEU A 774 -5.21 10.75 -28.87
CA LEU A 774 -5.53 11.81 -27.93
C LEU A 774 -6.48 12.81 -28.57
N ARG A 775 -7.50 13.22 -27.82
CA ARG A 775 -8.33 14.35 -28.19
C ARG A 775 -7.72 15.62 -27.59
N LEU A 776 -6.62 16.05 -28.19
CA LEU A 776 -5.86 17.18 -27.68
C LEU A 776 -6.75 18.41 -27.48
N GLU A 777 -7.86 18.50 -28.23
CA GLU A 777 -8.79 19.60 -28.04
C GLU A 777 -9.37 19.61 -26.63
N GLU A 778 -9.42 18.44 -25.98
CA GLU A 778 -10.06 18.30 -24.68
C GLU A 778 -9.06 18.18 -23.53
N CYS A 779 -7.77 18.09 -23.82
CA CYS A 779 -6.77 18.00 -22.77
C CYS A 779 -6.43 19.38 -22.24
N ARG A 780 -6.08 19.44 -20.96
CA ARG A 780 -5.89 20.71 -20.28
C ARG A 780 -5.26 20.47 -18.91
N ILE A 781 -4.66 21.53 -18.36
CA ILE A 781 -4.28 21.56 -16.95
C ILE A 781 -5.50 22.03 -16.15
N MET A 782 -5.59 21.57 -14.91
CA MET A 782 -6.75 21.84 -14.07
C MET A 782 -6.43 22.94 -13.06
N SER A 783 -7.41 23.24 -12.22
CA SER A 783 -7.34 24.43 -11.37
C SER A 783 -6.46 24.22 -10.14
N SER A 784 -6.33 22.99 -9.67
CA SER A 784 -5.58 22.74 -8.44
C SER A 784 -4.15 23.26 -8.57
N ALA A 785 -3.54 23.54 -7.40
CA ALA A 785 -2.17 24.06 -7.39
C ALA A 785 -1.21 23.06 -8.00
N LYS A 786 -1.38 21.78 -7.70
CA LYS A 786 -0.56 20.74 -8.33
C LYS A 786 -0.88 20.57 -9.81
N ARG A 787 -1.91 21.26 -10.31
CA ARG A 787 -2.25 21.30 -11.73
C ARG A 787 -2.23 19.89 -12.35
N PRO A 788 -3.17 19.04 -11.98
CA PRO A 788 -3.28 17.73 -12.65
C PRO A 788 -3.75 17.89 -14.08
N LEU A 789 -3.49 16.86 -14.87
CA LEU A 789 -3.81 16.86 -16.29
C LEU A 789 -5.14 16.16 -16.53
N TRP A 790 -6.05 16.86 -17.19
CA TRP A 790 -7.28 16.26 -17.70
C TRP A 790 -6.98 15.71 -19.09
N LEU A 791 -6.94 14.39 -19.22
CA LEU A 791 -6.57 13.73 -20.46
C LEU A 791 -7.77 12.96 -21.02
N ASN A 792 -7.87 12.95 -22.35
CA ASN A 792 -9.01 12.36 -23.06
C ASN A 792 -8.50 11.61 -24.28
N TRP A 793 -8.80 10.32 -24.35
CA TRP A 793 -8.45 9.48 -25.49
C TRP A 793 -9.70 9.02 -26.23
N GLU A 794 -9.50 8.68 -27.50
CA GLU A 794 -10.52 7.96 -28.25
C GLU A 794 -10.50 6.48 -27.85
N ASN A 795 -11.66 5.85 -27.90
CA ASN A 795 -11.75 4.41 -27.70
C ASN A 795 -11.62 3.74 -29.06
N PRO A 796 -10.50 3.05 -29.35
CA PRO A 796 -10.30 2.51 -30.70
C PRO A 796 -11.09 1.26 -31.00
N ASP A 797 -11.91 0.77 -30.08
CA ASP A 797 -12.66 -0.46 -30.33
C ASP A 797 -13.50 -0.33 -31.58
N ILE A 798 -13.67 -1.45 -32.29
CA ILE A 798 -14.44 -1.45 -33.54
C ILE A 798 -15.84 -0.90 -33.29
N MET A 799 -16.43 -1.27 -32.15
CA MET A 799 -17.77 -0.84 -31.80
C MET A 799 -17.75 0.03 -30.55
N SER A 800 -16.81 0.97 -30.50
CA SER A 800 -16.67 1.82 -29.33
C SER A 800 -17.95 2.58 -29.01
N GLU A 801 -18.74 2.90 -30.04
CA GLU A 801 -19.94 3.72 -29.82
C GLU A 801 -20.94 3.04 -28.90
N LEU A 802 -20.86 1.73 -28.72
CA LEU A 802 -21.82 0.99 -27.91
C LEU A 802 -21.46 0.97 -26.43
N LEU A 803 -20.34 1.59 -26.03
CA LEU A 803 -19.95 1.63 -24.63
C LEU A 803 -19.60 3.06 -24.24
N PHE A 804 -18.43 3.54 -24.65
CA PHE A 804 -18.12 4.96 -24.58
C PHE A 804 -17.13 5.28 -25.69
N GLN A 805 -17.41 6.33 -26.46
CA GLN A 805 -16.62 6.64 -27.64
C GLN A 805 -15.33 7.37 -27.31
N ASN A 806 -15.24 8.02 -26.16
CA ASN A 806 -14.00 8.64 -25.70
C ASN A 806 -13.86 8.44 -24.20
N ASN A 807 -12.63 8.21 -23.76
CA ASN A 807 -12.31 7.85 -22.38
C ASN A 807 -11.34 8.87 -21.82
N GLU A 808 -11.71 9.50 -20.70
CA GLU A 808 -10.93 10.59 -20.14
C GLU A 808 -10.56 10.31 -18.69
N ILE A 809 -9.31 10.62 -18.35
CA ILE A 809 -8.72 10.29 -17.06
C ILE A 809 -7.95 11.49 -16.55
N ILE A 810 -7.91 11.64 -15.22
CA ILE A 810 -7.14 12.70 -14.58
C ILE A 810 -5.82 12.10 -14.09
N PHE A 811 -4.71 12.71 -14.49
CA PHE A 811 -3.39 12.36 -14.01
C PHE A 811 -2.93 13.44 -13.04
N LYS A 812 -2.71 13.07 -11.79
CA LYS A 812 -2.32 14.01 -10.75
C LYS A 812 -0.96 13.64 -10.18
N ASN A 813 -0.04 14.59 -10.19
CA ASN A 813 1.32 14.41 -9.68
C ASN A 813 1.52 15.36 -8.50
N GLY A 814 1.72 14.80 -7.31
CA GLY A 814 1.97 15.60 -6.13
C GLY A 814 1.08 15.26 -4.96
N ASP A 815 0.04 14.47 -5.18
CA ASP A 815 -0.91 14.10 -4.15
C ASP A 815 -0.79 12.60 -3.84
N ASP A 816 -0.79 12.28 -2.55
CA ASP A 816 -0.78 10.89 -2.10
C ASP A 816 -2.18 10.30 -2.33
N LEU A 817 -2.30 9.44 -3.35
CA LEU A 817 -3.60 8.95 -3.77
C LEU A 817 -4.01 7.65 -3.08
N ARG A 818 -3.13 7.04 -2.29
CA ARG A 818 -3.48 5.75 -1.71
C ARG A 818 -4.56 5.86 -0.63
N GLN A 819 -4.79 7.05 -0.09
CA GLN A 819 -5.94 7.22 0.81
C GLN A 819 -7.24 7.09 0.04
N ASP A 820 -7.29 7.61 -1.18
CA ASP A 820 -8.49 7.49 -2.00
C ASP A 820 -8.66 6.06 -2.50
N MET A 821 -7.56 5.38 -2.82
CA MET A 821 -7.65 3.97 -3.21
C MET A 821 -8.33 3.15 -2.13
N LEU A 822 -7.82 3.21 -0.90
CA LEU A 822 -8.39 2.42 0.19
C LEU A 822 -9.83 2.82 0.46
N THR A 823 -10.13 4.11 0.44
CA THR A 823 -11.49 4.57 0.70
C THR A 823 -12.43 4.09 -0.41
N LEU A 824 -12.03 4.30 -1.67
CA LEU A 824 -12.88 3.87 -2.78
C LEU A 824 -13.03 2.35 -2.80
N GLN A 825 -11.97 1.62 -2.46
CA GLN A 825 -12.09 0.17 -2.33
C GLN A 825 -13.08 -0.20 -1.25
N ILE A 826 -12.92 0.41 -0.07
CA ILE A 826 -13.82 0.11 1.06
C ILE A 826 -15.26 0.40 0.67
N ILE A 827 -15.49 1.49 -0.07
CA ILE A 827 -16.84 1.82 -0.51
C ILE A 827 -17.38 0.73 -1.43
N ARG A 828 -16.53 0.17 -2.28
CA ARG A 828 -16.96 -0.92 -3.14
C ARG A 828 -17.30 -2.16 -2.33
N ILE A 829 -16.56 -2.44 -1.26
CA ILE A 829 -16.89 -3.56 -0.39
C ILE A 829 -18.28 -3.37 0.20
N MET A 830 -18.54 -2.17 0.73
CA MET A 830 -19.84 -1.90 1.36
C MET A 830 -20.97 -2.01 0.34
N GLU A 831 -20.76 -1.49 -0.87
CA GLU A 831 -21.78 -1.62 -1.91
C GLU A 831 -22.04 -3.09 -2.24
N ASN A 832 -20.98 -3.88 -2.33
CA ASN A 832 -21.15 -5.31 -2.62
C ASN A 832 -21.93 -6.01 -1.51
N ILE A 833 -21.69 -5.61 -0.26
CA ILE A 833 -22.42 -6.20 0.86
C ILE A 833 -23.90 -5.84 0.76
N TRP A 834 -24.20 -4.57 0.52
CA TRP A 834 -25.59 -4.13 0.45
C TRP A 834 -26.34 -4.80 -0.70
N GLN A 835 -25.71 -4.84 -1.88
CA GLN A 835 -26.36 -5.46 -3.03
C GLN A 835 -26.73 -6.92 -2.75
N ASN A 836 -25.82 -7.67 -2.13
CA ASN A 836 -26.10 -9.07 -1.85
C ASN A 836 -27.17 -9.24 -0.78
N GLN A 837 -27.29 -8.29 0.15
CA GLN A 837 -28.38 -8.32 1.11
C GLN A 837 -29.71 -7.87 0.53
N GLY A 838 -29.72 -7.34 -0.69
CA GLY A 838 -30.93 -6.83 -1.30
C GLY A 838 -31.11 -5.33 -1.24
N LEU A 839 -30.19 -4.61 -0.60
CA LEU A 839 -30.24 -3.15 -0.57
C LEU A 839 -29.62 -2.62 -1.85
N ASP A 840 -30.46 -2.08 -2.73
CA ASP A 840 -29.99 -1.53 -4.01
C ASP A 840 -29.52 -0.09 -3.84
N LEU A 841 -28.52 0.08 -2.97
CA LEU A 841 -27.89 1.37 -2.74
C LEU A 841 -26.71 1.50 -3.70
N ARG A 842 -26.82 2.42 -4.66
CA ARG A 842 -25.83 2.56 -5.72
C ARG A 842 -24.72 3.50 -5.27
N MET A 843 -23.52 2.95 -5.12
CA MET A 843 -22.32 3.75 -4.86
C MET A 843 -21.55 3.94 -6.16
N LEU A 844 -20.55 4.81 -6.12
CA LEU A 844 -19.72 5.12 -7.29
C LEU A 844 -18.25 5.07 -6.87
N PRO A 845 -17.73 3.87 -6.64
CA PRO A 845 -16.28 3.72 -6.38
C PRO A 845 -15.47 3.86 -7.68
N TYR A 846 -15.34 5.10 -8.14
CA TYR A 846 -14.63 5.36 -9.39
C TYR A 846 -13.19 4.88 -9.30
N GLY A 847 -12.58 4.70 -10.46
CA GLY A 847 -11.23 4.18 -10.53
C GLY A 847 -10.22 5.15 -9.93
N CYS A 848 -9.25 4.59 -9.22
CA CYS A 848 -8.17 5.38 -8.64
C CYS A 848 -7.00 4.44 -8.39
N LEU A 849 -5.82 4.82 -8.87
CA LEU A 849 -4.65 3.95 -8.79
C LEU A 849 -3.41 4.79 -8.53
N SER A 850 -2.68 4.46 -7.47
CA SER A 850 -1.38 5.06 -7.21
C SER A 850 -0.31 4.30 -7.99
N ILE A 851 0.51 5.02 -8.74
CA ILE A 851 1.57 4.43 -9.53
C ILE A 851 2.95 4.77 -8.99
N GLY A 852 3.03 5.49 -7.88
CA GLY A 852 4.32 5.88 -7.34
C GLY A 852 4.14 6.82 -6.17
N ASP A 853 5.23 7.51 -5.83
CA ASP A 853 5.23 8.48 -4.73
C ASP A 853 4.40 9.68 -5.12
N CYS A 854 3.19 9.77 -4.60
CA CYS A 854 2.31 10.92 -4.82
C CYS A 854 2.11 11.18 -6.30
N VAL A 855 1.60 10.16 -6.99
CA VAL A 855 1.29 10.26 -8.41
C VAL A 855 0.38 9.09 -8.76
N GLY A 856 -0.62 9.37 -9.59
CA GLY A 856 -1.53 8.31 -9.99
C GLY A 856 -2.64 8.84 -10.89
N LEU A 857 -3.59 7.96 -11.16
CA LEU A 857 -4.67 8.22 -12.10
C LEU A 857 -6.02 8.16 -11.41
N ILE A 858 -6.96 8.95 -11.90
CA ILE A 858 -8.32 9.01 -11.37
C ILE A 858 -9.30 8.98 -12.52
N GLU A 859 -10.32 8.13 -12.40
CA GLU A 859 -11.34 8.01 -13.44
C GLU A 859 -12.30 9.18 -13.38
N VAL A 860 -12.54 9.80 -14.53
CA VAL A 860 -13.53 10.86 -14.64
C VAL A 860 -14.90 10.23 -14.75
N VAL A 861 -15.87 10.76 -14.01
CA VAL A 861 -17.26 10.35 -14.10
C VAL A 861 -17.94 11.31 -15.07
N ARG A 862 -18.42 10.79 -16.20
CA ARG A 862 -19.05 11.63 -17.19
C ARG A 862 -20.42 12.11 -16.72
N ASN A 863 -20.82 13.28 -17.22
CA ASN A 863 -22.13 13.86 -16.96
C ASN A 863 -22.40 13.95 -15.45
N SER A 864 -21.49 14.62 -14.76
CA SER A 864 -21.60 14.81 -13.32
C SER A 864 -21.08 16.18 -12.93
N HIS A 865 -21.65 16.74 -11.87
CA HIS A 865 -21.29 18.04 -11.36
C HIS A 865 -21.21 17.99 -9.85
N THR A 866 -20.52 18.97 -9.27
CA THR A 866 -20.53 19.13 -7.82
C THR A 866 -21.80 19.84 -7.38
N ILE A 867 -22.13 19.69 -6.09
CA ILE A 867 -23.30 20.38 -5.56
C ILE A 867 -23.06 21.89 -5.56
N MET A 868 -21.80 22.32 -5.40
CA MET A 868 -21.49 23.74 -5.50
C MET A 868 -21.68 24.24 -6.92
N GLN A 869 -21.27 23.44 -7.91
CA GLN A 869 -21.50 23.82 -9.31
C GLN A 869 -22.98 23.94 -9.62
N ILE A 870 -23.80 23.07 -9.01
CA ILE A 870 -25.23 23.08 -9.28
C ILE A 870 -25.90 24.25 -8.58
N GLN A 871 -25.46 24.59 -7.36
CA GLN A 871 -25.98 25.77 -6.69
C GLN A 871 -25.77 27.02 -7.55
N CYS A 872 -24.63 27.10 -8.23
CA CYS A 872 -24.30 28.25 -9.05
C CYS A 872 -25.07 28.28 -10.36
N LYS A 873 -25.73 27.18 -10.74
CA LYS A 873 -26.60 27.19 -11.91
C LYS A 873 -27.96 27.80 -11.61
N GLY A 874 -28.32 27.92 -10.34
CA GLY A 874 -29.54 28.55 -9.91
C GLY A 874 -29.33 30.00 -9.52
N GLY A 875 -30.14 30.47 -8.56
CA GLY A 875 -30.10 31.84 -8.12
C GLY A 875 -30.12 31.95 -6.61
N LEU A 876 -30.03 33.20 -6.14
CA LEU A 876 -30.03 33.48 -4.71
C LEU A 876 -31.46 33.73 -4.26
N LYS A 877 -31.94 32.90 -3.33
CA LYS A 877 -33.29 33.05 -2.79
C LYS A 877 -33.30 34.00 -1.60
N GLY A 878 -32.57 33.66 -0.54
CA GLY A 878 -32.47 34.52 0.61
C GLY A 878 -31.47 35.64 0.41
N ALA A 879 -31.21 36.36 1.49
CA ALA A 879 -30.23 37.43 1.48
C ALA A 879 -28.84 36.83 1.27
N LEU A 880 -28.33 36.91 0.05
CA LEU A 880 -27.05 36.32 -0.31
C LEU A 880 -27.00 34.85 0.11
N GLN A 881 -28.05 34.13 -0.24
CA GLN A 881 -28.18 32.72 0.11
C GLN A 881 -28.69 31.96 -1.11
N PHE A 882 -27.96 30.93 -1.51
CA PHE A 882 -28.39 30.11 -2.64
C PHE A 882 -29.73 29.46 -2.35
N ASN A 883 -30.50 29.25 -3.41
CA ASN A 883 -31.80 28.61 -3.28
C ASN A 883 -31.61 27.13 -2.97
N SER A 884 -32.22 26.66 -1.87
CA SER A 884 -32.08 25.27 -1.48
C SER A 884 -32.73 24.34 -2.49
N HIS A 885 -33.77 24.81 -3.19
CA HIS A 885 -34.45 24.01 -4.19
C HIS A 885 -33.71 23.94 -5.52
N THR A 886 -32.57 24.62 -5.64
CA THR A 886 -31.86 24.64 -6.92
C THR A 886 -31.41 23.24 -7.33
N LEU A 887 -31.04 22.40 -6.37
CA LEU A 887 -30.64 21.03 -6.68
C LEU A 887 -31.81 20.22 -7.22
N HIS A 888 -32.98 20.35 -6.59
CA HIS A 888 -34.15 19.62 -7.06
C HIS A 888 -34.61 20.11 -8.43
N GLN A 889 -34.60 21.42 -8.64
CA GLN A 889 -35.01 21.98 -9.92
C GLN A 889 -34.05 21.55 -11.04
N TRP A 890 -32.75 21.56 -10.77
CA TRP A 890 -31.79 21.09 -11.76
C TRP A 890 -32.02 19.62 -12.11
N LEU A 891 -32.33 18.81 -11.09
CA LEU A 891 -32.53 17.39 -11.34
C LEU A 891 -33.81 17.14 -12.12
N LYS A 892 -34.85 17.95 -11.87
CA LYS A 892 -36.07 17.86 -12.68
C LYS A 892 -35.78 18.21 -14.14
N ASP A 893 -35.02 19.29 -14.37
CA ASP A 893 -34.73 19.71 -15.73
C ASP A 893 -33.95 18.64 -16.50
N LYS A 894 -33.14 17.86 -15.81
CA LYS A 894 -32.38 16.79 -16.44
C LYS A 894 -33.17 15.49 -16.57
N ASN A 895 -34.33 15.38 -15.91
CA ASN A 895 -35.11 14.16 -15.91
C ASN A 895 -36.60 14.50 -16.08
N LYS A 896 -36.94 15.08 -17.22
CA LYS A 896 -38.33 15.36 -17.52
C LYS A 896 -39.12 14.08 -17.73
N GLY A 897 -40.38 14.11 -17.32
CA GLY A 897 -41.31 13.03 -17.66
C GLY A 897 -41.26 11.83 -16.74
N GLU A 898 -41.56 10.65 -17.32
CA GLU A 898 -41.68 9.44 -16.52
C GLU A 898 -40.38 9.06 -15.83
N ILE A 899 -39.22 9.49 -16.36
CA ILE A 899 -37.95 9.15 -15.75
C ILE A 899 -37.65 9.96 -14.50
N TYR A 900 -38.57 10.84 -14.08
CA TYR A 900 -38.33 11.63 -12.88
C TYR A 900 -38.27 10.76 -11.64
N ASP A 901 -39.25 9.88 -11.46
CA ASP A 901 -39.28 9.03 -10.28
C ASP A 901 -38.00 8.21 -10.16
N ALA A 902 -37.46 7.75 -11.30
CA ALA A 902 -36.24 6.96 -11.27
C ALA A 902 -35.07 7.79 -10.74
N ALA A 903 -34.98 9.05 -11.15
CA ALA A 903 -33.87 9.89 -10.69
C ALA A 903 -33.97 10.15 -9.19
N ILE A 904 -35.18 10.40 -8.68
CA ILE A 904 -35.34 10.61 -7.25
C ILE A 904 -34.99 9.33 -6.49
N ASP A 905 -35.46 8.17 -6.99
CA ASP A 905 -35.13 6.91 -6.34
C ASP A 905 -33.61 6.69 -6.31
N LEU A 906 -32.94 6.98 -7.44
CA LEU A 906 -31.50 6.79 -7.49
C LEU A 906 -30.76 7.77 -6.58
N PHE A 907 -31.25 9.01 -6.49
CA PHE A 907 -30.62 9.97 -5.59
C PHE A 907 -30.80 9.57 -4.14
N THR A 908 -32.02 9.18 -3.77
CA THR A 908 -32.29 8.82 -2.37
C THR A 908 -31.50 7.59 -1.96
N ARG A 909 -31.31 6.63 -2.89
CA ARG A 909 -30.57 5.42 -2.56
C ARG A 909 -29.08 5.69 -2.48
N SER A 910 -28.53 6.40 -3.48
CA SER A 910 -27.11 6.73 -3.44
C SER A 910 -26.79 7.65 -2.28
N CYS A 911 -27.70 8.58 -1.97
CA CYS A 911 -27.48 9.47 -0.84
C CYS A 911 -27.43 8.68 0.47
N ALA A 912 -28.41 7.80 0.68
CA ALA A 912 -28.40 6.97 1.88
C ALA A 912 -27.12 6.16 1.99
N GLY A 913 -26.60 5.69 0.86
CA GLY A 913 -25.38 4.89 0.90
C GLY A 913 -24.19 5.68 1.39
N TYR A 914 -24.01 6.90 0.87
CA TYR A 914 -22.85 7.70 1.25
C TYR A 914 -23.00 8.33 2.62
N CYS A 915 -24.24 8.58 3.06
CA CYS A 915 -24.44 9.01 4.44
C CYS A 915 -23.92 7.98 5.42
N VAL A 916 -24.34 6.72 5.25
CA VAL A 916 -23.89 5.66 6.14
C VAL A 916 -22.40 5.43 6.00
N ALA A 917 -21.92 5.31 4.76
CA ALA A 917 -20.51 5.00 4.52
C ALA A 917 -19.61 6.08 5.11
N THR A 918 -19.90 7.35 4.83
CA THR A 918 -19.02 8.42 5.29
C THR A 918 -19.06 8.57 6.80
N PHE A 919 -20.22 8.34 7.43
CA PHE A 919 -20.27 8.40 8.88
C PHE A 919 -19.39 7.33 9.49
N ILE A 920 -19.57 6.07 9.07
CA ILE A 920 -18.81 4.96 9.64
C ILE A 920 -17.32 5.23 9.55
N LEU A 921 -16.87 5.77 8.43
CA LEU A 921 -15.45 5.96 8.17
C LEU A 921 -14.94 7.32 8.62
N GLY A 922 -15.76 8.12 9.28
CA GLY A 922 -15.33 9.44 9.72
C GLY A 922 -15.02 10.36 8.55
N ILE A 923 -15.78 10.25 7.46
CA ILE A 923 -15.56 11.05 6.25
C ILE A 923 -16.80 11.90 6.00
N GLY A 924 -17.50 12.26 7.08
CA GLY A 924 -18.81 12.88 6.95
C GLY A 924 -18.82 14.35 6.57
N ASP A 925 -18.05 15.17 7.29
CA ASP A 925 -18.13 16.63 7.15
C ASP A 925 -17.41 17.05 5.87
N ARG A 926 -18.12 16.91 4.75
CA ARG A 926 -17.59 17.27 3.44
C ARG A 926 -18.16 18.62 3.00
N HIS A 927 -17.42 19.28 2.12
CA HIS A 927 -17.82 20.54 1.51
C HIS A 927 -18.61 20.26 0.24
N ASN A 928 -19.49 21.19 -0.12
CA ASN A 928 -20.36 20.99 -1.29
C ASN A 928 -19.56 20.72 -2.55
N SER A 929 -18.33 21.22 -2.63
CA SER A 929 -17.49 20.97 -3.80
C SER A 929 -16.90 19.57 -3.83
N ASN A 930 -17.00 18.82 -2.73
CA ASN A 930 -16.51 17.45 -2.67
C ASN A 930 -17.63 16.42 -2.78
N ILE A 931 -18.87 16.86 -2.93
CA ILE A 931 -19.99 15.99 -3.22
C ILE A 931 -20.43 16.24 -4.66
N MET A 932 -20.72 15.17 -5.39
CA MET A 932 -21.07 15.26 -6.79
C MET A 932 -22.34 14.47 -7.07
N VAL A 933 -22.98 14.78 -8.20
CA VAL A 933 -24.18 14.09 -8.63
C VAL A 933 -24.20 14.06 -10.15
N LYS A 934 -24.59 12.91 -10.71
CA LYS A 934 -24.76 12.79 -12.15
C LYS A 934 -26.10 13.37 -12.58
N ASP A 935 -26.18 13.73 -13.87
CA ASP A 935 -27.48 14.02 -14.46
C ASP A 935 -28.46 12.88 -14.21
N ASP A 936 -27.94 11.65 -14.18
CA ASP A 936 -28.74 10.48 -13.85
C ASP A 936 -29.40 10.59 -12.48
N GLY A 937 -28.85 11.41 -11.58
CA GLY A 937 -29.33 11.49 -10.22
C GLY A 937 -28.45 10.79 -9.21
N GLN A 938 -27.43 10.06 -9.65
CA GLN A 938 -26.56 9.31 -8.75
C GLN A 938 -25.61 10.26 -8.03
N LEU A 939 -25.58 10.17 -6.70
CA LEU A 939 -24.75 11.02 -5.86
C LEU A 939 -23.52 10.26 -5.38
N PHE A 940 -22.39 10.96 -5.29
CA PHE A 940 -21.16 10.33 -4.85
C PHE A 940 -20.19 11.40 -4.35
N HIS A 941 -19.33 11.02 -3.41
CA HIS A 941 -18.31 11.90 -2.85
C HIS A 941 -16.98 11.69 -3.57
N ILE A 942 -16.10 12.68 -3.43
CA ILE A 942 -14.81 12.67 -4.10
C ILE A 942 -13.74 13.26 -3.18
N ASP A 943 -12.50 13.19 -3.64
CA ASP A 943 -11.35 13.79 -2.97
C ASP A 943 -11.36 13.51 -1.47
N PHE A 944 -11.02 12.25 -1.16
CA PHE A 944 -10.94 11.85 0.24
C PHE A 944 -9.59 12.21 0.84
N GLY A 945 -8.51 12.11 0.06
CA GLY A 945 -7.21 12.54 0.56
C GLY A 945 -7.20 14.00 0.95
N HIS A 946 -7.90 14.84 0.18
CA HIS A 946 -7.99 16.26 0.53
C HIS A 946 -8.65 16.44 1.89
N PHE A 947 -9.67 15.64 2.19
CA PHE A 947 -10.36 15.76 3.46
C PHE A 947 -9.47 15.30 4.62
N LEU A 948 -8.75 14.19 4.45
CA LEU A 948 -7.88 13.72 5.51
C LEU A 948 -6.75 14.71 5.79
N ASP A 949 -6.24 15.37 4.75
CA ASP A 949 -5.22 16.40 4.94
C ASP A 949 -5.81 17.64 5.59
N HIS A 950 -6.95 18.11 5.08
CA HIS A 950 -7.56 19.32 5.61
C HIS A 950 -7.96 19.18 7.08
N LYS A 951 -8.01 17.95 7.60
CA LYS A 951 -8.33 17.75 9.01
C LYS A 951 -7.33 18.46 9.90
N LYS A 952 -6.04 18.17 9.71
CA LYS A 952 -4.99 18.83 10.47
C LYS A 952 -3.73 18.99 9.61
N ARG A 961 -18.15 20.09 12.06
CA ARG A 961 -18.60 19.04 12.97
C ARG A 961 -20.03 18.65 12.69
N VAL A 962 -20.21 17.53 11.98
CA VAL A 962 -21.53 16.96 11.74
C VAL A 962 -21.31 15.48 11.40
N PRO A 963 -22.14 14.56 11.92
CA PRO A 963 -21.91 13.13 11.63
C PRO A 963 -21.81 12.83 10.14
N PHE A 964 -22.69 13.42 9.33
CA PHE A 964 -22.61 13.29 7.89
C PHE A 964 -23.46 14.38 7.26
N VAL A 965 -23.22 14.64 5.98
CA VAL A 965 -23.88 15.73 5.27
C VAL A 965 -25.25 15.24 4.82
N LEU A 966 -26.30 15.74 5.46
CA LEU A 966 -27.68 15.53 5.04
C LEU A 966 -28.38 16.89 4.93
N THR A 967 -27.84 17.71 4.03
CA THR A 967 -28.26 19.10 3.93
C THR A 967 -29.73 19.20 3.50
N GLN A 968 -30.28 20.41 3.67
CA GLN A 968 -31.67 20.64 3.30
C GLN A 968 -31.88 20.41 1.81
N ASP A 969 -30.91 20.80 0.99
CA ASP A 969 -31.04 20.60 -0.45
C ASP A 969 -31.31 19.13 -0.77
N PHE A 970 -30.64 18.21 -0.08
CA PHE A 970 -30.88 16.79 -0.32
C PHE A 970 -32.29 16.38 0.11
N LEU A 971 -32.77 16.96 1.22
CA LEU A 971 -34.11 16.62 1.69
C LEU A 971 -35.18 17.10 0.73
N ILE A 972 -34.94 18.21 0.03
CA ILE A 972 -35.87 18.64 -1.02
C ILE A 972 -36.01 17.55 -2.08
N VAL A 973 -34.88 17.07 -2.59
CA VAL A 973 -34.91 16.04 -3.62
C VAL A 973 -35.54 14.77 -3.09
N ILE A 974 -35.13 14.35 -1.88
CA ILE A 974 -35.61 13.08 -1.34
C ILE A 974 -37.12 13.11 -1.17
N SER A 975 -37.66 14.21 -0.67
CA SER A 975 -39.10 14.36 -0.45
C SER A 975 -39.83 14.90 -1.66
N LYS A 976 -39.16 15.00 -2.81
CA LYS A 976 -39.79 15.46 -4.05
C LYS A 976 -40.36 16.86 -3.90
N GLY A 977 -39.63 17.72 -3.20
CA GLY A 977 -39.98 19.13 -3.12
C GLY A 977 -41.14 19.47 -2.21
N ALA A 978 -41.23 18.82 -1.06
CA ALA A 978 -42.34 19.01 -0.14
C ALA A 978 -41.96 19.98 0.99
N GLN A 979 -42.99 20.50 1.64
CA GLN A 979 -42.80 21.30 2.84
C GLN A 979 -42.64 20.38 4.05
N GLU A 980 -41.93 20.87 5.06
CA GLU A 980 -41.51 20.08 6.21
C GLU A 980 -41.11 18.67 5.76
N CYS A 981 -40.15 18.65 4.83
CA CYS A 981 -39.79 17.43 4.11
C CYS A 981 -39.38 16.30 5.05
N THR A 982 -39.05 16.58 6.31
CA THR A 982 -38.66 15.55 7.24
C THR A 982 -39.83 14.74 7.78
N LYS A 983 -41.06 15.06 7.39
CA LYS A 983 -42.24 14.38 7.89
C LYS A 983 -43.03 13.66 6.80
N THR A 984 -42.50 13.56 5.59
CA THR A 984 -43.17 12.84 4.53
C THR A 984 -42.79 11.36 4.56
N ARG A 985 -43.48 10.57 3.75
CA ARG A 985 -43.24 9.13 3.70
C ARG A 985 -42.08 8.75 2.78
N GLU A 986 -41.60 9.68 1.94
CA GLU A 986 -40.35 9.44 1.23
C GLU A 986 -39.17 9.48 2.19
N PHE A 987 -39.13 10.50 3.05
CA PHE A 987 -38.11 10.57 4.08
C PHE A 987 -38.27 9.44 5.08
N GLU A 988 -39.50 9.00 5.34
CA GLU A 988 -39.73 7.90 6.27
C GLU A 988 -38.99 6.65 5.82
N ARG A 989 -39.11 6.30 4.55
CA ARG A 989 -38.43 5.12 4.02
C ARG A 989 -36.99 5.41 3.61
N PHE A 990 -36.58 6.68 3.57
CA PHE A 990 -35.18 6.99 3.30
C PHE A 990 -34.31 6.68 4.52
N GLN A 991 -34.73 7.13 5.70
CA GLN A 991 -33.96 6.80 6.90
C GLN A 991 -34.11 5.34 7.29
N GLU A 992 -35.11 4.64 6.73
CA GLU A 992 -35.17 3.19 6.91
C GLU A 992 -34.09 2.50 6.08
N MET A 993 -33.78 3.05 4.90
CA MET A 993 -32.65 2.54 4.12
C MET A 993 -31.34 2.77 4.87
N CYS A 994 -31.17 3.95 5.48
CA CYS A 994 -29.95 4.23 6.22
C CYS A 994 -29.79 3.29 7.41
N TYR A 995 -30.87 3.04 8.15
CA TYR A 995 -30.79 2.11 9.27
C TYR A 995 -30.37 0.73 8.81
N LYS A 996 -31.06 0.19 7.79
CA LYS A 996 -30.72 -1.14 7.30
C LYS A 996 -29.29 -1.19 6.79
N ALA A 997 -28.83 -0.13 6.14
CA ALA A 997 -27.47 -0.11 5.61
C ALA A 997 -26.43 -0.06 6.72
N TYR A 998 -26.75 0.64 7.82
CA TYR A 998 -25.79 0.75 8.92
C TYR A 998 -25.58 -0.59 9.59
N LEU A 999 -26.66 -1.24 10.05
CA LEU A 999 -26.52 -2.52 10.71
C LEU A 999 -26.08 -3.61 9.73
N ALA A 1000 -26.21 -3.37 8.43
CA ALA A 1000 -25.68 -4.33 7.45
C ALA A 1000 -24.16 -4.32 7.45
N ILE A 1001 -23.55 -3.14 7.60
CA ILE A 1001 -22.10 -3.06 7.67
C ILE A 1001 -21.60 -3.55 9.02
N ARG A 1002 -22.33 -3.24 10.09
CA ARG A 1002 -21.96 -3.75 11.41
C ARG A 1002 -21.94 -5.27 11.41
N GLN A 1003 -22.86 -5.90 10.67
CA GLN A 1003 -22.88 -7.35 10.58
C GLN A 1003 -21.64 -7.90 9.87
N HIS A 1004 -20.90 -7.06 9.15
CA HIS A 1004 -19.65 -7.45 8.51
C HIS A 1004 -18.47 -6.64 9.06
N ALA A 1005 -18.60 -6.16 10.31
CA ALA A 1005 -17.58 -5.30 10.88
C ALA A 1005 -16.22 -5.98 10.93
N ASN A 1006 -16.19 -7.30 11.09
CA ASN A 1006 -14.92 -8.00 11.20
C ASN A 1006 -14.09 -7.85 9.94
N LEU A 1007 -14.72 -8.01 8.77
CA LEU A 1007 -13.99 -7.89 7.51
C LEU A 1007 -13.29 -6.54 7.41
N PHE A 1008 -14.02 -5.45 7.65
CA PHE A 1008 -13.45 -4.12 7.49
C PHE A 1008 -12.32 -3.89 8.48
N ILE A 1009 -12.52 -4.26 9.75
CA ILE A 1009 -11.48 -4.08 10.74
C ILE A 1009 -10.23 -4.84 10.33
N ASN A 1010 -10.39 -6.01 9.72
CA ASN A 1010 -9.24 -6.76 9.24
C ASN A 1010 -8.59 -6.08 8.04
N LEU A 1011 -9.40 -5.53 7.13
CA LEU A 1011 -8.84 -4.86 5.98
C LEU A 1011 -7.98 -3.66 6.39
N PHE A 1012 -8.47 -2.86 7.33
CA PHE A 1012 -7.69 -1.72 7.79
C PHE A 1012 -6.49 -2.17 8.60
N SER A 1013 -6.63 -3.24 9.39
CA SER A 1013 -5.51 -3.74 10.18
C SER A 1013 -4.35 -4.15 9.29
N MET A 1014 -4.64 -4.74 8.13
CA MET A 1014 -3.60 -5.18 7.21
C MET A 1014 -2.87 -4.02 6.54
N MET A 1015 -3.35 -2.78 6.70
CA MET A 1015 -2.74 -1.62 6.07
C MET A 1015 -1.85 -0.83 7.03
N LEU A 1016 -1.61 -1.35 8.24
CA LEU A 1016 -0.86 -0.58 9.23
C LEU A 1016 0.58 -0.34 8.78
N GLY A 1017 1.22 -1.35 8.20
CA GLY A 1017 2.57 -1.18 7.69
C GLY A 1017 2.68 -0.39 6.41
N SER A 1018 1.57 0.11 5.88
CA SER A 1018 1.59 0.77 4.58
C SER A 1018 2.45 2.02 4.58
N GLY A 1019 2.48 2.74 5.70
CA GLY A 1019 3.10 4.05 5.76
C GLY A 1019 2.12 5.20 5.64
N MET A 1020 0.83 4.92 5.51
CA MET A 1020 -0.17 5.97 5.51
C MET A 1020 -0.30 6.53 6.92
N PRO A 1021 -0.15 7.85 7.12
CA PRO A 1021 -0.21 8.38 8.49
C PRO A 1021 -1.53 8.12 9.18
N GLU A 1022 -2.60 7.86 8.42
CA GLU A 1022 -3.89 7.55 9.04
C GLU A 1022 -3.88 6.18 9.71
N LEU A 1023 -2.93 5.30 9.35
CA LEU A 1023 -2.89 3.91 9.80
C LEU A 1023 -1.49 3.61 10.32
N GLN A 1024 -1.21 4.06 11.55
CA GLN A 1024 0.06 3.80 12.20
C GLN A 1024 -0.05 2.90 13.41
N SER A 1025 -1.26 2.69 13.94
CA SER A 1025 -1.46 1.84 15.10
C SER A 1025 -2.91 1.40 15.14
N PHE A 1026 -3.15 0.29 15.85
CA PHE A 1026 -4.52 -0.20 16.00
C PHE A 1026 -5.42 0.83 16.68
N ASP A 1027 -4.85 1.74 17.47
CA ASP A 1027 -5.66 2.81 18.06
C ASP A 1027 -6.33 3.65 16.99
N ASP A 1028 -5.69 3.82 15.84
CA ASP A 1028 -6.30 4.57 14.74
C ASP A 1028 -7.57 3.87 14.27
N ILE A 1029 -7.58 2.54 14.28
CA ILE A 1029 -8.74 1.77 13.83
C ILE A 1029 -9.87 1.78 14.84
N ALA A 1030 -9.61 2.20 16.08
CA ALA A 1030 -10.65 2.20 17.10
C ALA A 1030 -11.83 3.07 16.69
N TYR A 1031 -11.60 4.07 15.84
CA TYR A 1031 -12.68 4.97 15.44
C TYR A 1031 -13.85 4.19 14.84
N ILE A 1032 -13.55 3.20 13.99
CA ILE A 1032 -14.63 2.44 13.35
C ILE A 1032 -15.35 1.57 14.38
N ARG A 1033 -14.65 1.15 15.44
CA ARG A 1033 -15.33 0.45 16.52
C ARG A 1033 -16.32 1.36 17.23
N LYS A 1034 -16.06 2.67 17.23
CA LYS A 1034 -16.96 3.63 17.86
C LYS A 1034 -18.19 3.88 16.98
N THR A 1035 -17.97 4.16 15.69
CA THR A 1035 -19.10 4.44 14.80
C THR A 1035 -19.97 3.20 14.62
N LEU A 1036 -19.36 2.02 14.52
CA LEU A 1036 -20.13 0.78 14.45
C LEU A 1036 -20.60 0.31 15.82
N ALA A 1037 -20.20 0.98 16.89
CA ALA A 1037 -20.67 0.69 18.24
C ALA A 1037 -20.60 -0.80 18.55
N LEU A 1038 -19.40 -1.35 18.39
CA LEU A 1038 -19.21 -2.79 18.51
C LEU A 1038 -19.22 -3.27 19.96
N ASP A 1039 -18.93 -2.40 20.92
CA ASP A 1039 -19.05 -2.75 22.33
C ASP A 1039 -20.44 -2.49 22.89
N LYS A 1040 -21.45 -2.42 22.01
CA LYS A 1040 -22.84 -2.28 22.39
C LYS A 1040 -23.67 -3.27 21.58
N THR A 1041 -24.93 -3.46 21.99
CA THR A 1041 -25.81 -4.36 21.29
C THR A 1041 -26.31 -3.72 19.99
N GLU A 1042 -27.02 -4.52 19.20
CA GLU A 1042 -27.61 -4.01 17.96
C GLU A 1042 -28.49 -2.79 18.24
N GLN A 1043 -29.49 -2.96 19.11
CA GLN A 1043 -30.44 -1.87 19.37
C GLN A 1043 -29.73 -0.65 19.92
N GLU A 1044 -28.67 -0.84 20.71
CA GLU A 1044 -27.91 0.30 21.19
C GLU A 1044 -27.14 0.97 20.05
N ALA A 1045 -26.56 0.18 19.16
CA ALA A 1045 -25.90 0.74 17.98
C ALA A 1045 -26.91 1.41 17.07
N LEU A 1046 -28.08 0.79 16.87
CA LEU A 1046 -29.11 1.38 16.05
C LEU A 1046 -29.56 2.72 16.60
N GLU A 1047 -29.86 2.77 17.91
CA GLU A 1047 -30.26 4.03 18.53
C GLU A 1047 -29.12 5.04 18.51
N TYR A 1048 -27.88 4.56 18.64
CA TYR A 1048 -26.74 5.47 18.53
C TYR A 1048 -26.68 6.12 17.15
N PHE A 1049 -26.90 5.32 16.10
CA PHE A 1049 -26.90 5.89 14.75
C PHE A 1049 -28.13 6.77 14.52
N MET A 1050 -29.27 6.42 15.11
CA MET A 1050 -30.46 7.24 14.95
C MET A 1050 -30.26 8.62 15.55
N LYS A 1051 -29.60 8.71 16.70
CA LYS A 1051 -29.32 10.02 17.28
C LYS A 1051 -28.37 10.82 16.38
N GLN A 1052 -27.39 10.14 15.79
CA GLN A 1052 -26.47 10.81 14.88
C GLN A 1052 -27.20 11.33 13.65
N MET A 1053 -28.19 10.58 13.18
CA MET A 1053 -28.96 11.04 12.01
C MET A 1053 -29.81 12.26 12.37
N ASN A 1054 -30.42 12.26 13.56
CA ASN A 1054 -31.17 13.43 13.99
C ASN A 1054 -30.25 14.65 14.08
N ASP A 1055 -28.99 14.45 14.47
CA ASP A 1055 -28.03 15.53 14.48
C ASP A 1055 -27.48 15.83 13.09
N ALA A 1056 -27.55 14.86 12.18
CA ALA A 1056 -27.01 15.07 10.83
C ALA A 1056 -27.87 16.04 10.03
N ARG A 1057 -29.19 16.03 10.25
CA ARG A 1057 -30.08 17.00 9.60
C ARG A 1057 -30.08 18.35 10.33
N HIS A 1058 -29.09 18.60 11.17
CA HIS A 1058 -28.89 19.91 11.78
C HIS A 1058 -30.13 20.35 12.57
N GLY A 1059 -30.72 19.40 13.29
CA GLY A 1059 -31.91 19.66 14.08
C GLY A 1059 -33.11 18.94 13.50
N GLY A 1060 -33.92 18.36 14.39
CA GLY A 1060 -35.11 17.64 13.97
C GLY A 1060 -35.87 17.05 15.14
N MET B 11 -13.37 6.16 52.21
CA MET B 11 -13.27 4.75 51.71
C MET B 11 -14.25 4.53 50.57
N SER B 12 -14.39 5.52 49.69
CA SER B 12 -15.33 5.47 48.58
C SER B 12 -14.58 5.19 47.28
N LEU B 13 -15.29 4.53 46.35
CA LEU B 13 -14.70 4.21 45.07
C LEU B 13 -14.65 5.42 44.15
N GLN B 14 -15.72 6.22 44.13
CA GLN B 14 -15.77 7.37 43.23
C GLN B 14 -14.64 8.35 43.51
N ASP B 15 -14.24 8.49 44.76
CA ASP B 15 -13.19 9.42 45.15
C ASP B 15 -11.81 8.77 45.21
N ALA B 16 -11.71 7.48 44.89
CA ALA B 16 -10.43 6.78 44.99
C ALA B 16 -9.45 7.32 43.96
N GLU B 17 -8.16 7.07 44.22
CA GLU B 17 -7.10 7.56 43.34
C GLU B 17 -7.18 6.90 41.97
N TRP B 18 -7.35 5.59 41.93
CA TRP B 18 -7.11 4.79 40.73
C TRP B 18 -8.39 4.49 39.94
N TYR B 19 -9.48 5.20 40.21
CA TYR B 19 -10.70 5.10 39.42
C TYR B 19 -10.83 6.35 38.56
N TRP B 20 -10.86 6.17 37.23
CA TRP B 20 -10.94 7.29 36.30
C TRP B 20 -12.30 7.43 35.64
N GLY B 21 -13.12 6.38 35.63
CA GLY B 21 -14.46 6.47 35.07
C GLY B 21 -14.51 6.19 33.58
N ASP B 22 -15.30 6.98 32.85
CA ASP B 22 -15.51 6.76 31.43
C ASP B 22 -14.25 7.08 30.63
N ILE B 23 -13.23 6.23 30.75
CA ILE B 23 -11.99 6.38 30.00
C ILE B 23 -11.90 5.23 29.00
N SER B 24 -11.34 5.51 27.84
CA SER B 24 -11.28 4.54 26.75
C SER B 24 -10.03 3.69 26.84
N ARG B 25 -10.11 2.49 26.27
CA ARG B 25 -8.96 1.58 26.27
C ARG B 25 -7.75 2.25 25.65
N GLU B 26 -7.93 2.93 24.52
CA GLU B 26 -6.81 3.62 23.88
C GLU B 26 -6.20 4.69 24.79
N GLU B 27 -6.97 5.19 25.75
CA GLU B 27 -6.46 6.22 26.64
C GLU B 27 -5.62 5.63 27.76
N VAL B 28 -6.00 4.45 28.28
CA VAL B 28 -5.19 3.81 29.31
C VAL B 28 -3.93 3.23 28.70
N ASN B 29 -4.00 2.73 27.45
CA ASN B 29 -2.78 2.32 26.77
C ASN B 29 -1.79 3.47 26.66
N GLU B 30 -2.29 4.70 26.54
CA GLU B 30 -1.45 5.88 26.49
C GLU B 30 -0.94 6.31 27.85
N LYS B 31 -1.34 5.61 28.92
CA LYS B 31 -0.94 5.97 30.28
C LYS B 31 -0.08 4.93 30.97
N LEU B 32 -0.10 3.67 30.53
CA LEU B 32 0.83 2.67 31.00
C LEU B 32 2.00 2.46 30.04
N ARG B 33 2.22 3.41 29.13
CA ARG B 33 3.26 3.28 28.11
C ARG B 33 4.63 3.28 28.76
N ASP B 34 5.37 2.19 28.57
CA ASP B 34 6.75 2.06 29.05
C ASP B 34 6.85 2.16 30.57
N THR B 35 5.74 1.92 31.28
CA THR B 35 5.76 2.01 32.73
C THR B 35 6.26 0.69 33.33
N ALA B 36 6.44 0.70 34.65
CA ALA B 36 7.01 -0.43 35.35
C ALA B 36 5.94 -1.47 35.68
N ASP B 37 6.38 -2.71 35.85
CA ASP B 37 5.48 -3.77 36.28
C ASP B 37 4.85 -3.41 37.62
N GLY B 38 3.52 -3.53 37.69
CA GLY B 38 2.77 -3.22 38.88
C GLY B 38 1.92 -1.97 38.78
N THR B 39 2.23 -1.08 37.82
CA THR B 39 1.38 0.07 37.59
C THR B 39 0.00 -0.38 37.18
N PHE B 40 -1.04 0.15 37.84
CA PHE B 40 -2.39 -0.35 37.65
C PHE B 40 -3.36 0.82 37.56
N LEU B 41 -4.57 0.51 37.08
CA LEU B 41 -5.63 1.48 36.84
C LEU B 41 -6.90 0.73 36.50
N VAL B 42 -8.03 1.23 36.95
CA VAL B 42 -9.32 0.59 36.73
C VAL B 42 -10.27 1.57 36.07
N ARG B 43 -11.11 1.04 35.18
CA ARG B 43 -12.18 1.81 34.55
C ARG B 43 -13.49 1.06 34.74
N ASP B 44 -14.59 1.71 34.39
CA ASP B 44 -15.85 1.00 34.18
C ASP B 44 -15.81 0.39 32.78
N ALA B 45 -16.14 -0.89 32.69
CA ALA B 45 -15.87 -1.66 31.48
C ALA B 45 -16.31 -0.91 30.23
N SER B 46 -15.58 -1.14 29.13
CA SER B 46 -15.91 -0.52 27.86
C SER B 46 -17.30 -0.89 27.38
N THR B 47 -17.87 -1.98 27.92
CA THR B 47 -19.24 -2.36 27.57
C THR B 47 -20.26 -1.30 27.94
N LYS B 48 -19.89 -0.32 28.77
CA LYS B 48 -20.79 0.74 29.20
C LYS B 48 -22.02 0.16 29.90
N MET B 49 -21.78 -0.81 30.78
CA MET B 49 -22.82 -1.42 31.59
C MET B 49 -22.58 -1.09 33.05
N HIS B 50 -23.65 -0.70 33.74
CA HIS B 50 -23.51 -0.17 35.10
C HIS B 50 -22.91 -1.20 36.03
N GLY B 51 -22.09 -0.73 36.97
CA GLY B 51 -21.55 -1.60 38.00
C GLY B 51 -20.68 -2.72 37.49
N ASP B 52 -20.07 -2.56 36.31
CA ASP B 52 -19.18 -3.55 35.75
C ASP B 52 -17.88 -2.87 35.37
N TYR B 53 -16.75 -3.39 35.86
CA TYR B 53 -15.47 -2.72 35.79
C TYR B 53 -14.42 -3.64 35.19
N THR B 54 -13.26 -3.05 34.90
CA THR B 54 -12.11 -3.77 34.39
C THR B 54 -10.84 -3.17 34.98
N LEU B 55 -9.95 -4.02 35.47
CA LEU B 55 -8.65 -3.61 35.99
C LEU B 55 -7.57 -3.96 34.98
N THR B 56 -6.64 -3.04 34.79
CA THR B 56 -5.53 -3.21 33.86
C THR B 56 -4.23 -2.84 34.55
N LEU B 57 -3.26 -3.76 34.54
CA LEU B 57 -1.99 -3.56 35.21
C LEU B 57 -0.84 -3.91 34.28
N ARG B 58 0.28 -3.23 34.47
CA ARG B 58 1.48 -3.46 33.66
C ARG B 58 2.23 -4.67 34.20
N LYS B 59 2.57 -5.59 33.29
CA LYS B 59 3.32 -6.79 33.67
C LYS B 59 3.94 -7.38 32.42
N GLY B 60 5.28 -7.44 32.39
CA GLY B 60 5.98 -7.99 31.25
C GLY B 60 5.93 -7.11 30.02
N GLY B 61 5.91 -5.78 30.20
CA GLY B 61 5.78 -4.87 29.09
C GLY B 61 4.42 -4.89 28.43
N ASN B 62 3.42 -5.49 29.07
CA ASN B 62 2.09 -5.60 28.51
C ASN B 62 1.05 -5.02 29.47
N ASN B 63 -0.06 -4.58 28.91
CA ASN B 63 -1.19 -4.06 29.67
C ASN B 63 -2.23 -5.17 29.74
N LYS B 64 -2.27 -5.87 30.87
CA LYS B 64 -3.08 -7.07 31.04
C LYS B 64 -4.40 -6.70 31.71
N LEU B 65 -5.50 -6.91 30.99
CA LEU B 65 -6.82 -6.55 31.49
C LEU B 65 -7.46 -7.71 32.23
N ILE B 66 -8.18 -7.40 33.30
CA ILE B 66 -8.94 -8.39 34.07
C ILE B 66 -10.29 -7.79 34.40
N LYS B 67 -11.32 -8.63 34.37
CA LYS B 67 -12.70 -8.19 34.57
C LYS B 67 -13.11 -8.40 36.02
N ILE B 68 -13.68 -7.36 36.62
CA ILE B 68 -14.13 -7.42 38.02
C ILE B 68 -15.60 -7.82 38.00
N PHE B 69 -15.87 -9.09 38.31
CA PHE B 69 -17.25 -9.56 38.37
C PHE B 69 -17.94 -9.01 39.62
N HIS B 70 -19.27 -8.96 39.55
CA HIS B 70 -20.09 -8.34 40.60
C HIS B 70 -21.38 -9.13 40.75
N ARG B 71 -21.70 -9.49 41.98
CA ARG B 71 -22.89 -10.30 42.26
C ARG B 71 -23.28 -10.10 43.72
N ASP B 72 -24.58 -9.92 43.97
CA ASP B 72 -25.12 -9.81 45.32
C ASP B 72 -24.38 -8.73 46.12
N GLY B 73 -24.00 -7.66 45.44
CA GLY B 73 -23.25 -6.59 46.05
C GLY B 73 -21.79 -6.90 46.33
N LYS B 74 -21.37 -8.16 46.22
CA LYS B 74 -20.00 -8.55 46.44
C LYS B 74 -19.17 -8.23 45.20
N TYR B 75 -17.85 -8.42 45.31
CA TYR B 75 -16.94 -8.11 44.22
C TYR B 75 -15.85 -9.17 44.13
N GLY B 76 -15.05 -9.06 43.08
CA GLY B 76 -14.01 -10.03 42.79
C GLY B 76 -13.82 -10.15 41.29
N PHE B 77 -12.83 -10.95 40.91
CA PHE B 77 -12.61 -11.25 39.49
C PHE B 77 -12.34 -12.73 39.28
N SER B 78 -13.14 -13.57 39.94
CA SER B 78 -13.18 -15.00 39.66
C SER B 78 -14.57 -15.50 40.04
N ASP B 79 -14.87 -16.74 39.66
CA ASP B 79 -16.19 -17.29 39.95
C ASP B 79 -16.47 -17.28 41.45
N PRO B 80 -15.61 -17.80 42.32
CA PRO B 80 -15.79 -17.56 43.77
C PRO B 80 -15.58 -16.09 44.09
N LEU B 81 -16.62 -15.45 44.60
CA LEU B 81 -16.69 -13.99 44.71
C LEU B 81 -16.89 -13.61 46.17
N THR B 82 -16.17 -12.58 46.62
CA THR B 82 -16.01 -12.35 48.04
C THR B 82 -16.20 -10.90 48.48
N PHE B 83 -15.43 -9.98 47.89
CA PHE B 83 -15.17 -8.70 48.52
C PHE B 83 -16.41 -7.79 48.51
N SER B 84 -16.48 -6.92 49.51
CA SER B 84 -17.62 -6.03 49.66
C SER B 84 -17.57 -4.87 48.67
N SER B 85 -16.40 -4.27 48.49
CA SER B 85 -16.23 -3.16 47.56
C SER B 85 -14.95 -3.37 46.77
N VAL B 86 -14.86 -2.67 45.63
CA VAL B 86 -13.66 -2.76 44.81
C VAL B 86 -12.45 -2.22 45.55
N VAL B 87 -12.66 -1.23 46.43
CA VAL B 87 -11.56 -0.69 47.21
C VAL B 87 -10.98 -1.75 48.14
N GLU B 88 -11.83 -2.63 48.67
CA GLU B 88 -11.34 -3.75 49.45
C GLU B 88 -10.65 -4.77 48.56
N LEU B 89 -11.22 -5.03 47.39
CA LEU B 89 -10.61 -5.97 46.44
C LEU B 89 -9.23 -5.49 46.01
N ILE B 90 -9.09 -4.19 45.73
CA ILE B 90 -7.81 -3.66 45.24
C ILE B 90 -6.79 -3.61 46.36
N ASN B 91 -7.15 -2.99 47.48
CA ASN B 91 -6.19 -2.80 48.57
C ASN B 91 -5.65 -4.14 49.08
N HIS B 92 -6.46 -5.20 49.02
CA HIS B 92 -5.96 -6.53 49.37
C HIS B 92 -4.78 -6.91 48.48
N TYR B 93 -4.91 -6.68 47.18
CA TYR B 93 -3.84 -6.98 46.24
C TYR B 93 -2.81 -5.87 46.14
N ARG B 94 -3.02 -4.75 46.83
CA ARG B 94 -1.93 -3.80 47.05
C ARG B 94 -1.02 -4.24 48.18
N ASN B 95 -1.58 -4.96 49.17
CA ASN B 95 -0.78 -5.40 50.31
C ASN B 95 0.03 -6.65 49.97
N GLU B 96 -0.57 -7.62 49.29
CA GLU B 96 0.12 -8.84 48.93
C GLU B 96 -0.21 -9.22 47.49
N SER B 97 0.61 -10.10 46.93
CA SER B 97 0.60 -10.36 45.51
C SER B 97 -0.70 -11.02 45.06
N LEU B 98 -1.06 -10.77 43.80
CA LEU B 98 -2.20 -11.45 43.18
C LEU B 98 -1.81 -12.79 42.59
N ALA B 99 -0.61 -13.30 42.90
CA ALA B 99 -0.30 -14.69 42.60
C ALA B 99 -1.31 -15.64 43.25
N GLN B 100 -1.98 -15.19 44.31
CA GLN B 100 -3.08 -15.96 44.87
C GLN B 100 -4.12 -16.29 43.80
N TYR B 101 -4.43 -15.32 42.94
CA TYR B 101 -5.38 -15.58 41.86
C TYR B 101 -4.76 -16.48 40.79
N ASN B 102 -3.56 -16.13 40.33
CA ASN B 102 -2.92 -16.87 39.25
C ASN B 102 -1.40 -16.81 39.38
N PRO B 103 -0.74 -17.93 39.63
CA PRO B 103 0.73 -17.91 39.73
C PRO B 103 1.43 -17.44 38.46
N LYS B 104 0.72 -17.37 37.33
CA LYS B 104 1.38 -16.97 36.08
C LYS B 104 1.83 -15.52 36.12
N LEU B 105 1.17 -14.68 36.92
CA LEU B 105 1.61 -13.30 37.15
C LEU B 105 1.53 -13.04 38.65
N ASP B 106 2.58 -12.44 39.21
CA ASP B 106 2.78 -12.44 40.65
C ASP B 106 3.23 -11.09 41.18
N VAL B 107 2.73 -10.00 40.58
CA VAL B 107 3.10 -8.66 41.04
C VAL B 107 2.03 -8.15 42.00
N LYS B 108 2.43 -7.26 42.89
CA LYS B 108 1.48 -6.50 43.69
C LYS B 108 1.00 -5.29 42.90
N LEU B 109 -0.19 -4.81 43.25
CA LEU B 109 -0.71 -3.56 42.68
C LEU B 109 0.11 -2.42 43.27
N LEU B 110 1.33 -2.27 42.75
CA LEU B 110 2.33 -1.42 43.37
C LEU B 110 2.05 0.05 43.13
N TYR B 111 2.05 0.48 41.86
CA TYR B 111 2.02 1.88 41.53
C TYR B 111 0.63 2.29 41.06
N PRO B 112 -0.11 3.10 41.82
CA PRO B 112 -1.34 3.67 41.29
C PRO B 112 -1.07 4.93 40.48
N VAL B 113 -1.93 5.17 39.51
CA VAL B 113 -1.93 6.41 38.73
C VAL B 113 -3.28 7.07 38.93
N SER B 114 -3.26 8.29 39.47
CA SER B 114 -4.47 8.96 39.94
C SER B 114 -4.89 10.05 38.97
N LYS B 115 -6.12 10.54 39.16
CA LYS B 115 -6.79 11.40 38.20
C LYS B 115 -6.48 12.87 38.39
N TYR B 116 -6.29 13.34 39.62
CA TYR B 116 -6.11 14.76 39.88
C TYR B 116 -4.81 15.08 40.61
N GLN B 117 -3.89 14.13 40.70
CA GLN B 117 -2.49 14.51 40.88
C GLN B 117 -1.95 14.96 39.52
N GLN B 118 -0.66 15.27 39.47
CA GLN B 118 -0.05 15.88 38.28
C GLN B 118 -0.85 17.09 37.81
N ASP B 119 -1.57 17.73 38.73
CA ASP B 119 -2.34 18.93 38.43
C ASP B 119 -1.44 20.14 38.66
N GLN B 120 -0.55 20.37 37.69
CA GLN B 120 0.54 21.32 37.86
C GLN B 120 0.15 22.73 37.42
N VAL B 121 -0.88 23.25 38.09
CA VAL B 121 -1.21 24.67 38.07
C VAL B 121 -1.16 25.14 39.51
N VAL B 122 -0.34 26.16 39.79
CA VAL B 122 0.10 26.42 41.15
C VAL B 122 -0.37 27.78 41.66
N LYS B 123 -0.51 28.75 40.76
CA LYS B 123 -0.81 30.11 41.19
C LYS B 123 -2.31 30.27 41.44
N GLU B 124 -2.67 31.44 41.98
CA GLU B 124 -4.07 31.79 42.24
C GLU B 124 -4.94 31.37 41.06
N ASP B 125 -5.93 30.53 41.34
CA ASP B 125 -6.72 29.92 40.29
C ASP B 125 -7.79 30.86 39.75
N ASN B 126 -7.39 32.08 39.37
CA ASN B 126 -8.29 32.92 38.60
C ASN B 126 -8.68 32.20 37.31
N ILE B 127 -9.86 32.53 36.79
CA ILE B 127 -10.33 31.86 35.58
C ILE B 127 -9.41 32.15 34.39
N GLU B 128 -8.57 33.18 34.50
CA GLU B 128 -7.61 33.46 33.43
C GLU B 128 -6.56 32.36 33.32
N ALA B 129 -6.39 31.54 34.36
CA ALA B 129 -5.55 30.35 34.23
C ALA B 129 -6.03 29.46 33.09
N VAL B 130 -7.28 29.60 32.67
CA VAL B 130 -7.80 28.92 31.50
C VAL B 130 -7.87 29.90 30.34
N GLY B 131 -8.79 30.85 30.42
CA GLY B 131 -9.06 31.77 29.33
C GLY B 131 -7.87 32.52 28.79
N LYS B 132 -6.76 32.53 29.51
CA LYS B 132 -5.56 33.24 29.10
C LYS B 132 -4.35 32.34 28.94
N LYS B 133 -4.01 31.56 29.98
CA LYS B 133 -2.81 30.72 29.92
C LYS B 133 -3.02 29.47 29.07
N LEU B 134 -4.27 29.01 28.90
CA LEU B 134 -4.52 27.92 27.96
C LEU B 134 -4.31 28.39 26.53
N HIS B 135 -4.99 29.47 26.14
CA HIS B 135 -4.78 30.05 24.82
C HIS B 135 -3.31 30.34 24.56
N GLU B 136 -2.55 30.67 25.61
CA GLU B 136 -1.13 30.93 25.45
C GLU B 136 -0.38 29.65 25.10
N TYR B 137 -0.54 28.60 25.91
CA TYR B 137 0.16 27.34 25.64
C TYR B 137 -0.27 26.74 24.30
N ASN B 138 -1.56 26.80 23.99
CA ASN B 138 -2.03 26.26 22.72
C ASN B 138 -1.46 27.03 21.55
N THR B 139 -1.31 28.35 21.69
CA THR B 139 -0.63 29.13 20.66
C THR B 139 0.84 28.73 20.56
N GLN B 140 1.50 28.51 21.70
CA GLN B 140 2.87 28.06 21.69
C GLN B 140 3.00 26.65 21.13
N PHE B 141 1.93 25.85 21.23
CA PHE B 141 1.98 24.48 20.74
C PHE B 141 1.80 24.40 19.23
N GLN B 142 0.84 25.15 18.69
CA GLN B 142 0.61 25.10 17.24
C GLN B 142 1.75 25.76 16.46
N GLU B 143 2.41 26.75 17.05
CA GLU B 143 3.57 27.35 16.41
C GLU B 143 4.71 26.35 16.31
N LYS B 144 5.08 25.73 17.44
CA LYS B 144 6.14 24.75 17.43
C LYS B 144 5.75 23.51 16.62
N SER B 145 4.47 23.18 16.59
CA SER B 145 4.02 22.07 15.76
C SER B 145 4.10 22.42 14.28
N ARG B 146 3.95 23.71 13.94
CA ARG B 146 4.10 24.14 12.55
C ARG B 146 5.56 24.17 12.13
N GLU B 147 6.47 24.48 13.06
CA GLU B 147 7.90 24.45 12.74
C GLU B 147 8.38 23.02 12.51
N TYR B 148 7.91 22.08 13.33
CA TYR B 148 8.33 20.69 13.17
C TYR B 148 7.81 20.10 11.86
N ASP B 149 6.59 20.46 11.47
CA ASP B 149 6.08 20.03 10.18
C ASP B 149 6.88 20.62 9.04
N ARG B 150 7.29 21.89 9.17
CA ARG B 150 8.14 22.50 8.14
C ARG B 150 9.49 21.81 8.07
N LEU B 151 10.10 21.53 9.23
CA LEU B 151 11.37 20.83 9.25
C LEU B 151 11.27 19.48 8.55
N TYR B 152 10.23 18.70 8.88
CA TYR B 152 10.07 17.39 8.28
C TYR B 152 9.83 17.46 6.78
N GLU B 153 9.34 18.59 6.27
CA GLU B 153 9.14 18.73 4.83
C GLU B 153 10.47 18.89 4.12
N GLU B 154 11.27 19.89 4.52
CA GLU B 154 12.58 20.06 3.90
C GLU B 154 13.56 18.96 4.31
N TYR B 155 13.25 18.22 5.38
CA TYR B 155 14.07 17.06 5.73
C TYR B 155 13.91 15.97 4.67
N THR B 156 12.67 15.67 4.30
CA THR B 156 12.43 14.68 3.25
C THR B 156 12.83 15.20 1.88
N ARG B 157 12.69 16.51 1.64
CA ARG B 157 13.17 17.08 0.39
C ARG B 157 14.68 16.94 0.27
N THR B 158 15.41 17.36 1.31
CA THR B 158 16.87 17.21 1.29
C THR B 158 17.27 15.75 1.19
N SER B 159 16.50 14.85 1.81
CA SER B 159 16.86 13.44 1.80
C SER B 159 16.84 12.86 0.40
N GLN B 160 15.85 13.27 -0.42
CA GLN B 160 15.75 12.73 -1.77
C GLN B 160 16.76 13.39 -2.71
N GLU B 161 17.00 14.69 -2.53
CA GLU B 161 18.02 15.33 -3.34
C GLU B 161 19.40 14.77 -3.07
N ILE B 162 19.63 14.25 -1.86
CA ILE B 162 20.92 13.65 -1.54
C ILE B 162 21.12 12.36 -2.32
N GLN B 163 20.14 11.47 -2.28
CA GLN B 163 20.29 10.20 -2.99
C GLN B 163 20.29 10.40 -4.50
N MET B 164 19.64 11.47 -4.99
CA MET B 164 19.79 11.83 -6.39
C MET B 164 21.25 12.15 -6.71
N LYS B 165 21.92 12.86 -5.80
CA LYS B 165 23.33 13.20 -6.01
C LYS B 165 24.23 11.98 -5.79
N ARG B 166 23.90 11.14 -4.81
CA ARG B 166 24.73 9.97 -4.53
C ARG B 166 24.77 9.03 -5.74
N THR B 167 23.63 8.90 -6.44
CA THR B 167 23.62 8.08 -7.65
C THR B 167 24.21 8.80 -8.85
N ALA B 168 24.22 10.12 -8.85
CA ALA B 168 24.84 10.86 -9.95
C ALA B 168 26.37 10.81 -9.86
N ILE B 169 26.93 10.94 -8.65
CA ILE B 169 28.36 10.76 -8.52
C ILE B 169 28.76 9.32 -8.78
N GLU B 170 27.89 8.37 -8.40
CA GLU B 170 28.16 6.97 -8.70
C GLU B 170 28.14 6.72 -10.20
N ALA B 171 27.34 7.48 -10.95
CA ALA B 171 27.41 7.42 -12.41
C ALA B 171 28.70 8.04 -12.92
N PHE B 172 29.09 9.18 -12.35
CA PHE B 172 30.38 9.76 -12.70
C PHE B 172 31.52 8.77 -12.46
N ASN B 173 31.43 7.99 -11.39
CA ASN B 173 32.46 6.99 -11.11
C ASN B 173 32.57 5.98 -12.25
N GLU B 174 31.42 5.57 -12.82
CA GLU B 174 31.46 4.60 -13.91
C GLU B 174 31.96 5.23 -15.21
N THR B 175 31.56 6.47 -15.49
CA THR B 175 32.06 7.14 -16.69
C THR B 175 33.58 7.35 -16.61
N ILE B 176 34.07 7.78 -15.44
CA ILE B 176 35.51 8.00 -15.28
C ILE B 176 36.26 6.67 -15.35
N LYS B 177 35.70 5.62 -14.75
CA LYS B 177 36.28 4.29 -14.90
C LYS B 177 36.41 3.91 -16.37
N ILE B 178 35.46 4.33 -17.20
CA ILE B 178 35.46 3.94 -18.60
C ILE B 178 36.39 4.82 -19.42
N PHE B 179 36.58 6.08 -19.03
CA PHE B 179 37.54 6.93 -19.73
C PHE B 179 38.97 6.61 -19.32
N GLU B 180 39.18 6.14 -18.09
CA GLU B 180 40.52 5.77 -17.67
C GLU B 180 41.00 4.49 -18.35
N GLU B 181 40.11 3.51 -18.51
CA GLU B 181 40.47 2.33 -19.27
C GLU B 181 40.72 2.68 -20.73
N GLN B 182 40.08 3.75 -21.22
CA GLN B 182 40.36 4.22 -22.58
C GLN B 182 41.78 4.78 -22.68
N CYS B 183 42.22 5.51 -21.64
CA CYS B 183 43.60 5.98 -21.62
C CYS B 183 44.57 4.83 -21.56
N GLN B 184 44.28 3.82 -20.73
CA GLN B 184 45.19 2.70 -20.57
C GLN B 184 45.20 1.79 -21.79
N THR B 185 44.18 1.85 -22.63
CA THR B 185 44.21 1.14 -23.91
C THR B 185 44.77 2.00 -25.03
N GLN B 186 44.69 3.33 -24.91
CA GLN B 186 45.35 4.20 -25.86
C GLN B 186 46.86 4.02 -25.81
N GLU B 187 47.42 3.93 -24.59
CA GLU B 187 48.85 3.74 -24.44
C GLU B 187 49.26 2.33 -24.82
N ARG B 188 48.38 1.34 -24.64
CA ARG B 188 48.73 -0.04 -24.95
C ARG B 188 48.87 -0.24 -26.45
N TYR B 189 47.94 0.28 -27.24
CA TYR B 189 47.88 0.01 -28.67
C TYR B 189 48.49 1.12 -29.51
N SER B 190 48.98 2.21 -28.90
CA SER B 190 49.64 3.26 -29.63
C SER B 190 51.14 3.35 -29.34
N LYS B 191 51.61 2.72 -28.26
CA LYS B 191 53.01 2.83 -27.88
C LYS B 191 53.94 2.48 -29.04
N GLU B 192 53.76 1.29 -29.60
CA GLU B 192 54.69 0.79 -30.62
C GLU B 192 54.35 1.25 -32.02
N TYR B 193 53.22 1.92 -32.23
CA TYR B 193 53.03 2.68 -33.46
C TYR B 193 53.73 4.03 -33.37
N ILE B 194 53.73 4.65 -32.19
CA ILE B 194 54.57 5.82 -31.96
C ILE B 194 56.03 5.45 -32.16
N GLU B 195 56.46 4.33 -31.56
CA GLU B 195 57.84 3.92 -31.68
C GLU B 195 58.21 3.59 -33.11
N LYS B 196 57.27 3.06 -33.89
CA LYS B 196 57.54 2.79 -35.30
C LYS B 196 57.58 4.08 -36.10
N PHE B 197 56.60 4.97 -35.88
CA PHE B 197 56.63 6.26 -36.54
C PHE B 197 57.86 7.07 -36.17
N LYS B 198 58.42 6.84 -34.98
CA LYS B 198 59.55 7.64 -34.52
C LYS B 198 60.76 7.45 -35.44
N ARG B 199 61.04 6.19 -35.82
CA ARG B 199 62.23 5.91 -36.62
C ARG B 199 61.98 6.10 -38.11
N GLU B 200 60.72 6.08 -38.56
CA GLU B 200 60.40 6.46 -39.92
C GLU B 200 60.42 7.96 -40.13
N GLY B 201 60.63 8.75 -39.07
CA GLY B 201 60.64 10.18 -39.18
C GLY B 201 59.31 10.80 -39.52
N ASN B 202 58.21 10.17 -39.10
CA ASN B 202 56.87 10.65 -39.43
C ASN B 202 56.27 11.35 -38.21
N GLU B 203 56.79 12.55 -37.94
CA GLU B 203 56.27 13.36 -36.84
C GLU B 203 54.82 13.75 -37.09
N LYS B 204 54.39 13.79 -38.35
CA LYS B 204 53.01 14.14 -38.66
C LYS B 204 52.04 13.16 -38.04
N GLU B 205 52.29 11.86 -38.22
CA GLU B 205 51.40 10.85 -37.66
C GLU B 205 51.50 10.77 -36.15
N ILE B 206 52.67 11.06 -35.59
CA ILE B 206 52.81 11.05 -34.14
C ILE B 206 51.96 12.14 -33.51
N GLN B 207 51.82 13.28 -34.18
CA GLN B 207 51.05 14.39 -33.62
C GLN B 207 49.54 14.22 -33.83
N ARG B 208 49.12 13.41 -34.80
CA ARG B 208 47.71 13.03 -34.87
C ARG B 208 47.32 12.20 -33.65
N ILE B 209 48.17 11.23 -33.29
CA ILE B 209 47.89 10.38 -32.14
C ILE B 209 47.91 11.21 -30.86
N MET B 210 48.93 12.06 -30.70
CA MET B 210 49.02 12.89 -29.51
C MET B 210 47.87 13.89 -29.44
N HIS B 211 47.53 14.51 -30.58
CA HIS B 211 46.42 15.45 -30.59
C HIS B 211 45.13 14.79 -30.11
N ASN B 212 44.92 13.53 -30.49
CA ASN B 212 43.72 12.81 -30.04
C ASN B 212 43.84 12.40 -28.57
N TYR B 213 45.03 11.96 -28.16
CA TYR B 213 45.23 11.61 -26.75
C TYR B 213 45.01 12.82 -25.85
N ASP B 214 45.58 13.97 -26.24
CA ASP B 214 45.35 15.18 -25.47
C ASP B 214 43.87 15.51 -25.35
N LYS B 215 43.12 15.31 -26.44
CA LYS B 215 41.69 15.58 -26.39
C LYS B 215 40.96 14.57 -25.51
N LEU B 216 41.47 13.34 -25.43
CA LEU B 216 40.86 12.35 -24.55
C LEU B 216 40.98 12.77 -23.09
N LYS B 217 42.20 12.91 -22.59
CA LYS B 217 42.37 13.30 -21.20
C LYS B 217 42.07 14.77 -20.96
N SER B 218 41.82 15.56 -22.01
CA SER B 218 41.24 16.88 -21.81
C SER B 218 39.78 16.78 -21.39
N ARG B 219 39.04 15.85 -22.01
CA ARG B 219 37.63 15.67 -21.64
C ARG B 219 37.50 14.95 -20.31
N ILE B 220 38.38 13.98 -20.05
CA ILE B 220 38.32 13.29 -18.76
C ILE B 220 38.56 14.28 -17.63
N SER B 221 39.30 15.36 -17.90
CA SER B 221 39.48 16.40 -16.90
C SER B 221 38.18 17.16 -16.66
N GLU B 222 37.38 17.35 -17.72
CA GLU B 222 36.13 18.07 -17.57
C GLU B 222 35.13 17.30 -16.73
N ILE B 223 35.02 15.98 -16.95
CA ILE B 223 34.07 15.19 -16.17
C ILE B 223 34.60 14.97 -14.75
N ILE B 224 35.93 14.84 -14.60
CA ILE B 224 36.49 14.75 -13.25
C ILE B 224 36.18 16.02 -12.47
N ASP B 225 36.34 17.19 -13.11
CA ASP B 225 35.99 18.44 -12.46
C ASP B 225 34.50 18.51 -12.18
N SER B 226 33.68 18.02 -13.11
CA SER B 226 32.24 18.01 -12.87
C SER B 226 31.85 17.11 -11.71
N ARG B 227 32.63 16.05 -11.46
CA ARG B 227 32.32 15.16 -10.36
C ARG B 227 32.60 15.84 -9.01
N ARG B 228 33.81 16.39 -8.84
CA ARG B 228 34.13 17.05 -7.58
C ARG B 228 33.22 18.23 -7.32
N ARG B 229 32.82 18.95 -8.36
CA ARG B 229 31.88 20.05 -8.20
C ARG B 229 30.53 19.56 -7.71
N LEU B 230 30.18 18.30 -7.98
CA LEU B 230 28.97 17.70 -7.44
C LEU B 230 29.20 17.08 -6.07
N GLU B 231 30.35 16.42 -5.88
CA GLU B 231 30.69 15.93 -4.55
C GLU B 231 30.77 17.06 -3.54
N GLU B 232 31.13 18.27 -3.99
CA GLU B 232 31.14 19.43 -3.11
C GLU B 232 29.72 19.81 -2.70
N ASP B 233 28.81 19.90 -3.67
CA ASP B 233 27.42 20.18 -3.35
C ASP B 233 26.85 19.11 -2.43
N LEU B 234 27.25 17.85 -2.63
CA LEU B 234 26.76 16.77 -1.79
C LEU B 234 27.28 16.90 -0.36
N LYS B 235 28.59 17.10 -0.20
CA LYS B 235 29.17 17.28 1.12
C LYS B 235 28.43 18.35 1.90
N LYS B 236 28.08 19.46 1.24
CA LYS B 236 27.48 20.60 1.93
C LYS B 236 25.99 20.40 2.16
N GLN B 237 25.30 19.68 1.27
CA GLN B 237 23.90 19.37 1.51
C GLN B 237 23.73 18.20 2.48
N ALA B 238 24.70 17.29 2.51
CA ALA B 238 24.65 16.21 3.50
C ALA B 238 24.81 16.74 4.91
N ALA B 239 25.56 17.83 5.08
CA ALA B 239 25.76 18.41 6.41
C ALA B 239 24.52 19.18 6.84
N GLU B 240 23.95 20.01 5.96
CA GLU B 240 22.71 20.69 6.29
C GLU B 240 21.57 19.71 6.49
N TYR B 241 21.71 18.49 6.00
CA TYR B 241 20.71 17.45 6.25
C TYR B 241 20.82 16.94 7.68
N ARG B 242 22.04 16.74 8.17
CA ARG B 242 22.22 16.32 9.55
C ARG B 242 21.83 17.43 10.52
N GLU B 243 21.96 18.69 10.11
CA GLU B 243 21.52 19.80 10.96
C GLU B 243 20.01 19.81 11.11
N ILE B 244 19.28 19.59 10.01
CA ILE B 244 17.82 19.51 10.09
C ILE B 244 17.42 18.36 10.99
N ASP B 245 18.21 17.28 11.02
CA ASP B 245 17.85 16.13 11.83
C ASP B 245 17.97 16.43 13.32
N LYS B 246 19.09 17.01 13.74
CA LYS B 246 19.29 17.30 15.15
C LYS B 246 18.34 18.41 15.62
N ARG B 247 17.94 19.31 14.72
CA ARG B 247 16.98 20.33 15.10
C ARG B 247 15.61 19.72 15.37
N MET B 248 15.17 18.79 14.52
CA MET B 248 13.92 18.08 14.78
C MET B 248 14.00 17.31 16.10
N ASN B 249 15.14 16.64 16.34
CA ASN B 249 15.29 15.89 17.59
C ASN B 249 15.28 16.80 18.80
N SER B 250 15.65 18.06 18.63
CA SER B 250 15.56 19.01 19.73
C SER B 250 14.14 19.54 19.91
N ILE B 251 13.36 19.62 18.83
CA ILE B 251 12.01 20.17 18.92
C ILE B 251 11.01 19.13 19.40
N LYS B 252 11.28 17.84 19.17
CA LYS B 252 10.31 16.81 19.52
C LYS B 252 10.01 16.78 21.01
N PRO B 253 11.00 16.66 21.92
CA PRO B 253 10.65 16.61 23.35
C PRO B 253 9.96 17.87 23.84
N ASP B 254 10.41 19.03 23.38
CA ASP B 254 9.71 20.28 23.71
C ASP B 254 8.27 20.22 23.24
N LEU B 255 8.05 19.78 22.00
CA LEU B 255 6.70 19.72 21.46
C LEU B 255 5.80 18.83 22.30
N ILE B 256 6.33 17.72 22.81
CA ILE B 256 5.53 16.84 23.66
C ILE B 256 5.30 17.49 25.01
N GLN B 257 6.30 18.19 25.55
CA GLN B 257 6.17 18.78 26.87
C GLN B 257 5.01 19.77 26.92
N LEU B 258 5.00 20.75 26.01
CA LEU B 258 3.96 21.77 26.04
C LEU B 258 2.66 21.33 25.38
N ARG B 259 2.63 20.15 24.77
CA ARG B 259 1.35 19.58 24.36
C ARG B 259 0.63 18.96 25.56
N LYS B 260 1.38 18.28 26.44
CA LYS B 260 0.79 17.76 27.66
C LYS B 260 0.35 18.89 28.58
N THR B 261 1.12 19.97 28.63
CA THR B 261 0.73 21.12 29.44
C THR B 261 -0.57 21.73 28.92
N ARG B 262 -0.67 21.90 27.60
CA ARG B 262 -1.93 22.37 27.03
C ARG B 262 -3.07 21.42 27.36
N ASP B 263 -2.80 20.12 27.33
CA ASP B 263 -3.84 19.13 27.59
C ASP B 263 -4.36 19.24 29.02
N GLN B 264 -3.45 19.26 29.99
CA GLN B 264 -3.89 19.27 31.39
C GLN B 264 -4.43 20.62 31.84
N TYR B 265 -4.17 21.69 31.09
CA TYR B 265 -4.81 22.96 31.40
C TYR B 265 -6.29 22.96 31.04
N LEU B 266 -6.80 21.85 30.52
CA LEU B 266 -8.23 21.61 30.45
C LEU B 266 -8.77 21.04 31.76
N MET B 267 -7.89 20.66 32.70
CA MET B 267 -8.33 20.36 34.05
C MET B 267 -9.17 21.51 34.59
N TRP B 268 -8.62 22.73 34.55
CA TRP B 268 -9.33 23.89 35.05
C TRP B 268 -10.46 24.34 34.13
N LEU B 269 -10.58 23.75 32.94
CA LEU B 269 -11.84 23.83 32.22
C LEU B 269 -12.84 22.85 32.79
N THR B 270 -12.38 21.67 33.20
CA THR B 270 -13.26 20.69 33.83
C THR B 270 -13.75 21.16 35.18
N GLN B 271 -13.08 22.14 35.80
CA GLN B 271 -13.61 22.75 37.01
C GLN B 271 -15.00 23.34 36.77
N LYS B 272 -15.23 23.87 35.58
CA LYS B 272 -16.58 24.25 35.16
C LYS B 272 -17.33 23.10 34.53
N GLY B 273 -16.63 22.09 34.00
CA GLY B 273 -17.25 20.92 33.43
C GLY B 273 -17.82 21.17 32.06
N VAL B 274 -18.90 21.96 32.00
CA VAL B 274 -19.47 22.34 30.71
C VAL B 274 -18.49 23.28 30.00
N ARG B 275 -18.15 22.95 28.76
CA ARG B 275 -17.03 23.56 28.06
C ARG B 275 -17.33 24.98 27.56
N GLN B 276 -17.96 25.81 28.38
CA GLN B 276 -18.19 27.20 28.00
C GLN B 276 -16.87 27.94 27.80
N LYS B 277 -15.92 27.75 28.71
CA LYS B 277 -14.73 28.60 28.74
C LYS B 277 -13.74 28.29 27.63
N LYS B 278 -13.91 27.20 26.89
CA LYS B 278 -13.21 27.01 25.62
C LYS B 278 -14.10 27.33 24.42
N LEU B 279 -15.41 27.16 24.57
CA LEU B 279 -16.34 27.58 23.52
C LEU B 279 -16.21 29.08 23.24
N ASN B 280 -15.88 29.87 24.26
CA ASN B 280 -15.65 31.29 24.03
C ASN B 280 -14.48 31.52 23.08
N GLU B 281 -13.45 30.67 23.17
CA GLU B 281 -12.32 30.76 22.26
C GLU B 281 -12.61 30.14 20.90
N TRP B 282 -13.68 29.35 20.79
CA TRP B 282 -14.14 28.87 19.49
C TRP B 282 -14.84 30.01 18.74
C10 UIW C . -10.53 5.56 10.84
C13 UIW C . -11.66 3.61 9.22
C15 UIW C . -9.73 4.85 9.95
C17 UIW C . -11.02 8.58 10.63
C21 UIW C . -9.84 6.98 7.27
C22 UIW C . -11.00 6.42 6.76
C26 UIW C . -8.61 6.13 5.39
C28 UIW C . -8.65 6.81 6.59
C01 UIW C . -13.08 13.98 11.21
C03 UIW C . -11.99 11.92 12.15
C05 UIW C . -11.45 10.49 11.97
C06 UIW C . -10.91 9.81 13.03
C08 UIW C . -10.47 7.95 11.75
C11 UIW C . -11.89 5.30 10.92
C12 UIW C . -12.44 4.32 10.11
C14 UIW C . -10.30 3.88 9.15
C16 UIW C . -8.24 5.13 9.85
C19 UIW C . -9.83 7.72 8.60
C23 UIW C . -10.98 5.73 5.56
C25 UIW C . -9.79 5.59 4.87
C29 UIW C . -11.51 9.87 10.74
F24 UIW C . -12.13 5.20 5.05
N02 UIW C . -12.56 12.63 11.03
N07 UIW C . -10.43 8.57 12.92
N09 UIW C . -9.94 6.60 11.69
N18 UIW C . -11.06 7.89 9.36
O04 UIW C . -11.93 12.43 13.21
O20 UIW C . -8.82 8.17 9.03
BR27 UIW C . -6.92 5.95 4.46
H131 UIW C . -12.09 2.85 8.60
H221 UIW C . -11.93 6.53 7.30
H281 UIW C . -7.73 7.22 6.99
H013 UIW C . -13.50 14.34 10.29
H011 UIW C . -12.25 14.64 11.51
H012 UIW C . -13.83 13.98 11.99
H061 UIW C . -10.85 10.30 14.00
H111 UIW C . -12.51 5.85 11.61
H121 UIW C . -13.51 4.12 10.17
H141 UIW C . -9.68 3.33 8.46
H161 UIW C . -7.93 5.13 8.80
H163 UIW C . -7.68 4.37 10.38
H162 UIW C . -8.02 6.10 10.28
H251 UIW C . -9.76 5.06 3.93
H291 UIW C . -11.94 10.36 9.88
H021 UIW C . -12.62 12.19 10.13
H091 UIW C . -9.14 6.36 12.24
H181 UIW C . -11.93 7.53 9.01
#